data_9SI1
#
_entry.id   9SI1
#
_cell.length_a   1.00
_cell.length_b   1.00
_cell.length_c   1.00
_cell.angle_alpha   90.00
_cell.angle_beta   90.00
_cell.angle_gamma   90.00
#
_symmetry.space_group_name_H-M   'P 1'
#
loop_
_entity.id
_entity.type
_entity.pdbx_description
1 polymer Otoferlin
2 non-polymer 'CALCIUM ION'
#
_entity_poly.entity_id   1
_entity_poly.type   'polypeptide(L)'
_entity_poly.pdbx_seq_one_letter_code
;MASWSHPQFEKGGGSGGGSGGGSWSHPQFEKLEVLFQGPGSGDKDCEQSNAMEDLDHLAIQLGDGLDPDSVSLASVTALT
SNVSNKRSKPDIKMEPSAGRPMDYQVSITVIEARQLVGLNMDPVVCVEVGDDKKYTSMKESTNCPYYNEYFVFDFHVSPD
VMFDKIIKISVIHSKNLLRSGTLVGSFKMDVGTVYSQPEHQFHHKWAILSDPDDISAGLKGYVKCDVAVVGKGDNIKTPH
KANETDEDDIEGNLLLPEGVPPERQWARFYVKIYRAEGLPRMNTSLMANVKKAFIGENKDLVDPYVQVFFAGQKGKTSVQ
KSSYEPLWNEQVVFTDLFPPLCKRMKVQIRDSDKVNDVAIGTHFIDLRKISNDGDKGFLPTLGPAWVNMYGSTRNYTLLD
EHQDLNEGLGEGVSFRARLMLGLAVEILDTSNPELTSSTEVQVEQATPVSESCTGRMEEFFLFGAFLEASMIDRKNGDKP
ITFEVTIGNYGNEVDGMSRPLRPRPRKEPGDEEEVDLIQNSSDDEGDEAGDLASVSSTPPMRPQITDRNYFHLPYLERKP
CIYIKSWWPDQRRRLYNANIMDHIADKLEEGLNDVQEMIKTEKSYPERRLRGVLEELSCGCHRFLSLSDKDQGRSSRTRL
DRERLKSCMRELESMGQQAKSLRAQVKRHTVRDKLRSCQNFLQKLRFLADEPQHSIPDVFIWMMSNNKRIAYARVPSKDL
LFSIVEEELGKDCAKVKTLFLKLPGKRGFGSAGWTVQAKLELYLWLGLSKQRKDFLCGLPCGFEEVKAAQGLGLHSFPPI
SLVYTKKQAFQLRAHMYQARSLFAADSSGLSDPFARVFFINQSQCTEVLNETLCPTWDQMLVFDNLELYGEAHELRDDPP
IIVIEIYDQDSMGKADFMGRTFAKPLVKMADEAYCPPRFPPQLEYYQIYRGSATAGDLLAAFELLQIGPSGKADLPPING
PVDMDRGPIMPVPVGIRPVLSKYRVEVLFWGLRDLKRVNLAQVDRPRVDIECAGKGVQSSLIHNYKKNPNFNTLVKWFEV
DLPENELLHPPLNIRVVDCRAFGRYTLVGSHAVSSLRRFIYRPPDRSAPNWNTTGEVVVSMEPEEPVKKLETMVKLDATS
DAVVKVDVAEDEKERKKKKKKGPSEEPEEEEPDESMLDWWSKYFASIDTMKEQLRQHETSGTDLEEKEEMESAEGLKGPM
KSKEKSRAAKEEKKKKNQSPGPGQGSEAPEKKKAKIDELKVYPKELESEFDSFEDWLHTFNLLRGKTGDDEDGSTEEERI
VGRFKGSLCVYKVPLPEDVSREAGYDPTYGMFQGIPSNDPINVLVRIYVVRATDLHPADINGKADPYIAIKLGKTDIRDK
ENYISKQLNPVFGKSFDIEASFPMESMLTVAVYDWDLVGTDDLIGETKIDLENRFYSKHRATCGIAQTYSIHGYNIWRDP
MKPSQILTRLCKEGKVDGPHFGPHGRVRVANRVFTGPSEIEDENGQRKPTDEHVALSALRHWEDIPRVGCRLVPEHVETR
PLLNPDKPGIEQGRLELWVDMFPMDMPAPGTPLDISPRKPKKYELRVIVWNTDEVVLEDDDFFTGEKSSDIFVRGWLKGQ
QEDKQDTDVHYHSLTGEGNFNWRYLFPFDYLAAEEKIVMSKKESMFSWDETEYKIPARLTLQIWDADHFSADDFLGAIEL
DLNRFPRGAKTAKQCTMEMATGEVDVPLVSIFKQKRVKGWWPLLARNENDEFELTGKVEAELHLLTAEEAEKNPVGLARN
EPDPLEK
;
_entity_poly.pdbx_strand_id   A
#
loop_
_chem_comp.id
_chem_comp.type
_chem_comp.name
_chem_comp.formula
CA non-polymer 'CALCIUM ION' 'Ca 2'
#
# COMPACT_ATOMS: atom_id res chain seq x y z
N SER A 75 -9.22 31.29 -12.40
CA SER A 75 -10.66 31.15 -12.22
C SER A 75 -11.01 30.91 -10.75
N VAL A 76 -11.96 31.68 -10.24
CA VAL A 76 -12.33 31.62 -8.83
C VAL A 76 -13.74 31.07 -8.62
N THR A 77 -14.64 31.18 -9.60
CA THR A 77 -16.05 30.85 -9.43
C THR A 77 -16.26 29.36 -9.19
N ALA A 78 -17.37 29.03 -8.54
CA ALA A 78 -17.49 27.73 -7.89
C ALA A 78 -18.96 27.34 -7.79
N LEU A 79 -19.17 26.07 -7.41
CA LEU A 79 -20.50 25.50 -7.24
C LEU A 79 -20.57 24.81 -5.88
N THR A 80 -21.35 25.37 -4.96
CA THR A 80 -21.43 24.83 -3.61
C THR A 80 -22.34 23.61 -3.53
N SER A 81 -23.30 23.47 -4.44
CA SER A 81 -24.23 22.35 -4.38
C SER A 81 -23.62 21.12 -5.05
N ASN A 82 -24.28 19.98 -4.86
CA ASN A 82 -23.85 18.75 -5.49
C ASN A 82 -24.15 18.76 -6.98
N VAL A 83 -23.18 18.34 -7.78
CA VAL A 83 -23.33 18.31 -9.23
C VAL A 83 -23.80 16.93 -9.71
N SER A 84 -23.09 15.89 -9.33
CA SER A 84 -23.44 14.54 -9.73
C SER A 84 -24.60 14.03 -8.86
N ASN A 85 -25.22 12.94 -9.30
CA ASN A 85 -26.38 12.38 -8.61
C ASN A 85 -25.94 11.24 -7.68
N LYS A 86 -24.78 11.41 -7.03
CA LYS A 86 -24.27 10.43 -6.08
C LYS A 86 -25.13 10.33 -4.81
N ARG A 87 -26.01 11.32 -4.57
CA ARG A 87 -26.92 11.25 -3.43
C ARG A 87 -27.93 10.10 -3.56
N SER A 88 -28.25 9.70 -4.79
CA SER A 88 -29.10 8.53 -5.01
C SER A 88 -28.31 7.23 -5.06
N LYS A 89 -27.03 7.28 -4.70
CA LYS A 89 -26.14 6.11 -4.65
C LYS A 89 -25.45 6.10 -3.30
N PRO A 90 -26.00 5.38 -2.32
CA PRO A 90 -25.32 5.25 -1.03
C PRO A 90 -24.06 4.41 -1.14
N ASP A 91 -23.12 4.67 -0.24
CA ASP A 91 -21.85 3.95 -0.17
C ASP A 91 -21.85 2.96 0.99
N ILE A 92 -22.99 2.29 1.20
CA ILE A 92 -23.12 1.34 2.30
C ILE A 92 -22.34 0.08 1.99
N LYS A 93 -21.42 -0.31 2.88
CA LYS A 93 -20.69 -1.55 2.72
C LYS A 93 -20.49 -2.17 4.10
N MET A 94 -20.71 -3.49 4.18
CA MET A 94 -20.48 -4.21 5.42
C MET A 94 -19.02 -4.57 5.64
N GLU A 95 -18.19 -4.47 4.61
CA GLU A 95 -16.77 -4.83 4.68
C GLU A 95 -15.91 -3.68 4.15
N PRO A 96 -15.63 -2.65 4.97
CA PRO A 96 -14.62 -1.67 4.58
C PRO A 96 -13.22 -2.27 4.63
N SER A 97 -12.46 -2.14 3.54
CA SER A 97 -11.20 -2.87 3.41
C SER A 97 -10.10 -2.28 4.30
N ALA A 98 -10.31 -1.07 4.84
CA ALA A 98 -9.35 -0.50 5.77
C ALA A 98 -9.35 -1.20 7.12
N GLY A 99 -10.41 -1.93 7.46
CA GLY A 99 -10.47 -2.69 8.69
C GLY A 99 -10.37 -4.19 8.54
N ARG A 100 -9.91 -4.70 7.40
CA ARG A 100 -9.85 -6.12 7.12
C ARG A 100 -8.40 -6.53 6.93
N PRO A 101 -8.07 -7.80 7.16
CA PRO A 101 -6.68 -8.26 6.97
C PRO A 101 -6.21 -8.11 5.52
N MET A 102 -4.94 -7.74 5.38
CA MET A 102 -4.35 -7.34 4.12
C MET A 102 -2.87 -7.73 4.15
N ASP A 103 -2.35 -8.12 2.99
CA ASP A 103 -0.95 -8.51 2.88
C ASP A 103 -0.04 -7.29 3.03
N TYR A 104 0.83 -7.33 4.03
CA TYR A 104 1.80 -6.28 4.32
C TYR A 104 3.20 -6.89 4.36
N GLN A 105 4.17 -6.14 3.85
CA GLN A 105 5.54 -6.59 3.76
C GLN A 105 6.46 -5.54 4.37
N VAL A 106 7.47 -5.99 5.11
CA VAL A 106 8.48 -5.12 5.70
C VAL A 106 9.82 -5.45 5.07
N SER A 107 10.36 -4.50 4.31
CA SER A 107 11.67 -4.65 3.71
C SER A 107 12.67 -3.81 4.50
N ILE A 108 13.62 -4.47 5.15
CA ILE A 108 14.58 -3.80 6.02
C ILE A 108 15.97 -4.03 5.43
N THR A 109 16.86 -3.07 5.65
CA THR A 109 18.27 -3.21 5.34
C THR A 109 19.09 -2.61 6.48
N VAL A 110 20.25 -3.20 6.73
CA VAL A 110 21.25 -2.62 7.61
C VAL A 110 22.50 -2.39 6.77
N ILE A 111 22.70 -1.14 6.34
CA ILE A 111 23.80 -0.81 5.44
C ILE A 111 25.12 -0.86 6.18
N GLU A 112 25.26 -0.06 7.24
CA GLU A 112 26.50 -0.02 8.00
C GLU A 112 26.19 0.54 9.39
N ALA A 113 27.27 0.88 10.10
CA ALA A 113 27.19 1.58 11.37
C ALA A 113 28.47 2.37 11.56
N ARG A 114 28.39 3.47 12.33
CA ARG A 114 29.54 4.32 12.56
C ARG A 114 29.43 4.97 13.93
N GLN A 115 30.61 5.25 14.52
CA GLN A 115 30.77 6.07 15.74
C GLN A 115 30.01 5.50 16.93
N LEU A 116 30.08 4.19 17.11
CA LEU A 116 29.41 3.58 18.25
C LEU A 116 30.32 3.54 19.47
N VAL A 117 29.71 3.36 20.64
CA VAL A 117 30.41 3.41 21.92
C VAL A 117 30.57 1.99 22.44
N GLY A 118 31.80 1.60 22.68
CA GLY A 118 32.12 0.27 23.16
C GLY A 118 33.59 -0.03 23.00
N LEU A 119 34.07 -0.96 23.81
CA LEU A 119 35.48 -1.31 23.85
C LEU A 119 35.68 -2.70 23.27
N ASN A 120 36.19 -2.75 22.03
CA ASN A 120 36.50 -3.99 21.30
C ASN A 120 35.29 -4.91 21.17
N MET A 121 34.29 -4.42 20.46
CA MET A 121 33.02 -5.13 20.36
C MET A 121 32.90 -5.88 19.04
N ASP A 122 31.85 -6.67 18.92
CA ASP A 122 31.53 -7.42 17.71
C ASP A 122 30.12 -7.04 17.27
N PRO A 123 29.95 -5.93 16.56
CA PRO A 123 28.63 -5.31 16.39
C PRO A 123 27.72 -6.09 15.44
N VAL A 124 26.72 -6.75 16.01
CA VAL A 124 25.56 -7.27 15.31
C VAL A 124 24.45 -6.23 15.39
N VAL A 125 23.73 -6.01 14.31
CA VAL A 125 22.53 -5.18 14.34
C VAL A 125 21.31 -6.07 14.25
N CYS A 126 20.46 -6.02 15.27
CA CYS A 126 19.25 -6.82 15.31
C CYS A 126 18.04 -5.95 15.02
N VAL A 127 17.19 -6.40 14.11
CA VAL A 127 15.97 -5.68 13.74
C VAL A 127 14.79 -6.59 14.06
N GLU A 128 13.98 -6.18 15.03
CA GLU A 128 12.71 -6.83 15.30
C GLU A 128 11.61 -6.04 14.62
N VAL A 129 10.60 -6.75 14.11
CA VAL A 129 9.33 -6.14 13.71
C VAL A 129 8.20 -6.87 14.41
N GLY A 130 7.71 -6.28 15.51
CA GLY A 130 6.53 -6.74 16.20
C GLY A 130 6.76 -7.90 17.14
N ASP A 131 6.88 -9.10 16.59
CA ASP A 131 7.03 -10.30 17.40
C ASP A 131 8.19 -11.19 16.99
N ASP A 132 8.85 -10.93 15.88
CA ASP A 132 9.95 -11.76 15.43
C ASP A 132 11.14 -10.86 15.08
N LYS A 133 12.33 -11.45 15.14
CA LYS A 133 13.57 -10.71 14.96
C LYS A 133 14.46 -11.44 13.96
N LYS A 134 15.27 -10.67 13.25
CA LYS A 134 16.25 -11.22 12.32
C LYS A 134 17.61 -10.58 12.60
N TYR A 135 18.62 -11.41 12.81
CA TYR A 135 19.96 -10.95 13.12
C TYR A 135 20.80 -10.79 11.87
N THR A 136 21.65 -9.78 11.89
CA THR A 136 22.68 -9.57 10.88
C THR A 136 23.93 -10.37 11.26
N SER A 137 24.77 -10.68 10.27
CA SER A 137 26.01 -11.39 10.53
C SER A 137 26.98 -10.52 11.34
N MET A 138 27.90 -11.17 12.04
CA MET A 138 28.71 -10.52 13.05
C MET A 138 30.01 -9.99 12.45
N LYS A 139 30.14 -8.67 12.38
CA LYS A 139 31.43 -8.07 12.11
C LYS A 139 32.28 -8.12 13.38
N GLU A 140 33.60 -8.14 13.20
CA GLU A 140 34.51 -8.41 14.31
C GLU A 140 35.47 -7.25 14.52
N SER A 141 35.58 -6.82 15.78
CA SER A 141 36.60 -5.88 16.27
C SER A 141 36.55 -4.55 15.53
N THR A 142 35.35 -4.01 15.36
CA THR A 142 35.16 -2.80 14.58
C THR A 142 34.23 -1.85 15.29
N ASN A 143 34.55 -0.56 15.20
CA ASN A 143 33.68 0.50 15.70
C ASN A 143 33.02 1.31 14.58
N CYS A 144 33.31 1.00 13.32
CA CYS A 144 32.57 1.56 12.19
C CYS A 144 32.28 0.47 11.15
N PRO A 145 31.45 -0.52 11.48
CA PRO A 145 31.33 -1.70 10.61
C PRO A 145 30.48 -1.45 9.38
N TYR A 146 30.34 -2.49 8.56
CA TYR A 146 29.58 -2.46 7.33
C TYR A 146 28.96 -3.83 7.10
N TYR A 147 27.65 -3.86 6.83
CA TYR A 147 26.91 -5.12 6.69
C TYR A 147 26.31 -5.34 5.31
N ASN A 148 25.39 -4.47 4.88
CA ASN A 148 24.70 -4.49 3.58
C ASN A 148 24.02 -5.82 3.26
N GLU A 149 22.94 -6.12 3.97
CA GLU A 149 22.07 -7.25 3.66
C GLU A 149 20.60 -6.84 3.77
N TYR A 150 19.73 -7.75 3.35
CA TYR A 150 18.30 -7.50 3.15
C TYR A 150 17.52 -8.53 3.95
N PHE A 151 16.55 -8.07 4.75
CA PHE A 151 15.63 -8.94 5.46
C PHE A 151 14.19 -8.60 5.06
N VAL A 152 13.32 -9.60 5.01
CA VAL A 152 11.95 -9.42 4.59
C VAL A 152 11.02 -10.10 5.61
N PHE A 153 10.04 -9.34 6.09
CA PHE A 153 9.08 -9.79 7.08
C PHE A 153 7.69 -9.81 6.44
N ASP A 154 6.92 -10.86 6.70
CA ASP A 154 5.61 -11.03 6.10
C ASP A 154 4.54 -11.08 7.17
N PHE A 155 3.49 -10.29 6.97
CA PHE A 155 2.33 -10.26 7.86
C PHE A 155 1.06 -10.19 7.02
N HIS A 156 0.02 -10.88 7.45
CA HIS A 156 -1.31 -10.74 6.86
C HIS A 156 -2.25 -10.36 7.99
N VAL A 157 -2.28 -9.06 8.32
CA VAL A 157 -3.09 -8.53 9.40
C VAL A 157 -3.78 -7.26 8.91
N SER A 158 -4.72 -6.78 9.71
CA SER A 158 -5.39 -5.51 9.44
C SER A 158 -4.40 -4.36 9.67
N PRO A 159 -4.69 -3.17 9.10
CA PRO A 159 -3.77 -2.03 9.28
C PRO A 159 -3.54 -1.59 10.73
N ASP A 160 -4.51 -1.78 11.62
CA ASP A 160 -4.31 -1.36 13.00
C ASP A 160 -3.38 -2.32 13.74
N VAL A 161 -3.45 -3.61 13.43
CA VAL A 161 -2.49 -4.56 13.99
C VAL A 161 -1.10 -4.32 13.40
N MET A 162 -1.05 -3.98 12.11
CA MET A 162 0.21 -3.74 11.42
C MET A 162 0.93 -2.51 11.98
N PHE A 163 0.18 -1.43 12.22
CA PHE A 163 0.79 -0.16 12.57
C PHE A 163 1.26 -0.12 14.02
N ASP A 164 0.77 -1.04 14.86
CA ASP A 164 1.15 -1.07 16.26
C ASP A 164 2.39 -1.92 16.52
N LYS A 165 2.93 -2.58 15.51
CA LYS A 165 4.15 -3.35 15.69
C LYS A 165 5.33 -2.40 15.85
N ILE A 166 6.38 -2.86 16.52
CA ILE A 166 7.50 -2.00 16.87
C ILE A 166 8.71 -2.42 16.04
N ILE A 167 9.49 -1.43 15.60
CA ILE A 167 10.75 -1.73 14.93
C ILE A 167 11.90 -1.28 15.83
N LYS A 168 12.77 -2.21 16.19
CA LYS A 168 13.81 -1.95 17.18
C LYS A 168 15.16 -2.26 16.54
N ILE A 169 15.78 -1.24 15.95
CA ILE A 169 17.12 -1.37 15.38
C ILE A 169 18.11 -1.21 16.52
N SER A 170 18.62 -2.33 17.03
CA SER A 170 19.41 -2.32 18.25
C SER A 170 20.73 -3.05 18.04
N VAL A 171 21.84 -2.38 18.33
CA VAL A 171 23.15 -3.01 18.22
C VAL A 171 23.39 -3.86 19.46
N ILE A 172 23.59 -5.15 19.23
CA ILE A 172 23.98 -6.11 20.26
C ILE A 172 25.34 -6.67 19.88
N HIS A 173 26.02 -7.28 20.83
CA HIS A 173 27.33 -7.87 20.53
C HIS A 173 27.54 -9.14 21.35
N SER A 174 28.48 -9.96 20.86
CA SER A 174 28.87 -11.24 21.46
C SER A 174 27.70 -12.21 21.60
N LYS A 175 26.81 -12.22 20.62
CA LYS A 175 25.72 -13.19 20.61
C LYS A 175 26.26 -14.56 20.26
N ASN A 176 25.78 -15.58 20.97
CA ASN A 176 26.28 -16.94 20.77
C ASN A 176 25.09 -17.89 20.70
N LEU A 177 25.37 -19.19 20.77
CA LEU A 177 24.40 -20.21 20.43
C LEU A 177 23.42 -20.55 21.55
N LEU A 178 23.55 -19.94 22.74
CA LEU A 178 22.49 -20.04 23.73
C LEU A 178 22.15 -18.74 24.44
N ARG A 179 22.82 -17.62 24.13
CA ARG A 179 22.64 -16.39 24.89
C ARG A 179 22.40 -15.22 23.97
N SER A 180 21.51 -14.32 24.39
CA SER A 180 21.33 -13.06 23.70
C SER A 180 22.51 -12.13 23.97
N GLY A 181 22.71 -11.18 23.08
CA GLY A 181 23.86 -10.32 23.16
C GLY A 181 23.68 -9.14 24.10
N THR A 182 24.81 -8.54 24.43
CA THR A 182 24.82 -7.36 25.29
C THR A 182 24.39 -6.14 24.50
N LEU A 183 23.39 -5.42 25.00
CA LEU A 183 22.84 -4.27 24.28
C LEU A 183 23.78 -3.08 24.39
N VAL A 184 24.09 -2.47 23.25
CA VAL A 184 24.81 -1.22 23.20
C VAL A 184 23.84 -0.05 23.20
N GLY A 185 22.86 -0.08 22.30
CA GLY A 185 21.85 0.95 22.21
C GLY A 185 20.73 0.55 21.28
N SER A 186 19.56 1.17 21.41
CA SER A 186 18.39 0.79 20.63
C SER A 186 17.70 2.02 20.07
N PHE A 187 17.11 1.87 18.89
CA PHE A 187 16.24 2.88 18.29
C PHE A 187 14.86 2.27 18.10
N LYS A 188 13.83 2.95 18.58
CA LYS A 188 12.47 2.44 18.51
C LYS A 188 11.60 3.35 17.66
N MET A 189 10.78 2.75 16.82
CA MET A 189 9.98 3.42 15.81
C MET A 189 8.89 2.45 15.36
N ASP A 190 7.63 2.82 15.53
CA ASP A 190 6.60 1.86 15.17
C ASP A 190 6.37 1.86 13.66
N VAL A 191 5.61 0.86 13.20
CA VAL A 191 5.32 0.73 11.78
C VAL A 191 4.40 1.85 11.29
N GLY A 192 3.62 2.44 12.21
CA GLY A 192 2.76 3.55 11.85
C GLY A 192 3.49 4.79 11.38
N THR A 193 4.69 5.02 11.91
CA THR A 193 5.48 6.17 11.46
C THR A 193 6.28 5.83 10.21
N VAL A 194 6.69 4.55 10.06
CA VAL A 194 7.44 4.17 8.86
C VAL A 194 6.49 3.86 7.71
N TYR A 195 5.19 3.99 7.92
CA TYR A 195 4.27 4.05 6.80
C TYR A 195 4.00 5.48 6.33
N SER A 196 4.12 6.47 7.22
CA SER A 196 3.52 7.78 7.01
C SER A 196 4.43 8.80 6.32
N GLN A 197 5.50 8.37 5.66
CA GLN A 197 6.32 9.27 4.87
C GLN A 197 5.64 9.48 3.51
N PRO A 198 6.05 10.51 2.74
CA PRO A 198 5.57 10.61 1.35
C PRO A 198 5.92 9.43 0.45
N GLU A 199 6.94 8.62 0.76
CA GLU A 199 7.28 7.47 -0.05
C GLU A 199 7.36 6.19 0.80
N HIS A 200 6.72 6.22 1.97
CA HIS A 200 6.56 5.09 2.89
C HIS A 200 7.88 4.49 3.37
N GLN A 201 8.95 5.27 3.36
CA GLN A 201 10.25 4.74 3.77
C GLN A 201 11.18 5.89 4.17
N PHE A 202 12.20 5.55 4.95
CA PHE A 202 13.41 6.35 5.07
C PHE A 202 14.49 5.75 4.20
N HIS A 203 15.32 6.62 3.62
CA HIS A 203 16.43 6.19 2.77
C HIS A 203 17.74 6.75 3.31
N HIS A 204 18.68 5.85 3.59
CA HIS A 204 20.05 6.14 4.03
C HIS A 204 20.09 6.95 5.33
N LYS A 205 19.43 6.46 6.37
CA LYS A 205 19.26 7.21 7.60
C LYS A 205 19.88 6.46 8.79
N TRP A 206 20.32 7.23 9.79
CA TRP A 206 21.16 6.72 10.87
C TRP A 206 20.36 6.63 12.17
N ALA A 207 20.33 5.44 12.76
CA ALA A 207 19.48 5.14 13.91
C ALA A 207 20.15 5.61 15.19
N ILE A 208 19.55 6.60 15.85
CA ILE A 208 20.08 7.16 17.09
C ILE A 208 19.83 6.14 18.20
N LEU A 209 20.91 5.60 18.76
CA LEU A 209 20.80 4.55 19.75
C LEU A 209 20.93 5.12 21.16
N SER A 210 20.33 4.43 22.12
CA SER A 210 20.39 4.83 23.53
C SER A 210 20.19 3.59 24.40
N ASP A 211 20.83 3.61 25.58
CA ASP A 211 20.76 2.49 26.52
C ASP A 211 19.48 2.57 27.32
N PRO A 212 18.63 1.54 27.29
CA PRO A 212 17.41 1.59 28.11
C PRO A 212 17.66 1.40 29.59
N ASP A 213 18.78 0.79 29.98
CA ASP A 213 19.00 0.50 31.40
C ASP A 213 19.55 1.69 32.18
N ASP A 214 19.85 2.82 31.52
CA ASP A 214 20.40 3.98 32.20
C ASP A 214 19.91 5.24 31.49
N ILE A 215 19.29 6.14 32.25
CA ILE A 215 18.92 7.44 31.72
C ILE A 215 20.13 8.32 31.47
N SER A 216 21.15 8.23 32.33
CA SER A 216 22.30 9.12 32.27
C SER A 216 23.34 8.71 31.24
N ALA A 217 23.15 7.57 30.58
CA ALA A 217 24.07 7.16 29.53
C ALA A 217 23.89 8.03 28.29
N GLY A 218 25.00 8.25 27.59
CA GLY A 218 25.00 9.10 26.41
C GLY A 218 24.54 8.36 25.15
N LEU A 219 24.75 9.01 24.02
CA LEU A 219 24.44 8.45 22.72
C LEU A 219 25.37 7.28 22.42
N LYS A 220 24.81 6.16 21.94
CA LYS A 220 25.58 4.92 21.85
C LYS A 220 25.85 4.47 20.42
N GLY A 221 25.65 5.32 19.43
CA GLY A 221 26.03 5.00 18.06
C GLY A 221 24.91 5.26 17.08
N TYR A 222 25.24 5.05 15.80
CA TYR A 222 24.31 5.29 14.70
C TYR A 222 24.42 4.16 13.69
N VAL A 223 23.27 3.76 13.12
CA VAL A 223 23.18 2.61 12.21
C VAL A 223 22.50 3.06 10.93
N LYS A 224 23.23 3.01 9.82
CA LYS A 224 22.65 3.32 8.51
C LYS A 224 21.69 2.22 8.09
N CYS A 225 20.51 2.62 7.61
CA CYS A 225 19.44 1.68 7.29
C CYS A 225 18.53 2.30 6.23
N ASP A 226 17.80 1.45 5.51
CA ASP A 226 16.62 1.87 4.77
C ASP A 226 15.42 1.12 5.32
N VAL A 227 14.73 1.73 6.28
CA VAL A 227 13.47 1.20 6.79
C VAL A 227 12.43 1.45 5.70
N ALA A 228 11.56 0.46 5.47
CA ALA A 228 10.57 0.51 4.40
C ALA A 228 9.46 -0.49 4.67
N VAL A 229 8.22 -0.04 4.49
CA VAL A 229 7.04 -0.86 4.72
C VAL A 229 6.06 -0.59 3.58
N VAL A 230 5.57 -1.67 2.95
CA VAL A 230 4.66 -1.57 1.82
C VAL A 230 3.46 -2.48 2.07
N GLY A 231 2.38 -2.22 1.35
CA GLY A 231 1.21 -3.06 1.41
C GLY A 231 0.70 -3.38 0.01
N LYS A 232 -0.18 -4.37 -0.05
CA LYS A 232 -0.78 -4.75 -1.33
C LYS A 232 -1.71 -3.66 -1.83
N GLY A 233 -1.43 -3.15 -3.02
CA GLY A 233 -2.12 -1.97 -3.52
C GLY A 233 -1.17 -1.11 -4.33
N ASP A 234 -1.01 0.15 -3.93
CA ASP A 234 -0.04 1.03 -4.58
C ASP A 234 1.39 0.58 -4.28
N ASN A 235 2.04 -0.04 -5.26
CA ASN A 235 3.43 -0.45 -5.11
C ASN A 235 4.32 0.76 -5.38
N ILE A 236 4.54 1.54 -4.32
CA ILE A 236 5.30 2.77 -4.44
C ILE A 236 6.79 2.45 -4.46
N LYS A 237 7.53 3.17 -5.31
CA LYS A 237 8.88 2.79 -5.72
C LYS A 237 9.88 2.86 -4.56
N THR A 238 11.03 2.25 -4.79
CA THR A 238 12.24 2.44 -4.00
C THR A 238 13.33 3.00 -4.88
N PRO A 239 14.21 3.85 -4.36
CA PRO A 239 15.33 4.34 -5.19
C PRO A 239 16.30 3.21 -5.53
N HIS A 240 16.74 3.19 -6.78
CA HIS A 240 17.59 2.12 -7.27
C HIS A 240 19.00 2.27 -6.72
N LYS A 241 19.64 1.13 -6.46
CA LYS A 241 20.89 1.09 -5.70
C LYS A 241 22.09 1.35 -6.62
N ALA A 242 22.41 2.63 -6.76
CA ALA A 242 23.56 3.08 -7.54
C ALA A 242 24.82 3.02 -6.68
N ASN A 243 25.87 3.69 -7.17
CA ASN A 243 27.11 3.80 -6.42
C ASN A 243 26.91 4.58 -5.12
N GLU A 244 27.59 4.13 -4.07
CA GLU A 244 27.38 4.64 -2.72
C GLU A 244 28.65 5.18 -2.09
N THR A 245 29.54 5.79 -2.89
CA THR A 245 30.83 6.25 -2.39
C THR A 245 30.77 7.69 -1.90
N ASP A 246 29.59 8.14 -1.47
CA ASP A 246 29.44 9.49 -0.96
C ASP A 246 30.12 9.64 0.40
N GLU A 247 30.68 10.83 0.64
CA GLU A 247 31.25 11.16 1.93
C GLU A 247 30.14 11.64 2.86
N ASP A 248 29.33 10.70 3.35
CA ASP A 248 28.10 11.03 4.05
C ASP A 248 28.37 11.46 5.49
N ASP A 249 27.64 12.47 5.93
CA ASP A 249 27.66 12.92 7.32
C ASP A 249 26.48 12.31 8.07
N ILE A 250 26.74 11.89 9.31
CA ILE A 250 25.71 11.21 10.09
C ILE A 250 24.63 12.19 10.52
N GLU A 251 25.05 13.36 11.02
CA GLU A 251 24.14 14.33 11.62
C GLU A 251 23.20 14.97 10.61
N GLY A 252 23.58 15.01 9.34
CA GLY A 252 22.69 15.51 8.31
C GLY A 252 21.70 14.49 7.77
N ASN A 253 21.85 13.23 8.16
CA ASN A 253 20.99 12.16 7.67
C ASN A 253 20.54 11.24 8.80
N LEU A 254 20.05 11.80 9.90
CA LEU A 254 19.57 10.97 11.00
C LEU A 254 18.19 10.40 10.67
N LEU A 255 17.82 9.34 11.40
CA LEU A 255 16.59 8.59 11.12
C LEU A 255 15.47 9.19 11.94
N LEU A 256 14.87 10.25 11.38
CA LEU A 256 13.89 11.08 12.06
C LEU A 256 12.90 11.64 11.04
N PRO A 257 11.62 11.70 11.39
CA PRO A 257 10.64 12.37 10.53
C PRO A 257 10.75 13.89 10.54
N GLU A 258 9.77 14.56 9.94
CA GLU A 258 9.80 16.02 9.87
C GLU A 258 9.50 16.65 11.23
N GLY A 259 10.36 17.59 11.63
CA GLY A 259 10.09 18.44 12.76
C GLY A 259 10.65 18.01 14.11
N VAL A 260 11.03 16.74 14.23
CA VAL A 260 11.51 16.24 15.53
C VAL A 260 12.97 16.65 15.73
N PRO A 261 13.31 17.26 16.86
CA PRO A 261 14.72 17.57 17.14
C PRO A 261 15.51 16.31 17.43
N PRO A 262 16.80 16.28 17.06
CA PRO A 262 17.59 15.07 17.29
C PRO A 262 18.02 14.86 18.73
N GLU A 263 17.90 15.89 19.58
CA GLU A 263 18.31 15.78 20.97
C GLU A 263 17.16 15.28 21.85
N ARG A 264 16.70 14.06 21.57
CA ARG A 264 15.54 13.51 22.26
C ARG A 264 15.90 13.13 23.69
N GLN A 265 15.07 13.58 24.63
CA GLN A 265 15.37 13.53 26.05
C GLN A 265 14.46 12.52 26.74
N TRP A 266 14.97 11.89 27.79
CA TRP A 266 14.19 10.94 28.57
C TRP A 266 13.04 11.64 29.28
N ALA A 267 11.89 10.97 29.31
CA ALA A 267 10.70 11.52 29.93
C ALA A 267 9.87 10.38 30.52
N ARG A 268 9.23 10.64 31.65
CA ARG A 268 8.41 9.65 32.32
C ARG A 268 6.95 9.83 31.93
N PHE A 269 6.32 8.76 31.46
CA PHE A 269 4.93 8.78 31.01
C PHE A 269 4.04 8.29 32.13
N TYR A 270 3.39 9.23 32.83
CA TYR A 270 2.46 8.92 33.90
C TYR A 270 1.08 8.69 33.29
N VAL A 271 0.59 7.45 33.33
CA VAL A 271 -0.75 7.13 32.87
C VAL A 271 -1.60 6.79 34.08
N LYS A 272 -2.51 7.68 34.44
CA LYS A 272 -3.28 7.58 35.68
C LYS A 272 -4.65 6.97 35.40
N ILE A 273 -4.92 5.83 36.02
CA ILE A 273 -6.16 5.07 35.83
C ILE A 273 -6.93 5.09 37.14
N TYR A 274 -8.10 5.74 37.14
CA TYR A 274 -8.78 6.03 38.39
C TYR A 274 -9.88 5.02 38.75
N ARG A 275 -10.90 4.86 37.92
CA ARG A 275 -12.01 3.98 38.25
C ARG A 275 -12.75 3.59 36.98
N ALA A 276 -13.55 2.52 37.08
CA ALA A 276 -14.36 2.07 35.95
C ALA A 276 -15.78 1.79 36.43
N GLU A 277 -16.72 1.76 35.48
CA GLU A 277 -18.11 1.46 35.76
C GLU A 277 -18.72 0.68 34.60
N GLY A 278 -19.77 -0.09 34.91
CA GLY A 278 -20.59 -0.72 33.88
C GLY A 278 -20.04 -2.00 33.29
N LEU A 279 -19.41 -2.86 34.09
CA LEU A 279 -18.78 -4.06 33.56
C LEU A 279 -19.81 -5.17 33.31
N PRO A 280 -19.52 -6.09 32.39
CA PRO A 280 -20.36 -7.28 32.22
C PRO A 280 -19.89 -8.44 33.07
N ARG A 281 -20.72 -9.49 33.08
CA ARG A 281 -20.30 -10.76 33.67
C ARG A 281 -19.26 -11.42 32.77
N MET A 282 -18.19 -11.92 33.39
CA MET A 282 -17.12 -12.51 32.58
C MET A 282 -16.60 -13.83 33.12
N ASN A 283 -16.66 -14.09 34.42
CA ASN A 283 -16.18 -15.35 34.96
C ASN A 283 -17.18 -16.48 34.75
N THR A 284 -18.41 -16.30 35.20
CA THR A 284 -19.45 -17.32 35.04
C THR A 284 -20.71 -16.73 34.40
N ASP A 300 -21.41 -14.16 36.62
CA ASP A 300 -21.85 -13.76 37.94
C ASP A 300 -20.72 -13.12 38.74
N LEU A 301 -19.59 -12.89 38.08
CA LEU A 301 -18.41 -12.36 38.74
C LEU A 301 -17.48 -11.74 37.72
N VAL A 302 -16.77 -10.69 38.12
CA VAL A 302 -15.69 -10.12 37.33
C VAL A 302 -14.63 -9.60 38.28
N ASP A 303 -13.36 -9.70 37.88
CA ASP A 303 -12.22 -9.26 38.67
C ASP A 303 -11.30 -8.42 37.79
N PRO A 304 -11.65 -7.16 37.52
CA PRO A 304 -10.93 -6.39 36.50
C PRO A 304 -9.58 -5.86 36.98
N TYR A 305 -8.78 -5.48 35.99
CA TYR A 305 -7.58 -4.67 36.15
C TYR A 305 -7.38 -3.94 34.84
N VAL A 306 -6.36 -3.07 34.78
CA VAL A 306 -6.08 -2.27 33.60
C VAL A 306 -4.62 -2.46 33.22
N GLN A 307 -4.39 -2.89 31.97
CA GLN A 307 -3.05 -3.10 31.44
C GLN A 307 -2.78 -2.11 30.33
N VAL A 308 -1.66 -1.40 30.42
CA VAL A 308 -1.33 -0.30 29.51
C VAL A 308 -0.04 -0.66 28.77
N PHE A 309 -0.02 -0.45 27.45
CA PHE A 309 1.09 -0.81 26.58
C PHE A 309 1.71 0.43 25.94
N PHE A 310 3.03 0.51 25.99
CA PHE A 310 3.80 1.54 25.31
C PHE A 310 5.11 0.93 24.82
N ALA A 311 5.28 0.89 23.50
CA ALA A 311 6.56 0.60 22.82
C ALA A 311 7.14 -0.75 23.20
N GLY A 312 6.28 -1.76 23.37
CA GLY A 312 6.71 -3.08 23.77
C GLY A 312 6.82 -3.28 25.27
N GLN A 313 6.90 -2.20 26.04
CA GLN A 313 6.81 -2.25 27.49
C GLN A 313 5.34 -2.30 27.90
N LYS A 314 5.09 -2.83 29.08
CA LYS A 314 3.73 -2.95 29.59
C LYS A 314 3.75 -2.83 31.11
N GLY A 315 2.59 -2.45 31.66
CA GLY A 315 2.43 -2.32 33.08
C GLY A 315 0.97 -2.34 33.48
N LYS A 316 0.62 -3.15 34.48
CA LYS A 316 -0.76 -3.35 34.86
C LYS A 316 -0.96 -3.00 36.32
N THR A 317 -2.16 -2.52 36.65
CA THR A 317 -2.47 -2.07 38.00
C THR A 317 -2.90 -3.26 38.87
N SER A 318 -3.40 -2.94 40.06
CA SER A 318 -3.81 -3.96 41.01
C SER A 318 -5.12 -4.60 40.58
N VAL A 319 -5.36 -5.81 41.08
CA VAL A 319 -6.59 -6.53 40.76
C VAL A 319 -7.69 -6.11 41.72
N GLN A 320 -8.78 -5.57 41.18
CA GLN A 320 -9.96 -5.22 41.97
C GLN A 320 -10.87 -6.44 42.01
N LYS A 321 -10.83 -7.18 43.11
CA LYS A 321 -11.58 -8.43 43.19
C LYS A 321 -13.06 -8.14 43.43
N SER A 322 -13.90 -8.79 42.61
CA SER A 322 -15.36 -8.79 42.71
C SER A 322 -15.97 -7.40 42.67
N SER A 323 -15.80 -6.69 41.56
CA SER A 323 -16.36 -5.35 41.45
C SER A 323 -16.68 -5.06 39.98
N TYR A 324 -17.96 -4.88 39.69
CA TYR A 324 -18.41 -4.40 38.39
C TYR A 324 -18.22 -2.90 38.24
N GLU A 325 -17.95 -2.19 39.33
CA GLU A 325 -17.59 -0.77 39.29
C GLU A 325 -16.32 -0.57 40.11
N PRO A 326 -15.16 -0.93 39.56
CA PRO A 326 -13.94 -0.95 40.36
C PRO A 326 -13.32 0.43 40.55
N LEU A 327 -12.28 0.46 41.38
CA LEU A 327 -11.58 1.69 41.74
C LEU A 327 -10.13 1.36 42.08
N TRP A 328 -9.20 1.98 41.37
CA TRP A 328 -7.77 1.75 41.61
C TRP A 328 -7.09 3.02 42.10
N ASN A 329 -7.25 4.13 41.36
CA ASN A 329 -6.52 5.39 41.53
C ASN A 329 -5.01 5.15 41.51
N GLU A 330 -4.55 4.44 40.49
CA GLU A 330 -3.15 4.04 40.37
C GLU A 330 -2.58 4.48 39.02
N GLN A 331 -1.33 4.91 39.05
CA GLN A 331 -0.61 5.35 37.86
C GLN A 331 0.44 4.32 37.49
N VAL A 332 0.62 4.11 36.19
CA VAL A 332 1.72 3.29 35.69
C VAL A 332 2.80 4.21 35.15
N VAL A 333 4.04 3.97 35.56
CA VAL A 333 5.16 4.85 35.26
C VAL A 333 6.00 4.29 34.12
N PHE A 334 5.69 4.69 32.89
CA PHE A 334 6.58 4.40 31.78
C PHE A 334 7.74 5.40 31.78
N THR A 335 8.76 5.08 30.97
CA THR A 335 9.84 6.03 30.68
C THR A 335 10.34 5.75 29.28
N ASP A 336 10.22 6.72 28.39
CA ASP A 336 10.70 6.58 27.02
C ASP A 336 11.02 7.96 26.46
N LEU A 337 11.78 7.98 25.37
CA LEU A 337 12.31 9.23 24.84
C LEU A 337 11.22 10.07 24.18
N PHE A 338 11.20 11.35 24.52
CA PHE A 338 10.26 12.33 24.00
C PHE A 338 10.94 13.15 22.91
N PRO A 339 10.28 13.39 21.77
CA PRO A 339 8.94 12.93 21.36
C PRO A 339 8.93 11.47 20.92
N PRO A 340 7.85 10.75 21.23
CA PRO A 340 7.82 9.32 20.90
C PRO A 340 7.62 9.08 19.42
N LEU A 341 8.42 8.16 18.89
CA LEU A 341 8.33 7.75 17.50
C LEU A 341 7.41 6.56 17.32
N CYS A 342 6.76 6.13 18.41
CA CYS A 342 5.73 5.11 18.41
C CYS A 342 4.53 5.71 19.12
N LYS A 343 3.59 6.24 18.34
CA LYS A 343 2.66 7.26 18.80
C LYS A 343 1.24 6.73 18.98
N ARG A 344 1.08 5.55 19.58
CA ARG A 344 -0.25 4.98 19.78
C ARG A 344 -0.23 4.06 21.00
N MET A 345 -1.25 4.20 21.84
CA MET A 345 -1.28 3.67 23.20
C MET A 345 -2.44 2.70 23.33
N LYS A 346 -2.24 1.61 24.07
CA LYS A 346 -3.25 0.58 24.27
C LYS A 346 -3.61 0.47 25.74
N VAL A 347 -4.77 1.00 26.11
CA VAL A 347 -5.36 0.75 27.43
C VAL A 347 -6.37 -0.38 27.24
N GLN A 348 -6.52 -1.22 28.26
CA GLN A 348 -7.31 -2.43 28.14
C GLN A 348 -7.72 -2.92 29.52
N ILE A 349 -9.02 -2.95 29.78
CA ILE A 349 -9.53 -3.61 30.97
C ILE A 349 -9.56 -5.11 30.71
N ARG A 350 -9.08 -5.89 31.68
CA ARG A 350 -8.97 -7.33 31.54
C ARG A 350 -9.48 -8.03 32.79
N ASP A 351 -10.19 -9.13 32.60
CA ASP A 351 -10.58 -9.96 33.73
C ASP A 351 -9.41 -10.84 34.14
N SER A 352 -9.02 -10.78 35.40
CA SER A 352 -7.96 -11.63 35.90
C SER A 352 -8.51 -13.02 36.20
N ASP A 353 -7.86 -14.04 35.66
CA ASP A 353 -8.28 -15.42 35.86
C ASP A 353 -7.07 -16.33 35.64
N LYS A 354 -7.03 -17.40 36.43
CA LYS A 354 -5.98 -18.41 36.29
C LYS A 354 -6.22 -19.30 35.07
N VAL A 355 -7.48 -19.57 34.73
CA VAL A 355 -7.80 -20.43 33.61
C VAL A 355 -7.78 -19.66 32.30
N ASN A 356 -8.53 -18.55 32.22
CA ASN A 356 -8.63 -17.77 30.98
C ASN A 356 -8.59 -16.28 31.34
N ASP A 357 -7.38 -15.72 31.35
CA ASP A 357 -7.23 -14.28 31.43
C ASP A 357 -7.56 -13.66 30.08
N VAL A 358 -8.53 -12.74 30.07
CA VAL A 358 -9.22 -12.40 28.83
C VAL A 358 -9.59 -10.92 28.88
N ALA A 359 -9.51 -10.27 27.72
CA ALA A 359 -9.82 -8.85 27.63
C ALA A 359 -11.33 -8.61 27.71
N ILE A 360 -11.71 -7.62 28.53
CA ILE A 360 -13.10 -7.16 28.57
C ILE A 360 -13.33 -6.07 27.54
N GLY A 361 -12.46 -5.06 27.52
CA GLY A 361 -12.58 -3.97 26.58
C GLY A 361 -11.24 -3.34 26.32
N THR A 362 -11.09 -2.63 25.21
CA THR A 362 -9.81 -2.05 24.82
C THR A 362 -10.05 -0.74 24.08
N HIS A 363 -9.38 0.32 24.53
CA HIS A 363 -9.41 1.59 23.84
C HIS A 363 -8.00 1.93 23.39
N PHE A 364 -7.90 2.60 22.25
CA PHE A 364 -6.64 2.94 21.60
C PHE A 364 -6.46 4.45 21.64
N ILE A 365 -5.70 4.95 22.62
CA ILE A 365 -5.40 6.37 22.70
C ILE A 365 -4.31 6.68 21.69
N ASP A 366 -4.71 7.17 20.51
CA ASP A 366 -3.76 7.54 19.47
C ASP A 366 -3.10 8.84 19.92
N LEU A 367 -1.78 8.77 20.16
CA LEU A 367 -1.05 9.87 20.77
C LEU A 367 -0.75 11.01 19.80
N ARG A 368 -1.09 10.83 18.51
CA ARG A 368 -0.80 11.86 17.53
C ARG A 368 -1.69 13.09 17.70
N LYS A 369 -2.86 12.93 18.33
CA LYS A 369 -3.79 14.04 18.51
C LYS A 369 -3.77 14.61 19.91
N ILE A 370 -3.14 13.94 20.87
CA ILE A 370 -3.06 14.42 22.24
C ILE A 370 -1.68 14.98 22.56
N SER A 371 -0.85 15.17 21.54
CA SER A 371 0.48 15.70 21.71
C SER A 371 0.85 16.51 20.47
N ASN A 372 1.85 17.38 20.64
CA ASN A 372 2.38 18.17 19.54
C ASN A 372 3.81 18.55 19.88
N ASP A 373 4.55 18.96 18.86
CA ASP A 373 5.96 19.30 18.99
C ASP A 373 6.22 20.68 18.39
N GLY A 374 7.28 21.33 18.85
CA GLY A 374 7.69 22.59 18.28
C GLY A 374 7.38 23.77 19.18
N ASP A 375 7.25 24.95 18.55
CA ASP A 375 6.99 26.18 19.29
C ASP A 375 5.58 26.23 19.86
N LYS A 376 4.61 25.60 19.20
CA LYS A 376 3.25 25.51 19.69
C LYS A 376 2.93 24.12 20.22
N GLY A 377 3.96 23.30 20.43
CA GLY A 377 3.73 21.94 20.88
C GLY A 377 3.43 21.84 22.35
N PHE A 378 3.00 20.64 22.77
CA PHE A 378 2.63 20.40 24.14
C PHE A 378 2.78 18.92 24.46
N LEU A 379 2.88 18.62 25.74
CA LEU A 379 3.17 17.27 26.20
C LEU A 379 1.95 16.36 26.02
N PRO A 380 2.16 15.02 25.86
CA PRO A 380 1.03 14.11 25.77
C PRO A 380 0.19 14.05 27.03
N THR A 381 -1.10 14.35 26.93
CA THR A 381 -1.94 14.45 28.10
C THR A 381 -3.41 14.19 27.75
N LEU A 382 -4.12 13.59 28.69
CA LEU A 382 -5.58 13.66 28.74
C LEU A 382 -5.97 13.53 30.20
N GLY A 383 -7.27 13.55 30.47
CA GLY A 383 -7.76 13.24 31.79
C GLY A 383 -7.67 14.39 32.77
N PRO A 384 -8.48 14.35 33.85
CA PRO A 384 -9.46 13.31 34.24
C PRO A 384 -10.73 13.32 33.39
N ALA A 385 -10.90 12.24 32.64
CA ALA A 385 -11.97 12.13 31.66
C ALA A 385 -12.31 10.66 31.49
N TRP A 386 -13.49 10.40 30.96
CA TRP A 386 -13.96 9.03 30.74
C TRP A 386 -13.59 8.58 29.33
N VAL A 387 -13.71 7.28 29.10
CA VAL A 387 -13.47 6.69 27.79
C VAL A 387 -14.43 5.51 27.65
N ASN A 388 -14.91 5.27 26.44
CA ASN A 388 -15.86 4.20 26.20
C ASN A 388 -15.24 3.11 25.34
N MET A 389 -15.41 1.86 25.76
CA MET A 389 -14.87 0.72 25.05
C MET A 389 -16.01 -0.17 24.57
N TYR A 390 -15.83 -0.74 23.37
CA TYR A 390 -16.83 -1.58 22.75
C TYR A 390 -16.19 -2.91 22.37
N GLY A 391 -17.02 -3.93 22.23
CA GLY A 391 -16.52 -5.26 21.96
C GLY A 391 -17.65 -6.21 21.64
N SER A 392 -17.48 -7.45 22.07
CA SER A 392 -18.39 -8.52 21.68
C SER A 392 -19.72 -8.42 22.43
N THR A 393 -20.54 -9.46 22.25
CA THR A 393 -21.83 -9.54 22.91
C THR A 393 -21.66 -9.68 24.41
N ARG A 394 -22.56 -9.04 25.17
CA ARG A 394 -22.42 -8.98 26.61
C ARG A 394 -22.71 -10.29 27.31
N ASN A 395 -23.45 -11.20 26.67
CA ASN A 395 -23.83 -12.45 27.31
C ASN A 395 -22.62 -13.37 27.47
N TYR A 396 -22.62 -14.15 28.54
CA TYR A 396 -21.47 -14.97 28.88
C TYR A 396 -21.40 -16.22 28.02
N THR A 397 -20.23 -16.46 27.44
CA THR A 397 -19.93 -17.71 26.75
C THR A 397 -18.54 -18.17 27.18
N LEU A 398 -18.36 -19.49 27.24
CA LEU A 398 -17.05 -20.04 27.56
C LEU A 398 -16.04 -19.79 26.45
N LEU A 399 -16.47 -19.87 25.20
CA LEU A 399 -15.63 -19.50 24.07
C LEU A 399 -16.46 -18.61 23.14
N ASP A 400 -15.80 -17.65 22.51
CA ASP A 400 -16.49 -16.68 21.67
C ASP A 400 -15.73 -16.54 20.36
N GLU A 401 -16.47 -16.55 19.25
CA GLU A 401 -15.87 -16.23 17.95
C GLU A 401 -15.79 -14.74 17.71
N HIS A 402 -16.44 -13.92 18.53
CA HIS A 402 -16.33 -12.47 18.46
C HIS A 402 -15.29 -11.92 19.42
N GLN A 403 -14.26 -12.71 19.73
CA GLN A 403 -13.23 -12.29 20.69
C GLN A 403 -12.35 -11.18 20.15
N ASP A 404 -12.30 -11.03 18.81
CA ASP A 404 -11.47 -10.01 18.19
C ASP A 404 -11.96 -8.60 18.50
N LEU A 405 -13.26 -8.44 18.75
CA LEU A 405 -13.79 -7.11 19.04
C LEU A 405 -13.43 -6.65 20.44
N ASN A 406 -13.22 -7.58 21.37
CA ASN A 406 -12.79 -7.21 22.72
C ASN A 406 -11.35 -6.71 22.76
N GLU A 407 -10.51 -7.18 21.85
CA GLU A 407 -9.13 -6.71 21.76
C GLU A 407 -8.97 -5.46 20.92
N GLY A 408 -10.04 -4.74 20.62
CA GLY A 408 -9.95 -3.50 19.87
C GLY A 408 -9.90 -3.65 18.38
N LEU A 409 -10.05 -4.87 17.86
CA LEU A 409 -9.90 -5.09 16.43
C LEU A 409 -11.26 -5.03 15.73
N GLY A 410 -11.31 -4.34 14.60
CA GLY A 410 -12.57 -4.18 13.90
C GLY A 410 -13.43 -3.16 14.58
N GLU A 411 -14.75 -3.39 14.56
CA GLU A 411 -15.71 -2.51 15.21
C GLU A 411 -16.55 -3.36 16.16
N GLY A 412 -16.69 -2.90 17.40
CA GLY A 412 -17.44 -3.64 18.39
C GLY A 412 -18.93 -3.66 18.09
N VAL A 413 -19.60 -4.70 18.57
CA VAL A 413 -21.03 -4.90 18.34
C VAL A 413 -21.86 -4.51 19.54
N SER A 414 -21.25 -4.28 20.70
CA SER A 414 -21.97 -3.98 21.93
C SER A 414 -21.07 -3.17 22.85
N PHE A 415 -21.68 -2.58 23.87
CA PHE A 415 -20.94 -1.87 24.89
C PHE A 415 -20.33 -2.85 25.89
N ARG A 416 -19.14 -2.52 26.40
CA ARG A 416 -18.47 -3.36 27.39
C ARG A 416 -18.32 -2.69 28.74
N ALA A 417 -17.63 -1.56 28.81
CA ALA A 417 -17.34 -0.86 30.06
C ALA A 417 -16.90 0.55 29.70
N ARG A 418 -16.84 1.42 30.71
CA ARG A 418 -16.27 2.74 30.54
C ARG A 418 -15.27 3.02 31.65
N LEU A 419 -14.13 3.60 31.27
CA LEU A 419 -12.98 3.71 32.16
C LEU A 419 -12.49 5.15 32.24
N MET A 420 -12.27 5.62 33.45
CA MET A 420 -11.72 6.94 33.73
C MET A 420 -10.21 6.86 33.61
N LEU A 421 -9.61 7.85 32.95
CA LEU A 421 -8.21 7.77 32.56
C LEU A 421 -7.58 9.15 32.62
N GLY A 422 -6.27 9.20 32.39
CA GLY A 422 -5.49 10.42 32.42
C GLY A 422 -4.07 10.14 32.01
N LEU A 423 -3.36 11.22 31.65
CA LEU A 423 -1.98 11.14 31.24
C LEU A 423 -1.30 12.49 31.47
N ALA A 424 -0.04 12.44 31.89
CA ALA A 424 0.82 13.60 31.96
C ALA A 424 2.26 13.11 31.83
N VAL A 425 3.13 13.97 31.31
CA VAL A 425 4.51 13.60 31.03
C VAL A 425 5.43 14.55 31.79
N GLU A 426 6.35 13.98 32.57
CA GLU A 426 7.35 14.75 33.30
C GLU A 426 8.70 14.51 32.63
N ILE A 427 9.26 15.55 32.02
CA ILE A 427 10.56 15.44 31.36
C ILE A 427 11.65 15.35 32.43
N LEU A 428 12.42 14.28 32.39
CA LEU A 428 13.40 14.01 33.43
C LEU A 428 14.62 14.90 33.29
N ASP A 429 15.17 15.33 34.43
CA ASP A 429 16.44 16.05 34.47
C ASP A 429 17.55 15.01 34.60
N THR A 430 18.30 14.79 33.52
CA THR A 430 19.36 13.79 33.51
C THR A 430 20.58 14.21 34.32
N SER A 431 20.73 15.51 34.61
CA SER A 431 21.87 15.98 35.39
C SER A 431 21.65 15.86 36.89
N ASN A 432 20.44 15.50 37.32
CA ASN A 432 20.14 15.36 38.73
C ASN A 432 20.64 14.01 39.25
N PRO A 433 21.51 13.97 40.26
CA PRO A 433 21.97 12.67 40.76
C PRO A 433 21.01 11.99 41.72
N GLU A 434 19.87 12.63 42.04
CA GLU A 434 19.00 12.11 43.08
C GLU A 434 18.21 10.89 42.60
N LEU A 435 17.68 10.95 41.38
CA LEU A 435 16.70 9.96 40.95
C LEU A 435 17.35 8.64 40.53
N THR A 436 16.53 7.59 40.49
CA THR A 436 17.00 6.27 40.10
C THR A 436 17.28 6.23 38.60
N SER A 437 18.23 5.38 38.20
CA SER A 437 18.70 5.36 36.83
C SER A 437 17.86 4.49 35.90
N SER A 438 16.93 3.71 36.44
CA SER A 438 16.20 2.74 35.63
C SER A 438 15.00 3.38 34.94
N THR A 439 14.71 2.90 33.73
CA THR A 439 13.50 3.29 33.02
C THR A 439 12.39 2.26 33.14
N GLU A 440 12.51 1.33 34.09
CA GLU A 440 11.60 0.21 34.20
C GLU A 440 10.22 0.68 34.65
N VAL A 441 9.18 -0.04 34.20
CA VAL A 441 7.80 0.32 34.51
C VAL A 441 7.49 0.01 35.97
N GLN A 442 7.00 1.00 36.69
CA GLN A 442 6.55 0.85 38.06
C GLN A 442 5.04 1.04 38.14
N VAL A 443 4.46 0.61 39.26
CA VAL A 443 3.10 0.99 39.62
C VAL A 443 3.17 1.77 40.93
N GLU A 444 2.40 2.85 41.00
CA GLU A 444 2.39 3.74 42.16
C GLU A 444 0.96 4.19 42.41
N GLN A 445 0.71 4.68 43.62
CA GLN A 445 -0.60 5.24 43.94
C GLN A 445 -0.65 6.70 43.52
N ALA A 446 -1.55 7.02 42.58
CA ALA A 446 -1.64 8.36 42.05
C ALA A 446 -2.52 9.24 42.94
N THR A 447 -2.51 10.53 42.65
CA THR A 447 -3.37 11.46 43.36
C THR A 447 -4.79 11.34 42.85
N PRO A 448 -5.76 10.97 43.69
CA PRO A 448 -7.14 10.81 43.21
C PRO A 448 -7.82 12.17 43.06
N VAL A 449 -8.89 12.16 42.26
CA VAL A 449 -9.72 13.34 42.05
C VAL A 449 -11.16 12.96 42.35
N SER A 450 -11.98 13.97 42.63
CA SER A 450 -13.38 13.75 42.90
C SER A 450 -14.14 13.46 41.61
N GLU A 451 -15.38 12.98 41.77
CA GLU A 451 -16.21 12.69 40.60
C GLU A 451 -16.74 13.95 39.95
N SER A 452 -16.67 15.09 40.66
CA SER A 452 -17.10 16.36 40.09
C SER A 452 -16.03 16.97 39.20
N CYS A 453 -14.83 16.38 39.14
CA CYS A 453 -13.78 16.90 38.27
C CYS A 453 -14.03 16.60 36.80
N THR A 454 -15.00 15.73 36.50
CA THR A 454 -15.36 15.40 35.11
C THR A 454 -16.73 15.94 34.73
N GLY A 455 -17.26 16.91 35.47
CA GLY A 455 -18.60 17.40 35.23
C GLY A 455 -19.61 16.60 36.04
N ARG A 456 -20.71 17.25 36.43
CA ARG A 456 -21.71 16.56 37.22
C ARG A 456 -22.51 15.60 36.34
N MET A 457 -23.07 14.58 36.99
CA MET A 457 -23.91 13.62 36.27
C MET A 457 -25.23 14.25 35.89
N GLU A 458 -25.62 14.06 34.63
CA GLU A 458 -26.89 14.54 34.13
C GLU A 458 -27.60 13.39 33.43
N GLU A 459 -28.93 13.47 33.41
CA GLU A 459 -29.77 12.36 32.93
C GLU A 459 -30.00 12.53 31.43
N PHE A 460 -29.98 11.39 30.74
CA PHE A 460 -30.15 11.36 29.30
C PHE A 460 -31.33 10.45 28.92
N PHE A 461 -31.72 10.52 27.66
CA PHE A 461 -32.92 9.86 27.17
C PHE A 461 -32.74 9.49 25.70
N LEU A 462 -32.85 8.20 25.40
CA LEU A 462 -32.76 7.70 24.02
C LEU A 462 -34.14 7.21 23.59
N PHE A 463 -34.65 7.76 22.50
CA PHE A 463 -35.97 7.45 21.99
C PHE A 463 -35.84 6.84 20.60
N GLY A 464 -36.63 5.81 20.33
CA GLY A 464 -36.60 5.15 19.03
C GLY A 464 -37.99 5.00 18.46
N ALA A 465 -38.05 4.85 17.14
CA ALA A 465 -39.31 4.68 16.43
C ALA A 465 -39.03 3.95 15.13
N PHE A 466 -39.38 2.66 15.09
CA PHE A 466 -39.07 1.81 13.93
C PHE A 466 -40.14 2.03 12.87
N LEU A 467 -39.83 2.93 11.92
CA LEU A 467 -40.77 3.20 10.83
C LEU A 467 -40.85 2.03 9.86
N GLU A 468 -39.73 1.50 9.41
CA GLU A 468 -39.79 0.37 8.49
C GLU A 468 -38.80 -0.69 8.95
N ALA A 469 -39.10 -1.92 8.60
CA ALA A 469 -38.19 -3.04 8.84
C ALA A 469 -38.46 -4.04 7.73
N SER A 470 -37.43 -4.37 6.96
CA SER A 470 -37.60 -5.30 5.87
C SER A 470 -36.27 -5.99 5.63
N MET A 471 -36.31 -6.94 4.69
CA MET A 471 -35.19 -7.72 4.16
C MET A 471 -34.47 -8.48 5.26
N ILE A 472 -35.25 -8.91 6.25
CA ILE A 472 -34.80 -9.90 7.21
C ILE A 472 -34.53 -11.18 6.45
N ASP A 473 -33.35 -11.76 6.69
CA ASP A 473 -32.91 -12.94 5.95
C ASP A 473 -33.81 -14.11 6.34
N ARG A 474 -34.37 -14.79 5.34
CA ARG A 474 -35.32 -15.87 5.60
C ARG A 474 -34.66 -17.14 6.13
N LYS A 475 -33.33 -17.23 6.07
CA LYS A 475 -32.62 -18.33 6.73
C LYS A 475 -32.64 -18.22 8.24
N ASN A 476 -32.95 -17.03 8.77
CA ASN A 476 -33.20 -16.89 10.20
C ASN A 476 -34.49 -17.58 10.62
N GLY A 477 -35.40 -17.80 9.69
CA GLY A 477 -36.68 -18.41 9.98
C GLY A 477 -37.79 -17.39 10.04
N ASP A 478 -39.02 -17.92 10.07
CA ASP A 478 -40.21 -17.10 10.16
C ASP A 478 -40.68 -16.89 11.60
N LYS A 479 -39.74 -16.85 12.55
CA LYS A 479 -40.06 -16.48 13.92
C LYS A 479 -40.40 -14.99 13.97
N PRO A 480 -41.25 -14.58 14.92
CA PRO A 480 -41.50 -13.15 15.14
C PRO A 480 -40.25 -12.36 15.48
N ILE A 481 -40.18 -11.13 14.99
CA ILE A 481 -38.96 -10.33 14.99
C ILE A 481 -39.14 -9.12 15.90
N THR A 482 -38.25 -8.96 16.88
CA THR A 482 -38.17 -7.75 17.68
C THR A 482 -36.82 -7.10 17.46
N PHE A 483 -36.66 -5.89 18.01
CA PHE A 483 -35.40 -5.15 17.94
C PHE A 483 -35.11 -4.54 19.30
N GLU A 484 -34.00 -4.94 19.90
CA GLU A 484 -33.57 -4.39 21.18
C GLU A 484 -32.56 -3.27 20.98
N VAL A 485 -32.88 -2.10 21.51
CA VAL A 485 -32.00 -0.95 21.46
C VAL A 485 -31.37 -0.79 22.84
N THR A 486 -30.09 -0.41 22.88
CA THR A 486 -29.35 -0.34 24.13
C THR A 486 -28.21 0.66 23.95
N ILE A 487 -28.16 1.65 24.86
CA ILE A 487 -27.03 2.57 24.94
C ILE A 487 -26.35 2.37 26.29
N GLY A 488 -25.06 2.05 26.26
CA GLY A 488 -24.37 1.68 27.47
C GLY A 488 -24.89 0.37 28.03
N ASN A 489 -25.19 0.37 29.33
CA ASN A 489 -25.87 -0.76 29.95
C ASN A 489 -27.32 -0.45 30.27
N TYR A 490 -27.70 0.81 30.35
CA TYR A 490 -29.09 1.17 30.61
C TYR A 490 -29.92 0.91 29.36
N GLY A 491 -31.04 0.22 29.54
CA GLY A 491 -31.83 -0.27 28.43
C GLY A 491 -31.56 -1.71 28.06
N ASN A 492 -30.41 -2.27 28.45
CA ASN A 492 -30.16 -3.70 28.33
C ASN A 492 -30.95 -4.36 29.46
N GLU A 493 -32.17 -4.80 29.13
CA GLU A 493 -33.06 -5.32 30.17
C GLU A 493 -32.66 -6.72 30.60
N VAL A 494 -31.89 -7.43 29.77
CA VAL A 494 -31.44 -8.76 30.16
C VAL A 494 -30.04 -8.72 30.79
N ASP A 495 -29.15 -7.88 30.28
CA ASP A 495 -27.75 -7.90 30.71
C ASP A 495 -27.21 -6.50 30.96
N GLY A 496 -27.93 -5.69 31.72
CA GLY A 496 -27.54 -4.30 31.91
C GLY A 496 -27.22 -3.89 33.32
N MET A 497 -26.44 -4.71 34.05
CA MET A 497 -26.08 -4.45 35.44
C MET A 497 -25.26 -3.18 35.61
N ASP A 531 -40.72 6.95 38.85
CA ASP A 531 -40.85 7.61 37.55
C ASP A 531 -41.01 6.59 36.43
N LEU A 532 -40.33 6.81 35.31
CA LEU A 532 -40.47 5.95 34.14
C LEU A 532 -39.63 4.69 34.30
N ALA A 533 -40.21 3.56 33.88
CA ALA A 533 -39.48 2.32 33.73
C ALA A 533 -39.30 2.05 32.25
N SER A 534 -38.04 1.91 31.82
CA SER A 534 -37.74 1.86 30.40
C SER A 534 -38.06 0.48 29.83
N VAL A 535 -38.54 0.48 28.58
CA VAL A 535 -38.71 -0.72 27.79
C VAL A 535 -37.97 -0.52 26.48
N SER A 536 -37.24 -1.54 26.03
CA SER A 536 -36.31 -1.40 24.93
C SER A 536 -36.55 -2.38 23.78
N SER A 537 -37.52 -3.28 23.91
CA SER A 537 -37.81 -4.25 22.87
C SER A 537 -39.17 -3.94 22.25
N THR A 538 -39.21 -3.91 20.92
CA THR A 538 -40.47 -3.81 20.19
C THR A 538 -41.26 -5.09 20.40
N PRO A 539 -42.60 -5.03 20.34
CA PRO A 539 -43.41 -6.23 20.56
C PRO A 539 -43.22 -7.26 19.45
N PRO A 540 -43.24 -8.55 19.79
CA PRO A 540 -42.98 -9.59 18.77
C PRO A 540 -44.17 -9.76 17.84
N MET A 541 -43.88 -9.88 16.55
CA MET A 541 -44.92 -9.99 15.55
C MET A 541 -44.40 -10.71 14.32
N ARG A 542 -45.30 -11.42 13.65
CA ARG A 542 -44.98 -12.30 12.54
C ARG A 542 -44.55 -11.45 11.33
N PRO A 543 -43.49 -11.84 10.62
CA PRO A 543 -43.22 -11.20 9.32
C PRO A 543 -44.10 -11.75 8.23
N GLN A 544 -44.15 -11.03 7.11
CA GLN A 544 -44.86 -11.45 5.92
C GLN A 544 -43.89 -11.54 4.75
N ILE A 545 -44.12 -12.51 3.87
CA ILE A 545 -43.14 -12.88 2.86
C ILE A 545 -43.15 -11.86 1.72
N THR A 546 -41.97 -11.30 1.43
CA THR A 546 -41.74 -10.50 0.22
C THR A 546 -41.35 -11.35 -0.98
N ASP A 547 -40.35 -12.21 -0.81
CA ASP A 547 -39.95 -13.17 -1.84
C ASP A 547 -39.35 -14.38 -1.13
N ARG A 548 -38.67 -15.23 -1.91
CA ARG A 548 -38.16 -16.49 -1.36
C ARG A 548 -36.95 -16.27 -0.45
N ASN A 549 -36.30 -15.12 -0.51
CA ASN A 549 -35.11 -14.85 0.27
C ASN A 549 -35.32 -13.85 1.40
N TYR A 550 -36.25 -12.91 1.25
CA TYR A 550 -36.38 -11.78 2.17
C TYR A 550 -37.82 -11.61 2.64
N PHE A 551 -37.94 -11.26 3.91
CA PHE A 551 -39.22 -10.89 4.52
C PHE A 551 -39.44 -9.38 4.44
N HIS A 552 -40.61 -8.97 4.89
CA HIS A 552 -40.84 -7.61 5.34
C HIS A 552 -41.62 -7.69 6.64
N LEU A 553 -41.24 -6.85 7.60
CA LEU A 553 -42.03 -6.78 8.81
C LEU A 553 -43.25 -5.90 8.56
N PRO A 554 -44.46 -6.45 8.73
CA PRO A 554 -45.69 -5.72 8.40
C PRO A 554 -46.18 -4.81 9.52
N TYR A 555 -45.33 -3.85 9.90
CA TYR A 555 -45.67 -2.89 10.95
C TYR A 555 -46.88 -2.05 10.59
N LEU A 556 -47.08 -1.79 9.29
CA LEU A 556 -48.23 -1.12 8.71
C LEU A 556 -48.42 0.26 9.31
N GLU A 557 -49.54 0.49 9.99
CA GLU A 557 -49.74 1.76 10.66
C GLU A 557 -49.14 1.79 12.05
N ARG A 558 -48.97 0.63 12.69
CA ARG A 558 -48.52 0.59 14.08
C ARG A 558 -46.99 0.45 14.19
N LYS A 559 -46.29 1.55 13.93
CA LYS A 559 -44.83 1.60 14.05
C LYS A 559 -44.45 1.56 15.52
N PRO A 560 -43.72 0.56 15.97
CA PRO A 560 -43.39 0.47 17.40
C PRO A 560 -42.32 1.47 17.80
N CYS A 561 -42.22 1.70 19.11
CA CYS A 561 -41.30 2.68 19.67
C CYS A 561 -40.67 2.14 20.95
N ILE A 562 -39.53 2.72 21.31
CA ILE A 562 -38.80 2.37 22.52
C ILE A 562 -38.40 3.64 23.25
N TYR A 563 -38.06 3.50 24.53
CA TYR A 563 -37.53 4.61 25.31
C TYR A 563 -36.59 4.08 26.38
N ILE A 564 -35.53 4.85 26.65
CA ILE A 564 -34.42 4.41 27.48
C ILE A 564 -33.97 5.61 28.32
N LYS A 565 -33.77 5.40 29.62
CA LYS A 565 -33.16 6.40 30.47
C LYS A 565 -31.81 5.91 30.97
N SER A 566 -30.78 6.73 30.73
CA SER A 566 -29.40 6.39 31.08
C SER A 566 -28.77 7.58 31.78
N TRP A 567 -27.83 7.32 32.67
CA TRP A 567 -27.12 8.36 33.40
C TRP A 567 -25.64 8.35 33.03
N TRP A 568 -25.19 9.44 32.42
CA TRP A 568 -23.81 9.59 31.97
C TRP A 568 -23.28 10.93 32.49
N PRO A 569 -21.96 11.05 32.67
CA PRO A 569 -21.39 12.35 33.05
C PRO A 569 -21.57 13.38 31.94
N ASP A 570 -21.89 14.61 32.35
CA ASP A 570 -22.15 15.68 31.39
C ASP A 570 -20.84 16.27 30.87
N GLN A 571 -20.36 15.73 29.76
CA GLN A 571 -19.24 16.32 29.03
C GLN A 571 -19.62 16.39 27.56
N ARG A 572 -20.79 16.98 27.30
CA ARG A 572 -21.34 17.05 25.95
C ARG A 572 -20.49 17.90 25.02
N ARG A 573 -19.65 18.79 25.56
CA ARG A 573 -18.84 19.67 24.71
C ARG A 573 -17.77 18.90 23.94
N ARG A 574 -17.32 17.76 24.46
CA ARG A 574 -16.37 16.92 23.75
C ARG A 574 -17.01 16.33 22.50
N LEU A 575 -18.21 15.75 22.64
CA LEU A 575 -18.93 15.23 21.49
C LEU A 575 -19.46 16.35 20.61
N TYR A 576 -19.63 17.56 21.15
CA TYR A 576 -20.03 18.69 20.32
C TYR A 576 -18.89 19.13 19.40
N ASN A 577 -17.67 19.23 19.94
CA ASN A 577 -16.51 19.55 19.11
C ASN A 577 -16.25 18.45 18.10
N ALA A 578 -16.36 17.19 18.52
CA ALA A 578 -16.23 16.06 17.60
C ALA A 578 -17.35 16.06 16.56
N ASN A 579 -18.53 16.56 16.94
CA ASN A 579 -19.65 16.67 16.01
C ASN A 579 -19.37 17.69 14.93
N ILE A 580 -18.84 18.85 15.30
CA ILE A 580 -18.54 19.88 14.30
C ILE A 580 -17.40 19.42 13.40
N MET A 581 -16.38 18.76 13.97
CA MET A 581 -15.25 18.32 13.17
C MET A 581 -15.64 17.19 12.22
N ASP A 582 -16.42 16.20 12.71
CA ASP A 582 -16.84 15.12 11.85
C ASP A 582 -17.95 15.55 10.90
N HIS A 583 -18.68 16.62 11.21
CA HIS A 583 -19.64 17.16 10.26
C HIS A 583 -18.93 17.85 9.11
N ILE A 584 -17.86 18.60 9.41
CA ILE A 584 -17.00 19.17 8.38
C ILE A 584 -16.34 18.06 7.57
N ALA A 585 -15.91 16.98 8.25
CA ALA A 585 -15.30 15.84 7.58
C ALA A 585 -16.30 15.11 6.68
N ASP A 586 -17.56 15.01 7.12
CA ASP A 586 -18.57 14.34 6.31
C ASP A 586 -18.94 15.18 5.10
N LYS A 587 -19.03 16.50 5.26
CA LYS A 587 -19.28 17.37 4.11
C LYS A 587 -18.11 17.34 3.12
N LEU A 588 -16.88 17.32 3.62
CA LEU A 588 -15.72 17.26 2.74
C LEU A 588 -15.61 15.89 2.06
N GLU A 589 -15.97 14.82 2.77
CA GLU A 589 -15.93 13.48 2.18
C GLU A 589 -17.02 13.30 1.14
N GLU A 590 -18.20 13.90 1.38
CA GLU A 590 -19.24 13.92 0.38
C GLU A 590 -18.80 14.70 -0.85
N GLY A 591 -18.11 15.83 -0.66
CA GLY A 591 -17.54 16.56 -1.78
C GLY A 591 -16.46 15.78 -2.52
N LEU A 592 -15.61 15.06 -1.78
CA LEU A 592 -14.57 14.23 -2.38
C LEU A 592 -15.15 13.12 -3.24
N ASN A 593 -16.14 12.40 -2.71
CA ASN A 593 -16.76 11.32 -3.45
C ASN A 593 -17.57 11.84 -4.64
N ASP A 594 -18.24 12.99 -4.47
CA ASP A 594 -18.99 13.61 -5.56
C ASP A 594 -18.07 14.05 -6.69
N VAL A 595 -16.93 14.68 -6.35
CA VAL A 595 -15.97 15.10 -7.35
C VAL A 595 -15.35 13.90 -8.06
N GLN A 596 -14.97 12.85 -7.31
CA GLN A 596 -14.35 11.66 -7.90
C GLN A 596 -15.31 10.92 -8.83
N GLU A 597 -16.57 10.77 -8.41
CA GLU A 597 -17.56 10.11 -9.24
C GLU A 597 -17.92 10.96 -10.45
N MET A 598 -17.73 12.29 -10.38
CA MET A 598 -18.04 13.09 -11.56
C MET A 598 -16.83 13.24 -12.49
N ILE A 599 -15.62 12.95 -12.01
CA ILE A 599 -14.52 12.69 -12.96
C ILE A 599 -14.78 11.39 -13.70
N LYS A 600 -15.25 10.36 -12.98
CA LYS A 600 -15.46 9.07 -13.64
C LYS A 600 -16.60 9.14 -14.66
N THR A 601 -17.68 9.84 -14.35
CA THR A 601 -18.87 9.90 -15.18
C THR A 601 -18.83 11.11 -16.13
N GLU A 602 -17.70 11.85 -16.10
CA GLU A 602 -17.35 12.92 -17.05
C GLU A 602 -18.35 14.07 -17.05
N LYS A 603 -18.83 14.48 -15.89
CA LYS A 603 -19.74 15.62 -15.81
C LYS A 603 -18.97 16.93 -15.99
N SER A 604 -19.73 18.00 -16.20
CA SER A 604 -19.15 19.26 -16.66
C SER A 604 -18.45 20.01 -15.53
N TYR A 605 -17.27 20.53 -15.85
CA TYR A 605 -16.54 21.49 -15.02
C TYR A 605 -16.19 21.02 -13.60
N PRO A 606 -15.21 20.12 -13.45
CA PRO A 606 -14.82 19.65 -12.11
C PRO A 606 -14.23 20.70 -11.20
N GLU A 607 -13.55 21.71 -11.77
CA GLU A 607 -12.83 22.68 -10.95
C GLU A 607 -13.80 23.60 -10.20
N ARG A 608 -15.00 23.84 -10.75
CA ARG A 608 -16.01 24.59 -10.03
C ARG A 608 -16.51 23.84 -8.81
N ARG A 609 -16.67 22.51 -8.91
CA ARG A 609 -17.13 21.74 -7.77
C ARG A 609 -16.03 21.58 -6.72
N LEU A 610 -14.77 21.44 -7.13
CA LEU A 610 -13.68 21.39 -6.15
C LEU A 610 -13.53 22.73 -5.44
N ARG A 611 -13.63 23.85 -6.17
CA ARG A 611 -13.59 25.15 -5.53
C ARG A 611 -14.84 25.40 -4.68
N GLY A 612 -15.98 24.81 -5.05
CA GLY A 612 -17.17 24.96 -4.24
C GLY A 612 -17.10 24.22 -2.91
N VAL A 613 -16.62 22.97 -2.94
CA VAL A 613 -16.46 22.23 -1.69
C VAL A 613 -15.33 22.84 -0.85
N LEU A 614 -14.35 23.48 -1.50
CA LEU A 614 -13.29 24.10 -0.72
C LEU A 614 -13.74 25.45 -0.16
N GLU A 615 -14.62 26.15 -0.87
CA GLU A 615 -15.30 27.33 -0.35
C GLU A 615 -16.17 26.98 0.86
N GLU A 616 -16.90 25.86 0.77
CA GLU A 616 -17.69 25.42 1.91
C GLU A 616 -16.80 24.94 3.05
N LEU A 617 -15.59 24.44 2.74
CA LEU A 617 -14.62 24.13 3.78
C LEU A 617 -14.16 25.40 4.51
N SER A 618 -13.91 26.48 3.76
CA SER A 618 -13.48 27.72 4.41
C SER A 618 -14.62 28.34 5.22
N CYS A 619 -15.85 28.22 4.72
CA CYS A 619 -17.01 28.69 5.48
C CYS A 619 -17.22 27.85 6.74
N GLY A 620 -16.98 26.54 6.66
CA GLY A 620 -17.04 25.70 7.84
C GLY A 620 -15.95 26.00 8.85
N CYS A 621 -14.76 26.36 8.37
CA CYS A 621 -13.69 26.79 9.26
C CYS A 621 -14.05 28.09 9.97
N HIS A 622 -14.66 29.03 9.22
CA HIS A 622 -15.14 30.27 9.83
C HIS A 622 -16.27 30.01 10.82
N ARG A 623 -17.12 29.03 10.55
CA ARG A 623 -18.22 28.71 11.45
C ARG A 623 -17.72 28.03 12.72
N PHE A 624 -16.72 27.15 12.61
CA PHE A 624 -16.10 26.56 13.79
C PHE A 624 -15.34 27.61 14.59
N LEU A 625 -14.80 28.63 13.90
CA LEU A 625 -14.10 29.71 14.58
C LEU A 625 -15.03 30.63 15.37
N SER A 626 -16.36 30.50 15.20
CA SER A 626 -17.31 31.35 15.90
C SER A 626 -18.38 30.56 16.66
N LEU A 627 -18.22 29.25 16.82
CA LEU A 627 -19.23 28.46 17.52
C LEU A 627 -18.69 27.55 18.62
N SER A 628 -17.46 27.04 18.53
CA SER A 628 -16.96 26.12 19.54
C SER A 628 -16.26 26.82 20.70
N ASP A 629 -16.26 28.15 20.73
CA ASP A 629 -15.60 28.91 21.78
C ASP A 629 -16.53 29.29 22.92
N LYS A 630 -17.75 28.78 22.94
CA LYS A 630 -18.73 29.21 23.93
C LYS A 630 -18.53 28.49 25.26
N ASP A 631 -18.74 29.25 26.34
CA ASP A 631 -18.79 28.77 27.73
C ASP A 631 -17.48 28.10 28.15
N GLN A 632 -16.41 28.89 28.16
CA GLN A 632 -15.09 28.39 28.53
C GLN A 632 -14.86 28.34 30.03
N GLY A 633 -15.84 28.77 30.83
CA GLY A 633 -15.65 28.88 32.27
C GLY A 633 -15.77 27.59 33.05
N ARG A 634 -16.01 26.46 32.39
CA ARG A 634 -16.13 25.17 33.06
C ARG A 634 -14.74 24.70 33.46
N SER A 635 -14.49 24.60 34.77
CA SER A 635 -13.17 24.23 35.27
C SER A 635 -12.90 22.74 35.13
N SER A 636 -13.91 21.94 34.78
CA SER A 636 -13.72 20.52 34.57
C SER A 636 -12.96 20.22 33.28
N ARG A 637 -12.86 21.20 32.37
CA ARG A 637 -12.06 21.12 31.17
C ARG A 637 -10.59 20.83 31.49
N THR A 638 -10.10 19.68 31.04
CA THR A 638 -8.82 19.16 31.50
C THR A 638 -7.65 19.84 30.78
N ARG A 639 -6.47 19.27 30.99
CA ARG A 639 -5.27 19.76 30.31
C ARG A 639 -5.34 19.54 28.81
N LEU A 640 -5.89 18.40 28.39
CA LEU A 640 -6.04 18.15 26.96
C LEU A 640 -7.11 19.04 26.34
N ASP A 641 -8.16 19.35 27.11
CA ASP A 641 -9.35 19.98 26.55
C ASP A 641 -9.09 21.41 26.08
N ARG A 642 -8.46 22.23 26.94
CA ARG A 642 -8.21 23.63 26.59
C ARG A 642 -7.17 23.75 25.48
N GLU A 643 -6.09 22.95 25.56
CA GLU A 643 -5.05 22.99 24.53
C GLU A 643 -5.55 22.40 23.22
N ARG A 644 -6.47 21.46 23.28
CA ARG A 644 -7.05 20.88 22.06
C ARG A 644 -8.01 21.87 21.41
N LEU A 645 -8.76 22.63 22.21
CA LEU A 645 -9.63 23.66 21.65
C LEU A 645 -8.80 24.78 21.01
N LYS A 646 -7.71 25.19 21.67
CA LYS A 646 -6.81 26.19 21.10
C LYS A 646 -6.14 25.68 19.83
N SER A 647 -5.71 24.41 19.85
CA SER A 647 -5.05 23.81 18.69
C SER A 647 -6.02 23.66 17.53
N CYS A 648 -7.28 23.37 17.81
CA CYS A 648 -8.26 23.25 16.73
C CYS A 648 -8.68 24.60 16.18
N MET A 649 -8.73 25.63 17.03
CA MET A 649 -8.90 27.00 16.55
C MET A 649 -7.78 27.40 15.60
N ARG A 650 -6.54 27.16 16.03
CA ARG A 650 -5.36 27.46 15.22
C ARG A 650 -5.33 26.62 13.93
N GLU A 651 -5.68 25.35 14.04
CA GLU A 651 -5.60 24.44 12.90
C GLU A 651 -6.68 24.74 11.87
N LEU A 652 -7.90 25.08 12.32
CA LEU A 652 -8.93 25.40 11.34
C LEU A 652 -8.75 26.80 10.77
N GLU A 653 -8.10 27.71 11.51
CA GLU A 653 -7.69 28.98 10.91
C GLU A 653 -6.64 28.76 9.84
N SER A 654 -5.64 27.92 10.13
CA SER A 654 -4.58 27.67 9.16
C SER A 654 -5.10 26.89 7.97
N MET A 655 -6.08 26.02 8.18
CA MET A 655 -6.65 25.32 7.03
C MET A 655 -7.69 26.15 6.30
N GLY A 656 -8.25 27.18 6.93
CA GLY A 656 -8.99 28.17 6.16
C GLY A 656 -8.08 28.93 5.22
N GLN A 657 -6.90 29.32 5.71
CA GLN A 657 -5.92 29.97 4.86
C GLN A 657 -5.39 29.03 3.78
N GLN A 658 -5.14 27.76 4.14
CA GLN A 658 -4.69 26.78 3.17
C GLN A 658 -5.78 26.45 2.16
N ALA A 659 -7.05 26.51 2.58
CA ALA A 659 -8.17 26.31 1.68
C ALA A 659 -8.26 27.44 0.66
N LYS A 660 -8.08 28.68 1.13
CA LYS A 660 -8.11 29.84 0.23
C LYS A 660 -6.91 29.84 -0.70
N SER A 661 -5.78 29.29 -0.26
CA SER A 661 -4.63 29.14 -1.16
C SER A 661 -4.86 28.00 -2.17
N LEU A 662 -5.45 26.90 -1.71
CA LEU A 662 -5.67 25.73 -2.57
C LEU A 662 -6.75 26.01 -3.60
N ARG A 663 -7.64 26.96 -3.31
CA ARG A 663 -8.62 27.40 -4.31
C ARG A 663 -7.95 28.03 -5.52
N ALA A 664 -6.89 28.81 -5.31
CA ALA A 664 -6.06 29.30 -6.41
C ALA A 664 -5.14 28.21 -6.96
N GLN A 665 -4.77 27.22 -6.15
CA GLN A 665 -3.88 26.17 -6.63
C GLN A 665 -4.56 25.26 -7.64
N VAL A 666 -5.84 24.95 -7.45
CA VAL A 666 -6.55 24.07 -8.37
C VAL A 666 -6.91 24.87 -9.63
N LYS A 667 -6.64 24.28 -10.80
CA LYS A 667 -6.85 24.93 -12.07
C LYS A 667 -7.52 23.93 -13.01
N ARG A 668 -7.53 24.26 -14.30
CA ARG A 668 -8.11 23.39 -15.31
C ARG A 668 -7.31 22.11 -15.52
N HIS A 669 -6.04 22.12 -15.10
CA HIS A 669 -5.16 20.99 -15.35
C HIS A 669 -4.93 20.13 -14.10
N THR A 670 -5.26 20.65 -12.91
CA THR A 670 -4.86 19.98 -11.68
C THR A 670 -6.02 19.57 -10.78
N VAL A 671 -7.17 19.14 -11.32
CA VAL A 671 -8.23 18.65 -10.45
C VAL A 671 -8.01 17.20 -10.07
N ARG A 672 -7.13 16.49 -10.79
CA ARG A 672 -6.92 15.08 -10.52
C ARG A 672 -5.79 14.83 -9.52
N ASP A 673 -4.93 15.82 -9.28
CA ASP A 673 -3.80 15.65 -8.37
C ASP A 673 -3.85 16.55 -7.15
N LYS A 674 -4.69 17.59 -7.16
CA LYS A 674 -4.97 18.30 -5.91
C LYS A 674 -6.04 17.57 -5.10
N LEU A 675 -6.64 16.52 -5.67
CA LEU A 675 -7.50 15.64 -4.91
C LEU A 675 -6.73 14.89 -3.84
N ARG A 676 -5.43 14.67 -4.05
CA ARG A 676 -4.58 14.13 -3.00
C ARG A 676 -4.45 15.08 -1.82
N SER A 677 -4.31 16.38 -2.09
CA SER A 677 -4.27 17.37 -1.02
C SER A 677 -5.61 17.48 -0.31
N CYS A 678 -6.71 17.37 -1.07
CA CYS A 678 -8.03 17.36 -0.46
C CYS A 678 -8.25 16.12 0.40
N GLN A 679 -7.71 14.97 -0.02
CA GLN A 679 -7.79 13.77 0.81
C GLN A 679 -6.90 13.89 2.04
N ASN A 680 -5.78 14.61 1.92
CA ASN A 680 -4.95 14.92 3.10
C ASN A 680 -5.70 15.80 4.09
N PHE A 681 -6.44 16.80 3.58
CA PHE A 681 -7.31 17.62 4.42
C PHE A 681 -8.38 16.76 5.09
N LEU A 682 -8.94 15.81 4.34
CA LEU A 682 -10.00 14.95 4.86
C LEU A 682 -9.47 14.04 5.97
N GLN A 683 -8.30 13.44 5.76
CA GLN A 683 -7.76 12.55 6.79
C GLN A 683 -7.25 13.32 8.00
N LYS A 684 -6.80 14.57 7.82
CA LYS A 684 -6.44 15.39 8.97
C LYS A 684 -7.68 15.81 9.75
N LEU A 685 -8.79 16.05 9.05
CA LEU A 685 -10.04 16.38 9.73
C LEU A 685 -10.62 15.18 10.47
N ARG A 686 -10.49 13.98 9.90
CA ARG A 686 -10.90 12.77 10.60
C ARG A 686 -10.00 12.51 11.80
N PHE A 687 -8.72 12.83 11.67
CA PHE A 687 -7.78 12.69 12.79
C PHE A 687 -8.11 13.68 13.91
N LEU A 688 -8.50 14.90 13.54
CA LEU A 688 -8.91 15.91 14.52
C LEU A 688 -10.24 15.52 15.16
N ALA A 689 -11.11 14.86 14.40
CA ALA A 689 -12.49 14.65 14.84
C ALA A 689 -12.60 13.59 15.93
N ASP A 690 -11.72 12.58 15.90
CA ASP A 690 -11.80 11.47 16.84
C ASP A 690 -11.16 11.85 18.18
N GLU A 691 -11.95 12.49 19.03
CA GLU A 691 -11.51 12.81 20.37
C GLU A 691 -11.42 11.53 21.19
N PRO A 692 -10.25 11.19 21.74
CA PRO A 692 -10.15 9.97 22.55
C PRO A 692 -10.79 10.10 23.91
N GLN A 693 -11.14 11.30 24.35
CA GLN A 693 -11.85 11.50 25.60
C GLN A 693 -13.34 11.38 25.33
N HIS A 694 -13.91 10.22 25.65
CA HIS A 694 -15.30 9.92 25.35
C HIS A 694 -16.21 10.27 26.53
N SER A 695 -17.47 10.58 26.24
CA SER A 695 -18.44 10.81 27.30
C SER A 695 -19.60 9.82 27.24
N ILE A 696 -20.25 9.70 26.09
CA ILE A 696 -21.49 8.95 25.94
C ILE A 696 -21.22 7.71 25.09
N PRO A 697 -21.40 6.51 25.62
CA PRO A 697 -21.10 5.30 24.85
C PRO A 697 -22.16 5.01 23.80
N ASP A 698 -21.76 4.18 22.82
CA ASP A 698 -22.46 4.11 21.54
C ASP A 698 -23.82 3.42 21.65
N VAL A 699 -24.63 3.62 20.62
CA VAL A 699 -26.00 3.12 20.57
C VAL A 699 -26.05 1.89 19.67
N PHE A 700 -26.58 0.80 20.20
CA PHE A 700 -26.57 -0.50 19.53
C PHE A 700 -28.00 -1.00 19.34
N ILE A 701 -28.26 -1.51 18.14
CA ILE A 701 -29.54 -2.12 17.79
C ILE A 701 -29.28 -3.60 17.52
N TRP A 702 -30.24 -4.46 17.86
CA TRP A 702 -30.00 -5.90 17.83
C TRP A 702 -31.28 -6.62 17.44
N MET A 703 -31.25 -7.35 16.33
CA MET A 703 -32.35 -8.23 15.98
C MET A 703 -32.42 -9.41 16.94
N MET A 704 -33.63 -9.85 17.23
CA MET A 704 -33.88 -10.89 18.21
C MET A 704 -34.85 -11.91 17.63
N SER A 705 -34.56 -13.18 17.85
CA SER A 705 -35.53 -14.24 17.58
C SER A 705 -35.34 -15.34 18.61
N ASN A 706 -36.45 -15.76 19.22
CA ASN A 706 -36.49 -16.69 20.37
C ASN A 706 -35.61 -16.19 21.53
N ASN A 707 -35.60 -14.87 21.70
CA ASN A 707 -34.77 -14.15 22.68
C ASN A 707 -33.28 -14.49 22.53
N LYS A 708 -32.83 -14.59 21.29
CA LYS A 708 -31.43 -14.85 20.97
C LYS A 708 -30.97 -13.92 19.84
N ARG A 709 -29.72 -13.49 19.92
CA ARG A 709 -29.21 -12.44 19.06
C ARG A 709 -28.90 -12.96 17.66
N ILE A 710 -29.17 -12.13 16.65
CA ILE A 710 -28.88 -12.50 15.27
C ILE A 710 -27.97 -11.48 14.60
N ALA A 711 -28.41 -10.23 14.52
CA ALA A 711 -27.72 -9.21 13.76
C ALA A 711 -27.66 -7.92 14.57
N TYR A 712 -26.71 -7.06 14.21
CA TYR A 712 -26.44 -5.84 14.97
C TYR A 712 -26.35 -4.64 14.05
N ALA A 713 -26.55 -3.46 14.64
CA ALA A 713 -26.08 -2.20 14.08
C ALA A 713 -25.40 -1.43 15.20
N ARG A 714 -24.46 -0.58 14.80
CA ARG A 714 -23.79 0.31 15.74
C ARG A 714 -23.78 1.72 15.16
N VAL A 715 -24.41 2.64 15.88
CA VAL A 715 -24.44 4.04 15.46
C VAL A 715 -23.81 4.87 16.56
N PRO A 716 -22.83 5.74 16.25
CA PRO A 716 -22.17 6.53 17.30
C PRO A 716 -23.10 7.53 17.97
N SER A 717 -22.78 7.90 19.21
CA SER A 717 -23.72 8.67 20.01
C SER A 717 -23.77 10.13 19.57
N LYS A 718 -22.68 10.63 19.00
CA LYS A 718 -22.61 12.06 18.74
C LYS A 718 -23.48 12.46 17.54
N ASP A 719 -23.68 11.58 16.58
CA ASP A 719 -24.60 11.93 15.50
C ASP A 719 -26.05 11.83 15.95
N LEU A 720 -26.30 11.16 17.08
CA LEU A 720 -27.63 11.13 17.67
C LEU A 720 -27.84 12.20 18.73
N LEU A 721 -26.77 12.91 19.13
CA LEU A 721 -26.85 13.80 20.27
C LEU A 721 -27.51 15.12 19.88
N PHE A 722 -28.31 15.66 20.79
CA PHE A 722 -29.18 16.79 20.48
C PHE A 722 -28.50 18.11 20.86
N SER A 723 -28.71 19.12 20.02
CA SER A 723 -28.23 20.46 20.29
C SER A 723 -29.13 21.45 19.57
N ILE A 724 -29.16 22.68 20.09
CA ILE A 724 -29.99 23.72 19.50
C ILE A 724 -29.45 24.19 18.14
N VAL A 725 -28.15 24.41 18.04
CA VAL A 725 -27.51 24.82 16.79
C VAL A 725 -27.24 23.58 15.94
N GLU A 726 -27.24 23.75 14.62
CA GLU A 726 -27.21 22.60 13.72
C GLU A 726 -25.84 21.95 13.64
N GLU A 727 -24.77 22.73 13.76
CA GLU A 727 -23.42 22.17 13.68
C GLU A 727 -23.11 21.28 14.88
N GLU A 728 -23.53 21.68 16.08
CA GLU A 728 -23.36 20.82 17.24
C GLU A 728 -24.40 19.71 17.25
N LEU A 729 -25.50 19.89 16.52
CA LEU A 729 -26.49 18.83 16.36
C LEU A 729 -25.92 17.73 15.48
N GLY A 730 -26.20 16.48 15.85
CA GLY A 730 -25.70 15.37 15.06
C GLY A 730 -26.46 15.23 13.74
N LYS A 731 -25.84 14.54 12.78
CA LYS A 731 -26.43 14.38 11.47
C LYS A 731 -27.57 13.37 11.45
N ASP A 732 -27.60 12.42 12.39
CA ASP A 732 -28.66 11.43 12.47
C ASP A 732 -29.71 11.76 13.51
N CYS A 733 -29.62 12.91 14.17
CA CYS A 733 -30.57 13.25 15.21
C CYS A 733 -31.86 13.77 14.60
N ALA A 734 -32.99 13.25 15.11
CA ALA A 734 -34.34 13.53 14.62
C ALA A 734 -34.49 13.22 13.13
N LYS A 735 -33.80 12.20 12.65
CA LYS A 735 -33.84 11.79 11.25
C LYS A 735 -33.88 10.27 11.18
N VAL A 736 -34.38 9.77 10.06
CA VAL A 736 -34.52 8.33 9.87
C VAL A 736 -33.24 7.78 9.22
N LYS A 737 -32.68 6.72 9.82
CA LYS A 737 -31.41 6.16 9.40
C LYS A 737 -31.61 4.74 8.90
N THR A 738 -30.92 4.39 7.81
CA THR A 738 -31.03 3.06 7.22
C THR A 738 -29.91 2.16 7.76
N LEU A 739 -30.22 1.50 8.87
CA LEU A 739 -29.30 0.54 9.48
C LEU A 739 -29.43 -0.80 8.80
N PHE A 740 -28.56 -1.05 7.83
CA PHE A 740 -28.41 -2.41 7.29
C PHE A 740 -27.69 -3.24 8.33
N LEU A 741 -28.42 -4.11 9.02
CA LEU A 741 -27.82 -4.87 10.11
C LEU A 741 -26.88 -5.93 9.55
N LYS A 742 -25.71 -6.02 10.15
CA LYS A 742 -24.69 -6.97 9.75
C LYS A 742 -24.62 -8.12 10.75
N LEU A 743 -23.98 -9.21 10.35
CA LEU A 743 -23.70 -10.26 11.30
C LEU A 743 -22.56 -9.83 12.23
N PRO A 744 -22.66 -10.10 13.53
CA PRO A 744 -21.59 -9.70 14.44
C PRO A 744 -20.32 -10.51 14.24
N GLY A 745 -19.18 -9.86 14.46
CA GLY A 745 -17.91 -10.54 14.47
C GLY A 745 -17.47 -10.99 13.10
N LYS A 746 -16.86 -12.18 13.04
CA LYS A 746 -16.31 -12.72 11.80
C LYS A 746 -17.39 -13.12 10.80
N ARG A 747 -18.62 -13.30 11.25
CA ARG A 747 -19.70 -13.78 10.39
C ARG A 747 -20.18 -12.73 9.40
N GLY A 748 -19.82 -11.46 9.60
CA GLY A 748 -20.32 -10.40 8.75
C GLY A 748 -19.54 -10.16 7.47
N PHE A 749 -18.49 -10.94 7.20
CA PHE A 749 -17.68 -10.73 6.01
C PHE A 749 -17.65 -12.01 5.19
N GLY A 750 -17.56 -11.86 3.86
CA GLY A 750 -17.35 -13.02 3.02
C GLY A 750 -18.60 -13.85 2.85
N SER A 751 -18.39 -15.16 2.68
CA SER A 751 -19.49 -16.09 2.40
C SER A 751 -20.42 -16.29 3.58
N ALA A 752 -19.96 -16.00 4.81
CA ALA A 752 -20.83 -16.09 5.96
C ALA A 752 -21.82 -14.93 6.03
N GLY A 753 -21.53 -13.81 5.38
CA GLY A 753 -22.36 -12.63 5.45
C GLY A 753 -22.79 -12.14 4.09
N TRP A 754 -23.11 -13.10 3.21
CA TRP A 754 -23.49 -12.78 1.84
C TRP A 754 -24.81 -12.03 1.78
N THR A 755 -25.83 -12.53 2.46
CA THR A 755 -27.17 -11.95 2.38
C THR A 755 -27.31 -10.77 3.34
N VAL A 756 -28.22 -9.86 3.01
CA VAL A 756 -28.60 -8.82 3.95
C VAL A 756 -29.33 -9.47 5.13
N GLN A 757 -28.80 -9.24 6.34
CA GLN A 757 -29.41 -9.80 7.53
C GLN A 757 -30.69 -9.06 7.89
N ALA A 758 -30.67 -7.74 7.83
CA ALA A 758 -31.87 -6.91 7.96
C ALA A 758 -31.58 -5.53 7.41
N LYS A 759 -32.64 -4.74 7.31
CA LYS A 759 -32.57 -3.36 6.87
C LYS A 759 -33.70 -2.60 7.56
N LEU A 760 -33.34 -1.55 8.28
CA LEU A 760 -34.32 -0.77 9.01
C LEU A 760 -34.41 0.63 8.43
N GLU A 761 -35.48 1.33 8.81
CA GLU A 761 -35.60 2.77 8.62
C GLU A 761 -36.01 3.28 9.99
N LEU A 762 -35.02 3.52 10.84
CA LEU A 762 -35.22 3.69 12.28
C LEU A 762 -34.96 5.13 12.68
N TYR A 763 -35.92 5.72 13.37
CA TYR A 763 -35.80 7.04 13.97
C TYR A 763 -35.10 6.92 15.31
N LEU A 764 -34.08 7.74 15.54
CA LEU A 764 -33.36 7.73 16.80
C LEU A 764 -33.05 9.16 17.24
N TRP A 765 -33.27 9.42 18.52
CA TRP A 765 -32.99 10.71 19.15
C TRP A 765 -32.31 10.47 20.49
N LEU A 766 -31.23 11.21 20.74
CA LEU A 766 -30.51 11.13 22.01
C LEU A 766 -30.26 12.54 22.51
N GLY A 767 -30.39 12.75 23.82
CA GLY A 767 -30.17 14.07 24.37
C GLY A 767 -30.52 14.09 25.84
N LEU A 768 -30.62 15.30 26.39
CA LEU A 768 -31.01 15.45 27.77
C LEU A 768 -32.52 15.25 27.92
N SER A 769 -32.93 14.74 29.09
CA SER A 769 -34.35 14.69 29.39
C SER A 769 -34.89 16.07 29.74
N LYS A 770 -34.01 17.02 30.06
CA LYS A 770 -34.41 18.42 30.13
C LYS A 770 -34.74 18.96 28.74
N GLN A 771 -34.09 18.43 27.71
CA GLN A 771 -34.23 18.91 26.35
C GLN A 771 -35.21 18.09 25.51
N ARG A 772 -35.90 17.12 26.10
CA ARG A 772 -36.67 16.18 25.29
C ARG A 772 -38.08 16.69 24.89
N LYS A 773 -38.35 17.99 24.88
CA LYS A 773 -39.64 18.49 24.40
C LYS A 773 -39.81 18.31 22.89
N ASP A 774 -38.72 18.40 22.12
CA ASP A 774 -38.77 18.26 20.68
C ASP A 774 -38.24 16.93 20.19
N PHE A 775 -38.51 15.84 20.92
CA PHE A 775 -37.93 14.55 20.55
C PHE A 775 -38.78 13.77 19.56
N LEU A 776 -39.96 14.27 19.21
CA LEU A 776 -40.84 13.62 18.25
C LEU A 776 -40.96 14.38 16.92
N CYS A 777 -40.19 15.45 16.74
CA CYS A 777 -40.45 16.37 15.64
C CYS A 777 -40.00 15.83 14.28
N GLY A 778 -39.02 14.94 14.24
CA GLY A 778 -38.52 14.44 12.98
C GLY A 778 -39.30 13.31 12.34
N LEU A 779 -40.25 12.73 13.07
CA LEU A 779 -41.06 11.64 12.54
C LEU A 779 -42.06 12.20 11.52
N PRO A 780 -42.53 11.36 10.59
CA PRO A 780 -43.57 11.80 9.65
C PRO A 780 -44.87 12.19 10.35
N CYS A 781 -45.53 13.20 9.81
CA CYS A 781 -46.73 13.75 10.42
C CYS A 781 -47.92 12.80 10.26
N GLY A 782 -48.87 12.92 11.18
CA GLY A 782 -50.07 12.11 11.14
C GLY A 782 -50.08 10.93 12.09
N PHE A 783 -49.37 11.00 13.20
CA PHE A 783 -49.30 9.87 14.11
C PHE A 783 -50.09 10.14 15.39
N GLU A 784 -50.48 9.05 16.04
CA GLU A 784 -51.11 9.07 17.34
C GLU A 784 -50.32 8.15 18.26
N GLU A 785 -50.35 8.43 19.55
CA GLU A 785 -49.45 7.80 20.51
C GLU A 785 -50.21 6.80 21.37
N VAL A 786 -49.68 5.59 21.48
CA VAL A 786 -50.18 4.56 22.38
C VAL A 786 -49.04 4.23 23.34
N LYS A 787 -49.32 4.33 24.65
CA LYS A 787 -48.29 4.30 25.67
C LYS A 787 -48.46 3.09 26.57
N ALA A 788 -47.48 2.87 27.44
CA ALA A 788 -47.48 1.73 28.34
C ALA A 788 -48.52 1.91 29.44
N ALA A 789 -48.84 0.81 30.13
CA ALA A 789 -49.91 0.82 31.11
C ALA A 789 -49.56 1.63 32.35
N GLN A 790 -48.27 1.81 32.63
CA GLN A 790 -47.83 2.63 33.75
C GLN A 790 -47.64 4.09 33.36
N GLY A 791 -47.93 4.46 32.11
CA GLY A 791 -47.70 5.81 31.66
C GLY A 791 -48.87 6.45 30.92
N LEU A 792 -50.09 6.04 31.26
CA LEU A 792 -51.26 6.64 30.64
C LEU A 792 -51.54 8.03 31.21
N GLY A 793 -51.86 8.97 30.32
CA GLY A 793 -52.41 10.25 30.70
C GLY A 793 -51.43 11.40 30.80
N LEU A 794 -50.14 11.14 30.98
CA LEU A 794 -49.18 12.23 31.12
C LEU A 794 -48.83 12.81 29.76
N HIS A 795 -48.49 14.10 29.76
CA HIS A 795 -48.24 14.82 28.51
C HIS A 795 -46.91 14.49 27.87
N SER A 796 -45.91 14.09 28.65
CA SER A 796 -44.57 13.89 28.14
C SER A 796 -44.09 12.44 28.25
N PHE A 797 -44.98 11.50 28.52
CA PHE A 797 -44.57 10.11 28.58
C PHE A 797 -44.39 9.57 27.16
N PRO A 798 -43.23 9.00 26.85
CA PRO A 798 -42.98 8.48 25.49
C PRO A 798 -43.79 7.23 25.21
N PRO A 799 -44.23 7.05 23.97
CA PRO A 799 -45.10 5.90 23.65
C PRO A 799 -44.32 4.61 23.45
N ILE A 800 -45.05 3.50 23.62
CA ILE A 800 -44.48 2.19 23.29
C ILE A 800 -44.75 1.80 21.84
N SER A 801 -45.73 2.43 21.19
CA SER A 801 -46.01 2.23 19.78
C SER A 801 -46.88 3.38 19.28
N LEU A 802 -46.57 3.86 18.09
CA LEU A 802 -47.43 4.80 17.39
C LEU A 802 -48.48 4.05 16.58
N VAL A 803 -49.45 4.79 16.07
CA VAL A 803 -50.41 4.33 15.06
C VAL A 803 -50.59 5.46 14.06
N TYR A 804 -50.61 5.13 12.78
CA TYR A 804 -50.66 6.12 11.72
C TYR A 804 -52.05 6.17 11.09
N THR A 805 -52.69 7.33 11.16
CA THR A 805 -53.95 7.54 10.46
C THR A 805 -53.69 7.99 9.02
N LYS A 806 -52.58 8.69 8.80
CA LYS A 806 -52.22 9.10 7.45
C LYS A 806 -51.43 7.99 6.77
N LYS A 807 -51.84 7.64 5.55
CA LYS A 807 -51.08 6.70 4.74
C LYS A 807 -51.27 7.08 3.27
N GLN A 808 -50.23 6.82 2.49
CA GLN A 808 -50.20 7.19 1.09
C GLN A 808 -50.01 5.94 0.24
N ALA A 809 -50.79 5.84 -0.84
CA ALA A 809 -50.57 4.81 -1.84
C ALA A 809 -49.46 5.24 -2.78
N PHE A 810 -48.65 4.28 -3.22
CA PHE A 810 -47.46 4.57 -4.02
C PHE A 810 -47.25 3.45 -5.03
N GLN A 811 -46.43 3.75 -6.04
CA GLN A 811 -46.10 2.86 -7.13
C GLN A 811 -44.74 3.23 -7.70
N LEU A 812 -43.80 2.27 -7.69
CA LEU A 812 -42.44 2.49 -8.13
C LEU A 812 -42.18 1.70 -9.40
N ARG A 813 -41.62 2.36 -10.41
CA ARG A 813 -41.27 1.73 -11.68
C ARG A 813 -39.75 1.54 -11.72
N ALA A 814 -39.31 0.28 -11.74
CA ALA A 814 -37.90 -0.06 -11.81
C ALA A 814 -37.51 -0.16 -13.28
N HIS A 815 -36.84 0.87 -13.79
CA HIS A 815 -36.31 0.87 -15.15
C HIS A 815 -35.02 0.07 -15.21
N MET A 816 -35.14 -1.24 -15.32
CA MET A 816 -33.99 -2.14 -15.32
C MET A 816 -33.62 -2.45 -16.76
N TYR A 817 -32.79 -1.59 -17.33
CA TYR A 817 -32.54 -1.64 -18.77
C TYR A 817 -31.36 -2.54 -19.13
N GLN A 818 -30.27 -2.50 -18.37
CA GLN A 818 -29.03 -3.12 -18.81
C GLN A 818 -28.15 -3.36 -17.60
N ALA A 819 -27.20 -4.27 -17.75
CA ALA A 819 -26.10 -4.42 -16.82
C ALA A 819 -24.81 -4.60 -17.62
N ARG A 820 -23.70 -4.15 -17.05
CA ARG A 820 -22.40 -4.27 -17.70
C ARG A 820 -21.35 -4.72 -16.69
N SER A 821 -20.28 -5.35 -17.23
CA SER A 821 -19.08 -5.80 -16.52
C SER A 821 -19.42 -6.65 -15.29
N LEU A 822 -20.43 -7.51 -15.42
CA LEU A 822 -21.02 -8.17 -14.27
C LEU A 822 -20.11 -9.24 -13.69
N PHE A 823 -20.54 -9.82 -12.58
CA PHE A 823 -19.84 -10.92 -11.97
C PHE A 823 -20.19 -12.22 -12.67
N ALA A 824 -19.19 -12.91 -13.20
CA ALA A 824 -19.44 -14.22 -13.77
C ALA A 824 -19.66 -15.24 -12.66
N ALA A 825 -20.89 -15.74 -12.54
CA ALA A 825 -21.24 -16.70 -11.50
C ALA A 825 -21.40 -18.11 -12.05
N ASP A 826 -21.05 -18.34 -13.31
CA ASP A 826 -21.09 -19.67 -13.91
C ASP A 826 -19.66 -20.15 -14.15
N SER A 827 -19.50 -21.47 -14.29
CA SER A 827 -18.18 -22.05 -14.50
C SER A 827 -17.64 -21.80 -15.90
N SER A 828 -18.49 -21.33 -16.82
CA SER A 828 -18.05 -20.95 -18.16
C SER A 828 -17.63 -19.49 -18.25
N GLY A 829 -17.41 -18.80 -17.13
CA GLY A 829 -17.08 -17.38 -17.18
C GLY A 829 -18.21 -16.52 -17.68
N LEU A 830 -19.43 -16.80 -17.23
CA LEU A 830 -20.61 -16.28 -17.90
C LEU A 830 -21.69 -16.15 -16.82
N SER A 831 -22.88 -15.67 -17.20
CA SER A 831 -23.99 -15.59 -16.27
C SER A 831 -25.29 -15.71 -17.05
N ASP A 832 -26.36 -16.00 -16.31
CA ASP A 832 -27.72 -15.88 -16.81
C ASP A 832 -28.45 -14.88 -15.91
N PRO A 833 -28.13 -13.60 -16.02
CA PRO A 833 -28.50 -12.65 -14.95
C PRO A 833 -29.90 -12.07 -15.12
N PHE A 834 -30.80 -12.46 -14.24
CA PHE A 834 -31.93 -11.63 -13.90
C PHE A 834 -31.58 -10.93 -12.60
N ALA A 835 -32.49 -10.12 -12.08
CA ALA A 835 -32.29 -9.54 -10.76
C ALA A 835 -33.64 -9.19 -10.15
N ARG A 836 -33.67 -9.21 -8.82
CA ARG A 836 -34.85 -8.90 -8.04
C ARG A 836 -34.66 -7.49 -7.47
N VAL A 837 -35.59 -6.61 -7.77
CA VAL A 837 -35.54 -5.25 -7.27
C VAL A 837 -36.46 -5.16 -6.06
N PHE A 838 -35.89 -4.71 -4.94
CA PHE A 838 -36.55 -4.67 -3.66
C PHE A 838 -36.91 -3.26 -3.26
N PHE A 839 -38.12 -3.11 -2.69
CA PHE A 839 -38.60 -1.83 -2.19
C PHE A 839 -39.67 -2.11 -1.17
N ILE A 840 -39.35 -1.85 0.11
CA ILE A 840 -40.22 -2.02 1.28
C ILE A 840 -40.76 -3.44 1.37
N ASN A 841 -42.02 -3.62 1.00
CA ASN A 841 -42.75 -4.86 1.27
C ASN A 841 -42.84 -5.76 0.04
N GLN A 842 -42.50 -5.25 -1.14
CA GLN A 842 -42.71 -5.97 -2.39
C GLN A 842 -41.41 -6.06 -3.17
N SER A 843 -41.27 -7.16 -3.91
CA SER A 843 -40.13 -7.36 -4.79
C SER A 843 -40.53 -8.25 -5.96
N GLN A 844 -39.98 -7.94 -7.13
CA GLN A 844 -40.26 -8.67 -8.36
C GLN A 844 -38.98 -8.93 -9.13
N CYS A 845 -39.01 -9.97 -9.96
CA CYS A 845 -37.85 -10.43 -10.71
C CYS A 845 -37.99 -9.99 -12.16
N THR A 846 -36.87 -9.60 -12.78
CA THR A 846 -36.84 -9.37 -14.20
C THR A 846 -36.78 -10.69 -14.95
N GLU A 847 -36.88 -10.60 -16.27
CA GLU A 847 -36.78 -11.78 -17.12
C GLU A 847 -35.34 -12.32 -17.10
N VAL A 848 -35.23 -13.64 -17.04
CA VAL A 848 -33.92 -14.28 -16.99
C VAL A 848 -33.33 -14.32 -18.39
N LEU A 849 -32.42 -13.39 -18.69
CA LEU A 849 -31.73 -13.41 -19.97
C LEU A 849 -30.63 -14.46 -19.92
N ASN A 850 -30.53 -15.24 -21.00
CA ASN A 850 -29.68 -16.41 -21.01
C ASN A 850 -28.35 -16.13 -21.71
N GLU A 851 -27.27 -16.50 -21.04
CA GLU A 851 -25.92 -16.61 -21.60
C GLU A 851 -25.39 -15.26 -22.13
N THR A 852 -25.32 -14.29 -21.22
CA THR A 852 -24.61 -13.04 -21.49
C THR A 852 -24.15 -12.44 -20.16
N LEU A 853 -22.98 -11.81 -20.18
CA LEU A 853 -22.54 -10.98 -19.06
C LEU A 853 -23.07 -9.56 -19.16
N CYS A 854 -23.67 -9.20 -20.30
CA CYS A 854 -24.34 -7.92 -20.50
C CYS A 854 -25.78 -8.20 -20.88
N PRO A 855 -26.67 -8.33 -19.90
CA PRO A 855 -28.09 -8.40 -20.22
C PRO A 855 -28.61 -7.04 -20.64
N THR A 856 -29.60 -7.05 -21.53
CA THR A 856 -30.36 -5.85 -21.88
C THR A 856 -31.82 -6.24 -21.74
N TRP A 857 -32.34 -6.11 -20.52
CA TRP A 857 -33.73 -6.49 -20.25
C TRP A 857 -34.71 -5.57 -20.97
N ASP A 858 -34.39 -4.27 -21.04
CA ASP A 858 -35.23 -3.23 -21.66
C ASP A 858 -36.63 -3.22 -21.03
N GLN A 859 -36.68 -3.33 -19.71
CA GLN A 859 -37.85 -3.81 -19.01
C GLN A 859 -38.18 -2.93 -17.81
N MET A 860 -39.47 -2.69 -17.60
CA MET A 860 -40.00 -1.97 -16.46
C MET A 860 -40.71 -2.94 -15.52
N LEU A 861 -40.11 -3.19 -14.36
CA LEU A 861 -40.88 -3.75 -13.26
C LEU A 861 -41.77 -2.67 -12.66
N VAL A 862 -42.92 -3.08 -12.13
CA VAL A 862 -43.83 -2.12 -11.52
C VAL A 862 -44.48 -2.65 -10.23
N PHE A 863 -43.96 -2.17 -9.10
CA PHE A 863 -44.57 -2.47 -7.81
C PHE A 863 -45.75 -1.54 -7.60
N ASP A 864 -46.91 -2.12 -7.33
CA ASP A 864 -48.15 -1.38 -7.26
C ASP A 864 -48.75 -1.59 -5.87
N ASN A 865 -49.70 -0.70 -5.53
CA ASN A 865 -50.35 -0.56 -4.20
C ASN A 865 -49.37 -0.70 -3.03
N LEU A 866 -48.25 -0.01 -3.13
CA LEU A 866 -47.32 0.12 -2.01
C LEU A 866 -47.90 1.04 -0.95
N GLU A 867 -47.52 0.82 0.30
CA GLU A 867 -48.11 1.52 1.43
C GLU A 867 -47.03 2.16 2.29
N LEU A 868 -46.75 3.44 2.02
CA LEU A 868 -46.13 4.33 2.99
C LEU A 868 -47.14 4.85 4.00
N TYR A 869 -46.61 5.23 5.16
CA TYR A 869 -47.41 5.68 6.30
C TYR A 869 -46.79 6.97 6.82
N GLY A 870 -47.60 8.03 6.88
CA GLY A 870 -47.13 9.31 7.37
C GLY A 870 -46.66 10.24 6.30
N GLU A 871 -46.94 11.53 6.47
CA GLU A 871 -46.51 12.58 5.54
C GLU A 871 -45.11 13.01 5.95
N ALA A 872 -44.10 12.36 5.37
CA ALA A 872 -42.71 12.55 5.77
C ALA A 872 -42.18 13.90 5.30
N HIS A 873 -41.32 14.50 6.13
CA HIS A 873 -40.69 15.76 5.76
C HIS A 873 -39.57 15.49 4.75
N GLU A 874 -39.77 16.03 3.53
CA GLU A 874 -38.83 15.90 2.41
C GLU A 874 -38.54 14.44 2.06
N LEU A 875 -39.59 13.71 1.67
CA LEU A 875 -39.40 12.35 1.19
C LEU A 875 -38.79 12.35 -0.21
N ARG A 876 -38.85 13.48 -0.91
CA ARG A 876 -38.18 13.64 -2.19
C ARG A 876 -36.68 13.54 -2.04
N ASP A 877 -36.11 14.28 -1.07
CA ASP A 877 -34.67 14.33 -0.88
C ASP A 877 -34.14 13.10 -0.16
N ASP A 878 -34.92 12.52 0.76
CA ASP A 878 -34.49 11.29 1.42
C ASP A 878 -35.55 10.19 1.28
N PRO A 879 -35.59 9.48 0.17
CA PRO A 879 -36.58 8.40 0.01
C PRO A 879 -36.18 7.18 0.81
N PRO A 880 -37.09 6.21 0.99
CA PRO A 880 -36.66 4.88 1.44
C PRO A 880 -35.72 4.25 0.41
N ILE A 881 -34.78 3.45 0.92
CA ILE A 881 -33.72 2.93 0.06
C ILE A 881 -34.26 1.81 -0.82
N ILE A 882 -33.64 1.63 -1.98
CA ILE A 882 -33.93 0.51 -2.87
C ILE A 882 -32.72 -0.41 -2.87
N VAL A 883 -32.91 -1.63 -2.43
CA VAL A 883 -31.90 -2.68 -2.57
C VAL A 883 -32.12 -3.33 -3.93
N ILE A 884 -31.04 -3.58 -4.67
CA ILE A 884 -31.09 -4.37 -5.88
C ILE A 884 -30.01 -5.44 -5.76
N GLU A 885 -30.40 -6.70 -5.94
CA GLU A 885 -29.45 -7.82 -5.91
C GLU A 885 -29.60 -8.62 -7.18
N ILE A 886 -28.48 -8.99 -7.77
CA ILE A 886 -28.48 -9.66 -9.06
C ILE A 886 -28.39 -11.14 -8.82
N TYR A 887 -29.06 -11.93 -9.65
CA TYR A 887 -29.08 -13.36 -9.43
C TYR A 887 -28.81 -14.10 -10.74
N ASP A 888 -27.88 -15.06 -10.69
CA ASP A 888 -27.55 -15.89 -11.84
C ASP A 888 -28.38 -17.17 -11.73
N GLN A 889 -29.36 -17.31 -12.63
CA GLN A 889 -30.23 -18.47 -12.56
C GLN A 889 -29.54 -19.68 -13.19
N ASP A 890 -29.61 -20.81 -12.47
CA ASP A 890 -29.05 -22.06 -12.94
C ASP A 890 -30.18 -23.04 -13.21
N SER A 891 -29.81 -24.22 -13.74
CA SER A 891 -30.81 -25.23 -14.09
C SER A 891 -31.38 -25.94 -12.86
N MET A 892 -30.71 -25.83 -11.72
CA MET A 892 -31.19 -26.37 -10.45
C MET A 892 -32.48 -25.71 -9.99
N GLY A 893 -32.64 -24.42 -10.26
CA GLY A 893 -33.62 -23.60 -9.59
C GLY A 893 -33.02 -22.64 -8.60
N LYS A 894 -31.72 -22.78 -8.31
CA LYS A 894 -31.00 -21.83 -7.50
C LYS A 894 -30.78 -20.54 -8.29
N ALA A 895 -30.46 -19.47 -7.56
CA ALA A 895 -30.17 -18.18 -8.15
C ALA A 895 -29.00 -17.59 -7.35
N ASP A 896 -27.79 -17.69 -7.92
CA ASP A 896 -26.57 -17.37 -7.20
C ASP A 896 -26.47 -15.88 -6.92
N PHE A 897 -25.91 -15.54 -5.75
CA PHE A 897 -25.83 -14.16 -5.30
C PHE A 897 -24.77 -13.40 -6.10
N MET A 898 -25.21 -12.68 -7.12
CA MET A 898 -24.35 -11.86 -7.95
C MET A 898 -24.29 -10.42 -7.44
N GLY A 899 -24.04 -10.25 -6.16
CA GLY A 899 -23.79 -8.91 -5.67
C GLY A 899 -25.01 -8.07 -5.35
N ARG A 900 -24.73 -6.87 -4.89
CA ARG A 900 -25.73 -5.99 -4.32
C ARG A 900 -25.33 -4.54 -4.54
N THR A 901 -26.27 -3.78 -5.09
CA THR A 901 -26.12 -2.35 -5.27
C THR A 901 -27.28 -1.67 -4.56
N PHE A 902 -27.17 -0.37 -4.34
CA PHE A 902 -28.17 0.38 -3.60
C PHE A 902 -28.59 1.58 -4.43
N ALA A 903 -29.76 2.14 -4.08
CA ALA A 903 -30.37 3.17 -4.90
C ALA A 903 -31.31 4.02 -4.08
N LYS A 904 -31.66 5.17 -4.64
CA LYS A 904 -32.75 6.01 -4.19
C LYS A 904 -33.58 6.44 -5.39
N PRO A 905 -34.90 6.31 -5.32
CA PRO A 905 -35.73 6.71 -6.46
C PRO A 905 -35.97 8.20 -6.47
N LEU A 906 -36.08 8.74 -7.68
CA LEU A 906 -36.56 10.10 -7.86
C LEU A 906 -38.08 10.10 -7.74
N VAL A 907 -38.61 10.91 -6.83
CA VAL A 907 -40.01 10.82 -6.43
C VAL A 907 -40.78 12.00 -6.99
N LYS A 908 -41.88 11.72 -7.68
CA LYS A 908 -42.82 12.74 -8.15
C LYS A 908 -44.04 12.73 -7.25
N MET A 909 -44.40 13.90 -6.75
CA MET A 909 -45.68 14.04 -6.06
C MET A 909 -46.79 14.25 -7.08
N ALA A 910 -48.04 14.21 -6.58
CA ALA A 910 -49.20 14.33 -7.45
C ALA A 910 -49.32 15.73 -8.02
N ASP A 911 -48.89 16.74 -7.26
CA ASP A 911 -48.85 18.10 -7.77
C ASP A 911 -47.56 18.40 -8.54
N GLU A 912 -46.56 17.54 -8.44
CA GLU A 912 -45.30 17.78 -9.14
C GLU A 912 -45.41 17.32 -10.59
N ALA A 913 -44.72 18.03 -11.48
CA ALA A 913 -44.79 17.72 -12.90
C ALA A 913 -43.75 16.67 -13.28
N TYR A 914 -43.96 16.06 -14.44
CA TYR A 914 -43.07 15.04 -14.98
C TYR A 914 -42.40 15.63 -16.23
N CYS A 915 -41.31 16.36 -16.00
CA CYS A 915 -40.74 17.20 -17.06
C CYS A 915 -39.26 17.40 -16.76
N PRO A 916 -38.46 17.74 -17.78
CA PRO A 916 -37.05 18.13 -17.55
C PRO A 916 -36.96 19.42 -16.76
N PRO A 917 -35.84 19.66 -16.04
CA PRO A 917 -34.59 18.88 -15.96
C PRO A 917 -34.57 17.77 -14.92
N ARG A 918 -35.63 17.62 -14.13
CA ARG A 918 -35.63 16.61 -13.07
C ARG A 918 -35.97 15.23 -13.62
N PHE A 919 -37.18 15.10 -14.14
CA PHE A 919 -37.66 13.86 -14.70
C PHE A 919 -37.46 13.90 -16.21
N PRO A 920 -37.40 12.74 -16.91
CA PRO A 920 -37.55 11.33 -16.53
C PRO A 920 -36.34 10.77 -15.78
N PRO A 921 -36.43 9.55 -15.20
CA PRO A 921 -35.25 8.95 -14.56
C PRO A 921 -34.22 8.43 -15.54
N GLN A 922 -33.29 9.30 -15.95
CA GLN A 922 -32.20 8.89 -16.83
C GLN A 922 -31.36 7.79 -16.18
N LEU A 923 -31.02 6.78 -16.98
CA LEU A 923 -30.27 5.63 -16.50
C LEU A 923 -28.85 6.04 -16.13
N GLU A 924 -28.34 5.46 -15.04
CA GLU A 924 -26.98 5.72 -14.58
C GLU A 924 -26.40 4.42 -14.07
N TYR A 925 -25.10 4.46 -13.74
CA TYR A 925 -24.36 3.26 -13.34
C TYR A 925 -24.37 3.13 -11.83
N TYR A 926 -24.90 2.01 -11.34
CA TYR A 926 -25.06 1.75 -9.91
C TYR A 926 -24.16 0.57 -9.56
N GLN A 927 -23.18 0.80 -8.69
CA GLN A 927 -22.03 -0.07 -8.61
C GLN A 927 -22.35 -1.24 -7.68
N ILE A 928 -22.16 -2.45 -8.19
CA ILE A 928 -22.54 -3.69 -7.52
C ILE A 928 -21.34 -4.24 -6.76
N TYR A 929 -21.55 -4.61 -5.50
CA TYR A 929 -20.48 -5.20 -4.72
C TYR A 929 -20.93 -6.56 -4.20
N ARG A 930 -20.07 -7.57 -4.37
CA ARG A 930 -20.39 -8.87 -3.78
C ARG A 930 -19.94 -8.94 -2.32
N GLY A 931 -19.40 -7.86 -1.79
CA GLY A 931 -18.74 -7.82 -0.50
C GLY A 931 -17.79 -6.63 -0.53
N SER A 932 -16.52 -6.85 -0.19
CA SER A 932 -15.52 -5.80 -0.40
C SER A 932 -15.17 -5.70 -1.88
N ALA A 933 -15.26 -6.82 -2.61
CA ALA A 933 -14.82 -6.88 -4.00
C ALA A 933 -15.87 -6.27 -4.92
N THR A 934 -15.42 -5.62 -5.99
CA THR A 934 -16.32 -5.03 -6.96
C THR A 934 -16.81 -6.08 -7.96
N ALA A 935 -18.05 -5.90 -8.43
CA ALA A 935 -18.70 -6.93 -9.24
C ALA A 935 -19.58 -6.36 -10.36
N GLY A 936 -19.31 -5.14 -10.83
CA GLY A 936 -20.00 -4.65 -12.01
C GLY A 936 -20.82 -3.40 -11.77
N ASP A 937 -21.54 -2.98 -12.82
CA ASP A 937 -22.43 -1.83 -12.80
C ASP A 937 -23.78 -2.24 -13.37
N LEU A 938 -24.87 -1.67 -12.82
CA LEU A 938 -26.16 -1.68 -13.50
C LEU A 938 -26.42 -0.37 -14.22
N LEU A 939 -26.84 -0.46 -15.47
CA LEU A 939 -27.43 0.66 -16.18
C LEU A 939 -28.93 0.63 -15.87
N ALA A 940 -29.33 1.34 -14.83
CA ALA A 940 -30.70 1.29 -14.34
C ALA A 940 -31.06 2.63 -13.72
N ALA A 941 -32.36 2.81 -13.47
CA ALA A 941 -32.90 4.02 -12.86
C ALA A 941 -34.25 3.69 -12.25
N PHE A 942 -34.74 4.58 -11.39
CA PHE A 942 -35.99 4.35 -10.65
C PHE A 942 -36.80 5.63 -10.55
N GLU A 943 -38.12 5.50 -10.71
CA GLU A 943 -39.03 6.61 -10.44
C GLU A 943 -40.14 6.14 -9.50
N LEU A 944 -40.29 6.84 -8.38
CA LEU A 944 -41.32 6.54 -7.38
C LEU A 944 -42.43 7.57 -7.56
N LEU A 945 -43.68 7.11 -7.54
CA LEU A 945 -44.82 7.94 -7.88
C LEU A 945 -45.89 7.72 -6.82
N GLN A 946 -46.51 8.79 -6.32
CA GLN A 946 -47.64 8.54 -5.44
C GLN A 946 -48.91 8.37 -6.27
N ILE A 947 -49.75 7.44 -5.83
CA ILE A 947 -51.09 7.27 -6.38
C ILE A 947 -51.97 8.31 -5.72
N GLY A 948 -52.26 9.40 -6.44
CA GLY A 948 -52.89 10.55 -5.86
C GLY A 948 -54.39 10.42 -5.68
N PRO A 949 -55.08 11.56 -5.50
CA PRO A 949 -56.55 11.53 -5.39
C PRO A 949 -57.26 11.03 -6.63
N SER A 950 -56.67 11.20 -7.80
CA SER A 950 -57.26 10.70 -9.04
C SER A 950 -56.89 9.25 -9.31
N GLY A 951 -56.11 8.61 -8.45
CA GLY A 951 -55.74 7.23 -8.67
C GLY A 951 -54.52 7.12 -9.56
N LYS A 952 -54.62 6.29 -10.58
CA LYS A 952 -53.51 6.07 -11.51
C LYS A 952 -53.51 7.04 -12.68
N ALA A 953 -54.41 8.04 -12.67
CA ALA A 953 -54.52 8.96 -13.79
C ALA A 953 -53.38 9.98 -13.84
N ASP A 954 -52.86 10.37 -12.67
CA ASP A 954 -51.77 11.35 -12.62
C ASP A 954 -50.40 10.71 -12.73
N LEU A 955 -50.33 9.41 -12.95
CA LEU A 955 -49.08 8.73 -13.21
C LEU A 955 -48.53 9.12 -14.58
N PRO A 956 -47.22 8.98 -14.79
CA PRO A 956 -46.67 9.18 -16.14
C PRO A 956 -47.20 8.12 -17.08
N PRO A 957 -47.34 8.44 -18.37
CA PRO A 957 -47.89 7.47 -19.32
C PRO A 957 -46.95 6.30 -19.58
N ILE A 958 -47.54 5.17 -19.90
CA ILE A 958 -46.80 3.93 -20.18
C ILE A 958 -46.92 3.66 -21.67
N ASN A 959 -45.77 3.55 -22.34
CA ASN A 959 -45.75 3.32 -23.77
C ASN A 959 -46.07 1.86 -24.11
N ARG A 966 -44.78 -8.52 -26.18
CA ARG A 966 -43.90 -8.92 -25.08
C ARG A 966 -44.72 -9.44 -23.90
N GLY A 967 -46.04 -9.45 -24.05
CA GLY A 967 -46.93 -9.89 -23.00
C GLY A 967 -46.96 -8.91 -21.84
N PRO A 968 -46.79 -9.42 -20.61
CA PRO A 968 -46.85 -8.53 -19.44
C PRO A 968 -45.63 -7.66 -19.26
N ILE A 969 -44.53 -7.96 -19.96
CA ILE A 969 -43.30 -7.17 -19.81
C ILE A 969 -43.45 -5.85 -20.55
N MET A 970 -43.26 -4.75 -19.83
CA MET A 970 -43.37 -3.43 -20.42
C MET A 970 -41.99 -2.93 -20.85
N PRO A 971 -41.90 -2.21 -21.96
CA PRO A 971 -40.60 -1.66 -22.37
C PRO A 971 -40.25 -0.41 -21.59
N VAL A 972 -38.96 -0.08 -21.61
CA VAL A 972 -38.47 1.17 -21.04
C VAL A 972 -38.95 2.31 -21.93
N PRO A 973 -39.61 3.32 -21.38
CA PRO A 973 -40.22 4.36 -22.22
C PRO A 973 -39.19 5.28 -22.86
N VAL A 974 -39.68 6.11 -23.79
CA VAL A 974 -38.82 7.07 -24.47
C VAL A 974 -38.44 8.18 -23.49
N GLY A 975 -37.28 8.80 -23.71
CA GLY A 975 -36.69 9.73 -22.77
C GLY A 975 -35.88 9.06 -21.67
N ILE A 976 -36.03 7.75 -21.51
CA ILE A 976 -35.33 6.98 -20.49
C ILE A 976 -34.35 6.01 -21.14
N ARG A 977 -34.76 5.40 -22.26
CA ARG A 977 -33.88 4.54 -23.04
C ARG A 977 -32.76 5.34 -23.67
N PRO A 978 -31.59 4.74 -23.86
CA PRO A 978 -30.53 5.38 -24.65
C PRO A 978 -30.95 5.46 -26.12
N VAL A 979 -30.68 6.62 -26.74
CA VAL A 979 -31.03 6.84 -28.13
C VAL A 979 -30.03 6.10 -29.01
N LEU A 980 -30.48 5.04 -29.66
CA LEU A 980 -29.58 4.21 -30.45
C LEU A 980 -29.26 4.85 -31.78
N SER A 981 -28.01 4.72 -32.21
CA SER A 981 -27.52 5.24 -33.47
C SER A 981 -26.71 4.16 -34.16
N LYS A 982 -26.65 4.23 -35.49
CA LYS A 982 -26.05 3.18 -36.29
C LYS A 982 -24.53 3.31 -36.33
N TYR A 983 -23.85 2.22 -35.97
CA TYR A 983 -22.40 2.15 -35.97
C TYR A 983 -21.96 0.97 -36.83
N ARG A 984 -20.65 0.77 -36.89
CA ARG A 984 -20.02 -0.32 -37.61
C ARG A 984 -18.85 -0.84 -36.79
N VAL A 985 -18.75 -2.15 -36.66
CA VAL A 985 -17.72 -2.79 -35.85
C VAL A 985 -16.85 -3.63 -36.77
N GLU A 986 -15.58 -3.24 -36.92
CA GLU A 986 -14.61 -3.96 -37.74
C GLU A 986 -13.52 -4.51 -36.84
N VAL A 987 -13.35 -5.84 -36.85
CA VAL A 987 -12.53 -6.53 -35.86
C VAL A 987 -11.43 -7.33 -36.57
N LEU A 988 -10.19 -7.16 -36.12
CA LEU A 988 -9.07 -7.97 -36.57
C LEU A 988 -9.04 -9.27 -35.77
N PHE A 989 -8.95 -10.39 -36.48
CA PHE A 989 -8.81 -11.71 -35.88
C PHE A 989 -7.39 -12.21 -36.18
N TRP A 990 -6.47 -11.87 -35.28
CA TRP A 990 -5.06 -12.18 -35.54
C TRP A 990 -4.73 -13.63 -35.19
N GLY A 991 -5.10 -14.08 -34.00
CA GLY A 991 -4.88 -15.47 -33.66
C GLY A 991 -5.02 -15.71 -32.18
N LEU A 992 -4.75 -16.97 -31.81
CA LEU A 992 -4.81 -17.43 -30.42
C LEU A 992 -3.50 -18.09 -30.04
N ARG A 993 -3.06 -17.87 -28.80
CA ARG A 993 -1.84 -18.47 -28.29
C ARG A 993 -2.11 -19.17 -26.96
N ASP A 994 -1.73 -20.45 -26.91
CA ASP A 994 -1.59 -21.24 -25.68
C ASP A 994 -2.89 -21.32 -24.87
N LEU A 995 -3.87 -21.98 -25.47
CA LEU A 995 -5.12 -22.25 -24.76
C LEU A 995 -4.95 -23.48 -23.86
N LYS A 996 -5.40 -23.37 -22.62
CA LYS A 996 -5.34 -24.52 -21.72
C LYS A 996 -6.43 -25.53 -22.06
N ARG A 997 -6.33 -26.70 -21.44
CA ARG A 997 -7.28 -27.77 -21.69
C ARG A 997 -8.63 -27.44 -21.06
N VAL A 998 -9.71 -27.93 -21.67
CA VAL A 998 -11.03 -27.79 -21.06
C VAL A 998 -11.22 -29.02 -20.17
N ASN A 999 -10.55 -28.98 -19.01
CA ASN A 999 -10.54 -29.90 -17.86
C ASN A 999 -9.89 -31.25 -18.13
N LEU A 1000 -9.82 -31.70 -19.38
CA LEU A 1000 -8.85 -32.69 -19.83
C LEU A 1000 -8.52 -32.51 -21.31
N ALA A 1001 -9.37 -31.78 -22.03
CA ALA A 1001 -9.49 -31.96 -23.46
C ALA A 1001 -8.78 -30.87 -24.25
N GLN A 1002 -8.20 -31.28 -25.39
CA GLN A 1002 -7.49 -30.36 -26.26
C GLN A 1002 -8.46 -29.58 -27.14
N VAL A 1003 -8.14 -28.30 -27.35
CA VAL A 1003 -8.86 -27.44 -28.29
C VAL A 1003 -7.97 -27.28 -29.52
N ASP A 1004 -8.49 -27.66 -30.68
CA ASP A 1004 -7.68 -27.55 -31.90
C ASP A 1004 -8.45 -26.98 -33.08
N ARG A 1005 -9.75 -26.74 -32.92
CA ARG A 1005 -10.49 -26.02 -33.97
C ARG A 1005 -11.31 -24.87 -33.38
N PRO A 1006 -10.70 -23.77 -32.95
CA PRO A 1006 -11.51 -22.70 -32.34
C PRO A 1006 -12.02 -21.71 -33.38
N ARG A 1007 -13.24 -21.24 -33.16
CA ARG A 1007 -13.85 -20.17 -33.93
C ARG A 1007 -14.30 -19.08 -32.97
N VAL A 1008 -14.09 -17.82 -33.34
CA VAL A 1008 -14.41 -16.70 -32.48
C VAL A 1008 -15.74 -16.09 -32.94
N ASP A 1009 -16.66 -15.94 -31.99
CA ASP A 1009 -17.92 -15.24 -32.20
C ASP A 1009 -17.83 -13.84 -31.60
N ILE A 1010 -18.73 -12.97 -32.02
CA ILE A 1010 -18.88 -11.64 -31.45
C ILE A 1010 -20.34 -11.40 -31.13
N GLU A 1011 -20.62 -11.06 -29.88
CA GLU A 1011 -21.94 -10.61 -29.45
C GLU A 1011 -21.85 -9.13 -29.07
N CYS A 1012 -22.63 -8.30 -29.73
CA CYS A 1012 -22.68 -6.87 -29.42
C CYS A 1012 -24.02 -6.32 -29.86
N ALA A 1013 -24.84 -5.92 -28.88
CA ALA A 1013 -26.13 -5.25 -29.05
C ALA A 1013 -27.09 -6.02 -29.94
N GLY A 1014 -27.03 -7.36 -29.90
CA GLY A 1014 -27.88 -8.20 -30.72
C GLY A 1014 -27.32 -8.58 -32.07
N LYS A 1015 -26.32 -7.84 -32.57
CA LYS A 1015 -25.68 -8.15 -33.83
C LYS A 1015 -24.34 -8.84 -33.59
N GLY A 1016 -23.75 -9.35 -34.67
CA GLY A 1016 -22.42 -9.93 -34.57
C GLY A 1016 -22.07 -10.72 -35.81
N VAL A 1017 -20.82 -11.18 -35.83
CA VAL A 1017 -20.30 -12.03 -36.89
C VAL A 1017 -19.37 -13.07 -36.28
N GLN A 1018 -19.13 -14.15 -37.01
CA GLN A 1018 -18.22 -15.21 -36.61
C GLN A 1018 -17.20 -15.40 -37.73
N SER A 1019 -15.95 -15.64 -37.34
CA SER A 1019 -14.89 -15.72 -38.33
C SER A 1019 -14.76 -17.13 -38.89
N SER A 1020 -13.74 -17.32 -39.72
CA SER A 1020 -13.38 -18.64 -40.20
C SER A 1020 -12.68 -19.42 -39.09
N LEU A 1021 -12.77 -20.74 -39.18
CA LEU A 1021 -12.19 -21.61 -38.17
C LEU A 1021 -10.68 -21.65 -38.29
N ILE A 1022 -10.01 -21.99 -37.19
CA ILE A 1022 -8.61 -22.40 -37.25
C ILE A 1022 -8.59 -23.90 -37.52
N HIS A 1023 -8.18 -24.27 -38.74
CA HIS A 1023 -8.32 -25.65 -39.18
C HIS A 1023 -7.20 -26.55 -38.67
N ASN A 1024 -6.07 -25.97 -38.24
CA ASN A 1024 -5.01 -26.76 -37.64
C ASN A 1024 -4.27 -25.93 -36.60
N TYR A 1025 -4.68 -26.04 -35.33
CA TYR A 1025 -4.12 -25.20 -34.27
C TYR A 1025 -2.68 -25.57 -33.95
N LYS A 1026 -2.28 -26.82 -34.18
CA LYS A 1026 -0.94 -27.27 -33.82
C LYS A 1026 0.13 -26.73 -34.76
N LYS A 1027 -0.26 -26.23 -35.94
CA LYS A 1027 0.73 -25.71 -36.90
C LYS A 1027 0.50 -24.28 -37.32
N ASN A 1028 -0.74 -23.81 -37.45
CA ASN A 1028 -1.03 -22.39 -37.69
C ASN A 1028 -2.11 -21.96 -36.69
N PRO A 1029 -1.73 -21.18 -35.69
CA PRO A 1029 -2.71 -20.75 -34.68
C PRO A 1029 -3.51 -19.52 -35.08
N ASN A 1030 -3.45 -19.13 -36.35
CA ASN A 1030 -4.06 -17.89 -36.81
C ASN A 1030 -5.32 -18.19 -37.61
N PHE A 1031 -6.29 -17.28 -37.51
CA PHE A 1031 -7.52 -17.40 -38.30
C PHE A 1031 -7.22 -17.12 -39.76
N ASN A 1032 -7.92 -17.82 -40.65
CA ASN A 1032 -7.70 -17.65 -42.08
C ASN A 1032 -8.21 -16.30 -42.58
N THR A 1033 -9.43 -15.94 -42.19
CA THR A 1033 -9.97 -14.62 -42.51
C THR A 1033 -9.45 -13.64 -41.46
N LEU A 1034 -8.79 -12.58 -41.92
CA LEU A 1034 -8.10 -11.71 -40.97
C LEU A 1034 -8.98 -10.58 -40.47
N VAL A 1035 -9.93 -10.11 -41.27
CA VAL A 1035 -10.87 -9.07 -40.84
C VAL A 1035 -12.28 -9.48 -41.24
N LYS A 1036 -13.19 -9.45 -40.27
CA LYS A 1036 -14.61 -9.58 -40.56
C LYS A 1036 -15.36 -8.51 -39.77
N TRP A 1037 -16.47 -8.04 -40.34
CA TRP A 1037 -17.15 -6.87 -39.81
C TRP A 1037 -18.66 -7.00 -39.97
N PHE A 1038 -19.38 -6.17 -39.22
CA PHE A 1038 -20.83 -6.10 -39.29
C PHE A 1038 -21.27 -4.69 -38.92
N GLU A 1039 -22.57 -4.46 -38.96
CA GLU A 1039 -23.17 -3.23 -38.48
C GLU A 1039 -23.99 -3.49 -37.22
N VAL A 1040 -24.24 -2.43 -36.45
CA VAL A 1040 -24.71 -2.55 -35.08
C VAL A 1040 -25.40 -1.26 -34.70
N ASP A 1041 -26.18 -1.29 -33.62
CA ASP A 1041 -26.79 -0.10 -33.03
C ASP A 1041 -26.22 0.11 -31.63
N LEU A 1042 -25.55 1.25 -31.43
CA LEU A 1042 -24.93 1.61 -30.16
C LEU A 1042 -25.42 2.99 -29.75
N PRO A 1043 -25.52 3.26 -28.45
CA PRO A 1043 -26.11 4.53 -27.99
C PRO A 1043 -25.28 5.76 -28.34
N GLU A 1044 -25.98 6.89 -28.50
CA GLU A 1044 -25.35 8.17 -28.80
C GLU A 1044 -24.53 8.69 -27.63
N ASN A 1045 -24.97 8.44 -26.40
CA ASN A 1045 -24.26 8.88 -25.21
C ASN A 1045 -22.98 8.07 -25.09
N GLU A 1046 -21.84 8.76 -24.97
CA GLU A 1046 -20.55 8.11 -25.13
C GLU A 1046 -20.17 7.22 -23.95
N LEU A 1047 -20.86 7.34 -22.81
CA LEU A 1047 -20.59 6.43 -21.71
C LEU A 1047 -21.59 5.29 -21.65
N LEU A 1048 -22.57 5.27 -22.55
CA LEU A 1048 -23.64 4.28 -22.43
C LEU A 1048 -23.49 3.11 -23.40
N HIS A 1049 -22.33 2.92 -24.03
CA HIS A 1049 -22.13 1.78 -24.90
C HIS A 1049 -22.11 0.48 -24.08
N PRO A 1050 -22.72 -0.58 -24.57
CA PRO A 1050 -22.62 -1.87 -23.89
C PRO A 1050 -21.23 -2.46 -24.06
N PRO A 1051 -20.82 -3.38 -23.19
CA PRO A 1051 -19.55 -4.07 -23.39
C PRO A 1051 -19.57 -5.00 -24.61
N LEU A 1052 -18.67 -4.73 -25.54
CA LEU A 1052 -18.57 -5.53 -26.75
C LEU A 1052 -17.93 -6.87 -26.40
N ASN A 1053 -18.65 -7.96 -26.65
CA ASN A 1053 -18.35 -9.27 -26.06
C ASN A 1053 -17.75 -10.21 -27.11
N ILE A 1054 -16.42 -10.28 -27.14
CA ILE A 1054 -15.73 -11.37 -27.83
C ILE A 1054 -16.07 -12.67 -27.12
N ARG A 1055 -16.34 -13.72 -27.89
CA ARG A 1055 -16.68 -15.02 -27.32
C ARG A 1055 -16.12 -16.13 -28.21
N VAL A 1056 -14.90 -16.57 -27.91
CA VAL A 1056 -14.25 -17.65 -28.65
C VAL A 1056 -14.80 -18.97 -28.12
N VAL A 1057 -15.30 -19.80 -29.02
CA VAL A 1057 -15.75 -21.15 -28.72
C VAL A 1057 -14.88 -22.13 -29.48
N ASP A 1058 -14.95 -23.40 -29.09
CA ASP A 1058 -14.29 -24.48 -29.82
C ASP A 1058 -15.32 -25.08 -30.77
N CYS A 1059 -15.19 -24.76 -32.06
CA CYS A 1059 -16.17 -25.16 -33.06
C CYS A 1059 -15.97 -26.62 -33.49
N ARG A 1060 -16.60 -27.50 -32.73
CA ARG A 1060 -16.61 -28.93 -33.06
C ARG A 1060 -17.82 -29.26 -33.93
N ALA A 1061 -17.87 -30.52 -34.36
CA ALA A 1061 -19.04 -31.03 -35.03
C ALA A 1061 -20.12 -31.39 -34.00
N PHE A 1062 -21.31 -31.69 -34.53
CA PHE A 1062 -22.50 -32.10 -33.77
C PHE A 1062 -22.94 -31.05 -32.74
N GLY A 1063 -22.64 -29.78 -32.96
CA GLY A 1063 -23.04 -28.73 -32.05
C GLY A 1063 -22.29 -28.72 -30.73
N ARG A 1064 -21.11 -29.33 -30.66
CA ARG A 1064 -20.36 -29.38 -29.42
C ARG A 1064 -19.46 -28.16 -29.27
N TYR A 1065 -20.07 -26.99 -29.12
CA TYR A 1065 -19.31 -25.75 -29.02
C TYR A 1065 -18.89 -25.50 -27.58
N THR A 1066 -17.83 -26.18 -27.12
CA THR A 1066 -17.33 -25.96 -25.77
C THR A 1066 -16.64 -24.61 -25.68
N LEU A 1067 -17.13 -23.77 -24.78
CA LEU A 1067 -16.73 -22.37 -24.75
C LEU A 1067 -15.30 -22.21 -24.26
N VAL A 1068 -14.45 -21.60 -25.09
CA VAL A 1068 -13.06 -21.38 -24.73
C VAL A 1068 -12.92 -20.18 -23.79
N GLY A 1069 -13.49 -19.05 -24.16
CA GLY A 1069 -13.35 -17.86 -23.34
C GLY A 1069 -14.21 -16.73 -23.85
N SER A 1070 -14.21 -15.66 -23.08
CA SER A 1070 -15.01 -14.48 -23.39
C SER A 1070 -14.33 -13.25 -22.81
N HIS A 1071 -14.16 -12.24 -23.64
CA HIS A 1071 -13.64 -10.95 -23.21
C HIS A 1071 -14.72 -9.91 -23.37
N ALA A 1072 -15.00 -9.17 -22.31
CA ALA A 1072 -15.93 -8.06 -22.34
C ALA A 1072 -15.11 -6.78 -22.28
N VAL A 1073 -15.16 -5.99 -23.36
CA VAL A 1073 -14.46 -4.71 -23.38
C VAL A 1073 -15.19 -3.76 -22.44
N SER A 1074 -14.45 -3.20 -21.48
CA SER A 1074 -15.05 -2.38 -20.44
C SER A 1074 -15.62 -1.08 -21.00
N SER A 1075 -14.92 -0.46 -21.93
CA SER A 1075 -15.42 0.73 -22.60
C SER A 1075 -14.82 0.81 -23.99
N LEU A 1076 -15.63 1.24 -24.95
CA LEU A 1076 -15.18 1.35 -26.33
C LEU A 1076 -14.37 2.63 -26.59
N ARG A 1077 -14.03 3.39 -25.55
CA ARG A 1077 -13.25 4.62 -25.70
C ARG A 1077 -11.85 4.34 -26.22
N ARG A 1078 -11.31 3.16 -25.95
CA ARG A 1078 -10.04 2.73 -26.50
C ARG A 1078 -10.10 2.47 -28.00
N PHE A 1079 -11.29 2.26 -28.55
CA PHE A 1079 -11.43 1.77 -29.91
C PHE A 1079 -12.31 2.61 -30.83
N ILE A 1080 -12.83 3.76 -30.40
CA ILE A 1080 -13.54 4.63 -31.35
C ILE A 1080 -12.53 5.28 -32.28
N TYR A 1081 -12.68 5.05 -33.58
CA TYR A 1081 -11.76 5.60 -34.55
C TYR A 1081 -12.15 7.02 -34.91
N ARG A 1082 -11.16 7.92 -34.86
CA ARG A 1082 -11.29 9.29 -35.31
C ARG A 1082 -10.11 9.59 -36.20
N PRO A 1083 -10.26 10.44 -37.22
CA PRO A 1083 -9.15 10.68 -38.15
C PRO A 1083 -8.08 11.52 -37.50
N PRO A 1084 -6.82 11.30 -37.84
CA PRO A 1084 -5.74 12.12 -37.29
C PRO A 1084 -5.64 13.45 -38.02
N ASP A 1085 -4.71 14.28 -37.55
CA ASP A 1085 -4.49 15.61 -38.12
C ASP A 1085 -3.83 15.52 -39.49
N ASP A 1153 42.60 2.93 -16.41
CA ASP A 1153 42.59 4.12 -17.26
C ASP A 1153 41.16 4.52 -17.61
N GLU A 1154 40.99 5.76 -18.09
CA GLU A 1154 39.67 6.24 -18.50
C GLU A 1154 39.21 5.60 -19.80
N SER A 1155 40.15 5.20 -20.67
CA SER A 1155 39.79 4.50 -21.90
C SER A 1155 39.60 3.01 -21.70
N MET A 1156 40.11 2.44 -20.61
CA MET A 1156 39.89 1.04 -20.29
C MET A 1156 38.56 0.92 -19.54
N LEU A 1157 37.52 0.59 -20.32
CA LEU A 1157 36.15 0.52 -19.81
C LEU A 1157 35.55 -0.83 -20.16
N ASP A 1158 34.97 -1.49 -19.17
CA ASP A 1158 34.24 -2.73 -19.36
C ASP A 1158 32.81 -2.37 -19.80
N TRP A 1159 31.92 -3.37 -19.82
CA TRP A 1159 30.49 -3.10 -20.00
C TRP A 1159 30.04 -2.15 -18.89
N TRP A 1160 30.41 -2.49 -17.66
CA TRP A 1160 29.74 -2.04 -16.46
C TRP A 1160 29.98 -0.57 -16.18
N SER A 1161 30.93 0.04 -16.88
CA SER A 1161 31.12 1.49 -16.80
C SER A 1161 29.90 2.22 -17.35
N LYS A 1162 29.32 1.73 -18.45
CA LYS A 1162 28.19 2.42 -19.05
C LYS A 1162 26.87 1.90 -18.51
N TYR A 1163 26.90 0.92 -17.61
CA TYR A 1163 25.74 0.65 -16.76
C TYR A 1163 25.77 1.50 -15.51
N PHE A 1164 26.94 1.62 -14.88
CA PHE A 1164 27.06 2.32 -13.61
C PHE A 1164 26.93 3.82 -13.78
N ALA A 1165 27.33 4.33 -14.95
CA ALA A 1165 27.13 5.75 -15.23
C ALA A 1165 25.65 6.07 -15.41
N SER A 1166 24.90 5.16 -16.03
CA SER A 1166 23.50 5.39 -16.30
C SER A 1166 22.64 5.23 -15.05
N ILE A 1167 23.02 4.31 -14.16
CA ILE A 1167 22.27 4.16 -12.91
C ILE A 1167 22.58 5.32 -11.98
N ASP A 1168 23.71 5.99 -12.19
CA ASP A 1168 24.00 7.23 -11.47
C ASP A 1168 23.17 8.38 -12.01
N THR A 1169 22.82 8.33 -13.30
CA THR A 1169 22.05 9.40 -13.92
C THR A 1169 20.62 9.43 -13.40
N MET A 1170 19.97 8.27 -13.38
CA MET A 1170 18.56 8.23 -12.97
C MET A 1170 18.40 8.31 -11.46
N LYS A 1171 19.40 7.89 -10.69
CA LYS A 1171 19.33 8.05 -9.24
C LYS A 1171 19.55 9.50 -8.84
N GLU A 1172 20.53 10.16 -9.42
CA GLU A 1172 20.84 11.55 -9.10
C GLU A 1172 20.73 12.44 -10.33
N ALA A 1234 30.71 13.15 -19.93
CA ALA A 1234 30.73 12.67 -21.31
C ALA A 1234 31.86 11.69 -21.53
N LYS A 1235 32.56 11.33 -20.44
CA LYS A 1235 33.62 10.33 -20.52
C LYS A 1235 33.06 8.94 -20.80
N ILE A 1236 31.85 8.66 -20.34
CA ILE A 1236 31.21 7.37 -20.56
C ILE A 1236 29.89 7.62 -21.28
N ASP A 1237 29.63 6.84 -22.33
CA ASP A 1237 28.33 6.85 -22.98
C ASP A 1237 27.31 6.22 -22.05
N GLU A 1238 26.04 6.58 -22.22
CA GLU A 1238 24.99 6.18 -21.28
C GLU A 1238 23.81 5.55 -22.00
N LEU A 1239 23.36 4.41 -21.50
CA LEU A 1239 22.10 3.80 -21.90
C LEU A 1239 20.94 4.45 -21.15
N LYS A 1240 19.76 3.85 -21.29
CA LYS A 1240 18.56 4.34 -20.61
C LYS A 1240 18.09 3.29 -19.61
N VAL A 1241 18.39 3.50 -18.32
CA VAL A 1241 17.87 2.63 -17.27
C VAL A 1241 16.42 3.00 -17.03
N TYR A 1242 15.50 2.16 -17.49
CA TYR A 1242 14.09 2.39 -17.20
C TYR A 1242 13.77 1.83 -15.81
N PRO A 1243 13.30 2.66 -14.87
CA PRO A 1243 13.09 2.17 -13.50
C PRO A 1243 11.89 1.23 -13.37
N LYS A 1244 11.01 1.21 -14.36
CA LYS A 1244 9.84 0.33 -14.36
C LYS A 1244 9.89 -0.54 -15.60
N GLU A 1245 8.80 -1.24 -15.90
CA GLU A 1245 8.74 -1.98 -17.16
C GLU A 1245 8.71 -1.01 -18.33
N LEU A 1246 9.16 -1.51 -19.48
CA LEU A 1246 9.29 -0.66 -20.67
C LEU A 1246 7.90 -0.36 -21.25
N GLU A 1247 6.91 -1.18 -20.88
CA GLU A 1247 5.54 -0.98 -21.30
C GLU A 1247 4.96 0.33 -20.77
N SER A 1248 5.29 0.68 -19.54
CA SER A 1248 4.63 1.76 -18.81
C SER A 1248 4.87 3.15 -19.40
N GLU A 1249 5.90 3.32 -20.24
CA GLU A 1249 6.15 4.59 -20.88
C GLU A 1249 5.87 4.55 -22.38
N PHE A 1250 5.54 3.38 -22.92
CA PHE A 1250 5.34 3.18 -24.36
C PHE A 1250 3.93 2.72 -24.69
N ASP A 1251 2.98 2.93 -23.76
CA ASP A 1251 1.56 2.55 -23.91
C ASP A 1251 1.40 1.05 -24.16
N SER A 1252 2.29 0.26 -23.54
CA SER A 1252 2.34 -1.20 -23.58
C SER A 1252 2.54 -1.76 -25.00
N PHE A 1253 3.02 -0.93 -25.94
CA PHE A 1253 3.31 -1.25 -27.33
C PHE A 1253 2.10 -1.77 -28.09
N GLU A 1254 0.89 -1.46 -27.63
CA GLU A 1254 -0.33 -1.91 -28.29
C GLU A 1254 -0.87 -0.76 -29.17
N ASP A 1255 -0.12 -0.51 -30.24
CA ASP A 1255 -0.56 0.48 -31.23
C ASP A 1255 -1.77 -0.04 -31.98
N TRP A 1256 -1.71 -1.28 -32.45
CA TRP A 1256 -2.87 -1.89 -33.09
C TRP A 1256 -3.14 -3.26 -32.47
N LEU A 1257 -2.10 -3.96 -32.03
CA LEU A 1257 -2.25 -5.30 -31.46
C LEU A 1257 -2.60 -5.18 -29.98
N HIS A 1258 -3.90 -5.17 -29.68
CA HIS A 1258 -4.38 -5.12 -28.30
C HIS A 1258 -4.70 -6.54 -27.84
N THR A 1259 -4.00 -6.99 -26.80
CA THR A 1259 -4.26 -8.32 -26.27
C THR A 1259 -5.52 -8.32 -25.42
N PHE A 1260 -6.44 -9.22 -25.74
CA PHE A 1260 -7.65 -9.46 -24.97
C PHE A 1260 -7.49 -10.79 -24.26
N ASN A 1261 -8.18 -10.94 -23.14
CA ASN A 1261 -8.04 -12.09 -22.27
C ASN A 1261 -9.31 -12.92 -22.29
N LEU A 1262 -9.16 -14.21 -22.58
CA LEU A 1262 -10.30 -15.12 -22.67
C LEU A 1262 -10.61 -15.62 -21.26
N LEU A 1263 -11.69 -15.09 -20.67
CA LEU A 1263 -12.05 -15.45 -19.32
C LEU A 1263 -13.02 -16.62 -19.31
N ARG A 1264 -12.65 -17.69 -18.62
CA ARG A 1264 -13.59 -18.71 -18.21
C ARG A 1264 -13.54 -18.83 -16.70
N GLY A 1265 -14.57 -19.45 -16.14
CA GLY A 1265 -14.64 -19.66 -14.70
C GLY A 1265 -15.19 -18.45 -13.97
N LYS A 1266 -15.60 -18.68 -12.73
CA LYS A 1266 -16.18 -17.62 -11.92
C LYS A 1266 -15.13 -16.61 -11.49
N THR A 1267 -15.56 -15.36 -11.35
CA THR A 1267 -14.69 -14.31 -10.85
C THR A 1267 -14.42 -14.54 -9.35
N GLY A 1268 -13.37 -13.92 -8.85
CA GLY A 1268 -12.97 -14.15 -7.47
C GLY A 1268 -13.28 -13.03 -6.50
N ASP A 1269 -13.54 -13.39 -5.25
CA ASP A 1269 -13.60 -12.43 -4.15
C ASP A 1269 -12.20 -12.19 -3.60
N ASP A 1270 -12.16 -11.56 -2.42
CA ASP A 1270 -10.91 -11.52 -1.67
C ASP A 1270 -10.72 -12.78 -0.84
N GLU A 1271 -11.74 -13.64 -0.76
CA GLU A 1271 -11.70 -14.84 0.05
C GLU A 1271 -11.81 -16.07 -0.84
N ASP A 1272 -10.86 -17.00 -0.70
CA ASP A 1272 -10.86 -18.34 -1.30
C ASP A 1272 -10.92 -18.34 -2.83
N GLY A 1273 -10.48 -17.25 -3.46
CA GLY A 1273 -10.55 -17.13 -4.90
C GLY A 1273 -9.26 -16.62 -5.52
N SER A 1274 -9.36 -16.32 -6.81
CA SER A 1274 -8.25 -15.76 -7.57
C SER A 1274 -8.77 -14.56 -8.35
N THR A 1275 -7.90 -13.56 -8.52
CA THR A 1275 -8.37 -12.30 -9.09
C THR A 1275 -8.45 -12.32 -10.62
N GLU A 1276 -7.31 -12.37 -11.31
CA GLU A 1276 -7.35 -12.17 -12.75
C GLU A 1276 -6.76 -13.32 -13.57
N GLU A 1277 -5.57 -13.78 -13.19
CA GLU A 1277 -4.75 -14.55 -14.12
C GLU A 1277 -5.20 -16.00 -14.26
N GLU A 1278 -5.87 -16.56 -13.25
CA GLU A 1278 -6.39 -17.91 -13.36
C GLU A 1278 -7.52 -17.97 -14.37
N ARG A 1279 -8.37 -16.95 -14.42
CA ARG A 1279 -9.43 -16.87 -15.41
C ARG A 1279 -8.91 -16.75 -16.83
N ILE A 1280 -7.70 -16.21 -17.01
CA ILE A 1280 -7.06 -16.14 -18.32
C ILE A 1280 -6.30 -17.42 -18.57
N VAL A 1281 -6.98 -18.44 -19.10
CA VAL A 1281 -6.30 -19.67 -19.50
C VAL A 1281 -5.73 -19.57 -20.90
N GLY A 1282 -6.17 -18.57 -21.67
CA GLY A 1282 -5.68 -18.35 -23.02
C GLY A 1282 -6.01 -16.93 -23.39
N ARG A 1283 -5.34 -16.45 -24.44
CA ARG A 1283 -5.42 -15.05 -24.82
C ARG A 1283 -5.76 -14.94 -26.30
N PHE A 1284 -6.55 -13.92 -26.63
CA PHE A 1284 -6.91 -13.61 -28.01
C PHE A 1284 -6.15 -12.37 -28.45
N LYS A 1285 -5.50 -12.44 -29.60
CA LYS A 1285 -4.76 -11.31 -30.16
C LYS A 1285 -5.58 -10.74 -31.31
N GLY A 1286 -5.74 -9.43 -31.31
CA GLY A 1286 -6.53 -8.80 -32.33
C GLY A 1286 -6.73 -7.33 -32.06
N SER A 1287 -7.76 -6.77 -32.66
CA SER A 1287 -8.05 -5.36 -32.50
C SER A 1287 -9.53 -5.11 -32.78
N LEU A 1288 -10.01 -3.96 -32.31
CA LEU A 1288 -11.35 -3.50 -32.64
C LEU A 1288 -11.25 -2.11 -33.26
N CYS A 1289 -12.24 -1.78 -34.06
CA CYS A 1289 -12.31 -0.45 -34.69
C CYS A 1289 -13.77 -0.15 -34.94
N VAL A 1290 -14.37 0.64 -34.04
CA VAL A 1290 -15.80 0.93 -34.07
C VAL A 1290 -15.97 2.41 -34.37
N TYR A 1291 -16.85 2.73 -35.31
CA TYR A 1291 -17.08 4.11 -35.70
C TYR A 1291 -18.50 4.22 -36.23
N LYS A 1292 -18.96 5.46 -36.38
CA LYS A 1292 -20.32 5.71 -36.86
C LYS A 1292 -20.46 5.28 -38.31
N VAL A 1293 -21.63 4.73 -38.65
CA VAL A 1293 -21.85 3.99 -39.90
C VAL A 1293 -21.66 4.78 -41.18
N PRO A 1294 -21.70 6.16 -41.24
CA PRO A 1294 -21.06 6.79 -42.41
C PRO A 1294 -19.54 6.78 -42.29
N LEU A 1295 -18.87 6.11 -43.21
CA LEU A 1295 -17.41 6.06 -43.20
C LEU A 1295 -16.88 7.41 -43.66
N PRO A 1296 -16.08 8.10 -42.83
CA PRO A 1296 -15.54 9.40 -43.24
C PRO A 1296 -14.49 9.25 -44.34
N GLU A 1297 -14.35 10.30 -45.13
CA GLU A 1297 -13.40 10.27 -46.24
C GLU A 1297 -11.96 10.32 -45.75
N ASP A 1298 -11.68 11.14 -44.74
CA ASP A 1298 -10.33 11.20 -44.19
C ASP A 1298 -9.97 9.93 -43.41
N VAL A 1299 -10.97 9.25 -42.84
CA VAL A 1299 -10.73 7.95 -42.22
C VAL A 1299 -10.40 6.91 -43.28
N SER A 1300 -11.04 6.98 -44.44
CA SER A 1300 -10.71 6.08 -45.54
C SER A 1300 -9.34 6.39 -46.12
N ARG A 1301 -8.94 7.66 -46.11
CA ARG A 1301 -7.64 8.04 -46.64
C ARG A 1301 -6.50 7.63 -45.69
N GLU A 1302 -6.66 7.88 -44.40
CA GLU A 1302 -5.59 7.63 -43.44
C GLU A 1302 -5.70 6.28 -42.75
N ALA A 1303 -6.72 5.49 -43.06
CA ALA A 1303 -6.94 4.21 -42.41
C ALA A 1303 -7.22 3.07 -43.38
N GLY A 1304 -7.78 3.36 -44.55
CA GLY A 1304 -7.81 2.41 -45.65
C GLY A 1304 -8.94 1.39 -45.60
N TYR A 1305 -9.81 1.39 -46.61
CA TYR A 1305 -10.84 0.36 -46.73
C TYR A 1305 -10.40 -0.67 -47.76
N ASP A 1306 -10.04 -1.86 -47.29
CA ASP A 1306 -9.79 -3.02 -48.10
C ASP A 1306 -10.94 -4.00 -47.94
N PRO A 1307 -11.28 -4.76 -48.97
CA PRO A 1307 -12.42 -5.70 -48.85
C PRO A 1307 -12.15 -6.88 -47.93
N THR A 1308 -10.89 -7.15 -47.57
CA THR A 1308 -10.58 -8.19 -46.61
C THR A 1308 -9.70 -7.67 -45.47
N TYR A 1309 -9.16 -6.45 -45.60
CA TYR A 1309 -8.21 -5.89 -44.66
C TYR A 1309 -8.61 -4.47 -44.28
N GLY A 1310 -9.89 -4.26 -43.96
CA GLY A 1310 -10.39 -2.90 -43.76
C GLY A 1310 -10.03 -2.34 -42.39
N MET A 1311 -9.77 -1.03 -42.34
CA MET A 1311 -9.43 -0.26 -41.14
C MET A 1311 -8.15 -0.71 -40.42
N PHE A 1312 -7.29 -1.48 -41.07
CA PHE A 1312 -6.00 -1.86 -40.51
C PHE A 1312 -4.95 -1.76 -41.61
N GLN A 1313 -4.14 -0.70 -41.56
CA GLN A 1313 -2.99 -0.56 -42.46
C GLN A 1313 -1.72 -0.62 -41.64
N GLY A 1314 -0.60 -0.71 -42.35
CA GLY A 1314 0.64 -1.07 -41.71
C GLY A 1314 0.69 -2.50 -41.23
N ILE A 1315 -0.13 -3.37 -41.80
CA ILE A 1315 -0.23 -4.75 -41.29
C ILE A 1315 0.98 -5.54 -41.75
N PRO A 1316 1.48 -6.48 -40.96
CA PRO A 1316 2.56 -7.36 -41.43
C PRO A 1316 1.98 -8.66 -42.00
N SER A 1317 2.89 -9.51 -42.46
CA SER A 1317 2.49 -10.84 -42.93
C SER A 1317 2.09 -11.71 -41.75
N ASN A 1318 0.93 -12.37 -41.87
CA ASN A 1318 0.46 -13.25 -40.80
C ASN A 1318 1.24 -14.55 -40.78
N ASP A 1319 1.88 -14.90 -41.91
CA ASP A 1319 2.61 -16.15 -42.07
C ASP A 1319 3.83 -16.18 -41.14
N PRO A 1320 4.22 -17.38 -40.68
CA PRO A 1320 5.30 -17.47 -39.67
C PRO A 1320 6.66 -16.98 -40.16
N ILE A 1321 7.38 -16.35 -39.23
CA ILE A 1321 8.73 -15.85 -39.46
C ILE A 1321 9.56 -16.24 -38.24
N ASN A 1322 10.70 -16.91 -38.48
CA ASN A 1322 11.52 -17.42 -37.40
C ASN A 1322 12.37 -16.30 -36.80
N VAL A 1323 12.52 -16.31 -35.48
CA VAL A 1323 13.22 -15.25 -34.75
C VAL A 1323 14.19 -15.87 -33.75
N LEU A 1324 15.45 -15.44 -33.80
CA LEU A 1324 16.44 -15.87 -32.82
C LEU A 1324 16.38 -14.89 -31.65
N VAL A 1325 16.17 -15.42 -30.44
CA VAL A 1325 15.99 -14.63 -29.23
C VAL A 1325 17.09 -14.95 -28.23
N ARG A 1326 17.67 -13.90 -27.63
CA ARG A 1326 18.69 -14.04 -26.59
C ARG A 1326 18.40 -13.04 -25.49
N ILE A 1327 18.53 -13.46 -24.24
CA ILE A 1327 18.10 -12.66 -23.09
C ILE A 1327 19.31 -12.35 -22.23
N TYR A 1328 19.71 -11.07 -22.20
CA TYR A 1328 20.62 -10.58 -21.16
C TYR A 1328 19.81 -10.19 -19.93
N VAL A 1329 19.93 -11.02 -18.90
CA VAL A 1329 19.53 -10.59 -17.57
C VAL A 1329 20.70 -9.86 -16.93
N VAL A 1330 20.54 -8.56 -16.68
CA VAL A 1330 21.65 -7.75 -16.19
C VAL A 1330 21.88 -8.02 -14.71
N ARG A 1331 20.89 -7.73 -13.88
CA ARG A 1331 21.02 -7.81 -12.44
C ARG A 1331 19.62 -8.00 -11.86
N ALA A 1332 19.53 -7.84 -10.55
CA ALA A 1332 18.26 -7.70 -9.85
C ALA A 1332 18.51 -6.97 -8.53
N THR A 1333 17.45 -6.35 -8.01
CA THR A 1333 17.47 -5.69 -6.71
C THR A 1333 16.26 -6.11 -5.91
N ASP A 1334 16.36 -5.98 -4.59
CA ASP A 1334 15.26 -6.13 -3.63
C ASP A 1334 14.55 -7.48 -3.71
N LEU A 1335 15.30 -8.56 -3.91
CA LEU A 1335 14.67 -9.86 -4.11
C LEU A 1335 14.12 -10.42 -2.80
N HIS A 1336 13.05 -11.20 -2.92
CA HIS A 1336 12.49 -11.88 -1.76
C HIS A 1336 13.36 -13.09 -1.41
N PRO A 1337 13.75 -13.24 -0.14
CA PRO A 1337 14.56 -14.40 0.25
C PRO A 1337 13.81 -15.72 0.16
N ALA A 1338 14.54 -16.82 -0.02
CA ALA A 1338 13.86 -18.11 -0.05
C ALA A 1338 14.62 -19.21 0.70
N ASP A 1339 15.39 -18.87 1.74
CA ASP A 1339 16.11 -19.89 2.50
C ASP A 1339 16.11 -19.49 3.97
N ILE A 1340 16.57 -20.41 4.81
CA ILE A 1340 16.57 -20.20 6.25
C ILE A 1340 17.66 -19.25 6.71
N ASN A 1341 18.63 -18.93 5.87
CA ASN A 1341 19.65 -17.95 6.21
C ASN A 1341 19.22 -16.52 5.91
N GLY A 1342 18.01 -16.32 5.41
CA GLY A 1342 17.54 -15.00 5.05
C GLY A 1342 17.99 -14.52 3.70
N LYS A 1343 18.67 -15.37 2.92
CA LYS A 1343 19.18 -15.03 1.61
C LYS A 1343 18.58 -15.96 0.55
N ALA A 1344 18.98 -15.76 -0.70
CA ALA A 1344 18.50 -16.55 -1.82
C ALA A 1344 19.67 -16.85 -2.74
N ASP A 1345 19.50 -17.87 -3.58
CA ASP A 1345 20.52 -18.25 -4.55
C ASP A 1345 19.93 -18.15 -5.96
N PRO A 1346 19.79 -16.95 -6.51
CA PRO A 1346 19.04 -16.80 -7.77
C PRO A 1346 19.80 -17.30 -8.99
N TYR A 1347 19.10 -18.04 -9.83
CA TYR A 1347 19.53 -18.35 -11.18
C TYR A 1347 18.37 -18.05 -12.13
N ILE A 1348 18.69 -17.72 -13.37
CA ILE A 1348 17.67 -17.37 -14.35
C ILE A 1348 17.25 -18.61 -15.12
N ALA A 1349 15.95 -18.90 -15.10
CA ALA A 1349 15.35 -19.95 -15.91
C ALA A 1349 14.31 -19.35 -16.83
N ILE A 1350 14.41 -19.70 -18.12
CA ILE A 1350 13.58 -19.10 -19.15
C ILE A 1350 12.70 -20.16 -19.78
N LYS A 1351 11.41 -19.85 -19.92
CA LYS A 1351 10.45 -20.67 -20.65
C LYS A 1351 10.05 -19.92 -21.91
N LEU A 1352 10.20 -20.56 -23.07
CA LEU A 1352 9.68 -20.03 -24.32
C LEU A 1352 9.50 -21.16 -25.32
N GLY A 1353 8.24 -21.48 -25.63
CA GLY A 1353 7.97 -22.52 -26.61
C GLY A 1353 8.36 -23.89 -26.09
N LYS A 1354 9.17 -24.59 -26.87
CA LYS A 1354 9.60 -25.93 -26.50
C LYS A 1354 10.75 -25.92 -25.48
N THR A 1355 11.44 -24.80 -25.32
CA THR A 1355 12.68 -24.78 -24.55
C THR A 1355 12.40 -24.78 -23.06
N ASP A 1356 13.24 -25.53 -22.33
CA ASP A 1356 13.19 -25.61 -20.86
C ASP A 1356 14.63 -25.45 -20.38
N ILE A 1357 15.04 -24.20 -20.15
CA ILE A 1357 16.37 -23.89 -19.66
C ILE A 1357 16.25 -23.51 -18.19
N ARG A 1358 17.04 -24.17 -17.34
CA ARG A 1358 17.23 -23.72 -15.96
C ARG A 1358 18.70 -23.90 -15.62
N ASP A 1359 19.26 -22.93 -14.90
CA ASP A 1359 20.68 -22.90 -14.61
C ASP A 1359 20.94 -23.48 -13.23
N LYS A 1360 20.86 -24.81 -13.10
CA LYS A 1360 20.87 -25.46 -11.79
C LYS A 1360 22.23 -25.43 -11.12
N GLU A 1361 23.32 -25.32 -11.89
CA GLU A 1361 24.67 -25.40 -11.34
C GLU A 1361 25.43 -24.09 -11.39
N ASN A 1362 24.86 -23.05 -11.99
CA ASN A 1362 25.58 -21.80 -12.23
C ASN A 1362 24.81 -20.60 -11.67
N TYR A 1363 24.37 -20.68 -10.42
CA TYR A 1363 23.65 -19.58 -9.80
C TYR A 1363 24.63 -18.52 -9.27
N ILE A 1364 24.06 -17.43 -8.77
CA ILE A 1364 24.83 -16.37 -8.11
C ILE A 1364 24.41 -16.43 -6.65
N SER A 1365 25.19 -17.13 -5.84
CA SER A 1365 24.72 -17.61 -4.55
C SER A 1365 24.77 -16.53 -3.48
N LYS A 1366 23.79 -16.57 -2.58
CA LYS A 1366 23.70 -15.77 -1.34
C LYS A 1366 23.84 -14.27 -1.60
N GLN A 1367 22.94 -13.74 -2.42
CA GLN A 1367 23.03 -12.34 -2.83
C GLN A 1367 21.63 -11.86 -3.20
N LEU A 1368 21.04 -11.01 -2.35
CA LEU A 1368 19.70 -10.49 -2.58
C LEU A 1368 19.66 -9.46 -3.69
N ASN A 1369 20.79 -8.87 -4.03
CA ASN A 1369 20.92 -7.99 -5.19
C ASN A 1369 21.91 -8.61 -6.16
N PRO A 1370 21.47 -9.61 -6.92
CA PRO A 1370 22.43 -10.44 -7.66
C PRO A 1370 22.96 -9.76 -8.91
N VAL A 1371 24.19 -10.11 -9.24
CA VAL A 1371 24.79 -9.75 -10.51
C VAL A 1371 24.66 -10.94 -11.45
N PHE A 1372 23.67 -10.90 -12.33
CA PHE A 1372 23.41 -12.05 -13.20
C PHE A 1372 24.38 -12.08 -14.36
N GLY A 1373 24.26 -11.12 -15.27
CA GLY A 1373 25.14 -11.00 -16.43
C GLY A 1373 25.21 -12.21 -17.34
N LYS A 1374 24.08 -12.86 -17.59
CA LYS A 1374 24.08 -14.08 -18.38
C LYS A 1374 23.17 -13.94 -19.60
N SER A 1375 23.64 -14.47 -20.72
CA SER A 1375 22.91 -14.49 -21.98
C SER A 1375 22.59 -15.93 -22.35
N PHE A 1376 21.31 -16.17 -22.66
CA PHE A 1376 20.80 -17.51 -22.93
C PHE A 1376 20.24 -17.56 -24.35
N ASP A 1377 20.53 -18.64 -25.06
CA ASP A 1377 20.22 -18.77 -26.47
C ASP A 1377 18.99 -19.64 -26.68
N ILE A 1378 17.97 -19.09 -27.36
CA ILE A 1378 16.68 -19.75 -27.58
C ILE A 1378 16.23 -19.42 -29.01
N GLU A 1379 15.67 -20.42 -29.69
CA GLU A 1379 15.07 -20.20 -31.01
C GLU A 1379 13.57 -20.45 -30.93
N ALA A 1380 12.78 -19.53 -31.50
CA ALA A 1380 11.33 -19.66 -31.48
C ALA A 1380 10.74 -19.04 -32.75
N SER A 1381 9.55 -19.51 -33.12
CA SER A 1381 8.87 -19.05 -34.33
C SER A 1381 7.74 -18.11 -33.93
N PHE A 1382 7.62 -16.99 -34.65
CA PHE A 1382 6.70 -15.88 -34.46
C PHE A 1382 5.60 -15.88 -35.53
N PRO A 1383 4.38 -15.45 -35.20
CA PRO A 1383 3.90 -14.94 -33.89
C PRO A 1383 3.41 -16.03 -32.96
N MET A 1384 3.70 -17.30 -33.24
CA MET A 1384 3.06 -18.39 -32.52
C MET A 1384 3.62 -18.57 -31.11
N GLU A 1385 4.90 -18.26 -30.91
CA GLU A 1385 5.58 -18.51 -29.64
C GLU A 1385 6.13 -17.22 -29.05
N SER A 1386 5.46 -16.69 -28.04
CA SER A 1386 6.02 -15.59 -27.26
C SER A 1386 5.65 -15.70 -25.78
N MET A 1387 5.37 -16.92 -25.34
CA MET A 1387 5.10 -17.16 -23.93
C MET A 1387 6.47 -17.15 -23.24
N LEU A 1388 6.87 -15.96 -22.78
CA LEU A 1388 8.24 -15.74 -22.33
C LEU A 1388 8.24 -15.30 -20.87
N THR A 1389 8.85 -16.10 -20.01
CA THR A 1389 9.12 -15.70 -18.64
C THR A 1389 10.62 -15.55 -18.48
N VAL A 1390 11.06 -14.40 -17.98
CA VAL A 1390 12.41 -14.27 -17.45
C VAL A 1390 12.28 -14.41 -15.93
N ALA A 1391 12.50 -15.62 -15.44
CA ALA A 1391 12.06 -15.99 -14.10
C ALA A 1391 13.26 -16.29 -13.22
N VAL A 1392 13.09 -16.05 -11.92
CA VAL A 1392 14.15 -16.10 -10.93
C VAL A 1392 13.83 -17.21 -9.94
N TYR A 1393 14.78 -18.11 -9.71
CA TYR A 1393 14.58 -19.21 -8.78
C TYR A 1393 15.76 -19.36 -7.84
N ASP A 1394 15.46 -19.62 -6.57
CA ASP A 1394 16.48 -19.94 -5.58
C ASP A 1394 16.80 -21.43 -5.68
N TRP A 1395 18.07 -21.75 -5.89
CA TRP A 1395 18.47 -23.16 -5.90
C TRP A 1395 18.51 -23.70 -4.48
N ASP A 1396 18.00 -24.92 -4.31
CA ASP A 1396 17.99 -25.61 -3.03
C ASP A 1396 18.81 -26.88 -3.13
N LEU A 1397 19.42 -27.29 -2.01
CA LEU A 1397 20.13 -28.55 -1.95
C LEU A 1397 19.17 -29.74 -2.02
N VAL A 1398 18.07 -29.68 -1.29
CA VAL A 1398 17.07 -30.73 -1.29
C VAL A 1398 15.74 -30.14 -1.72
N GLY A 1399 14.89 -30.96 -2.33
CA GLY A 1399 13.62 -30.48 -2.82
C GLY A 1399 13.76 -29.69 -4.12
N THR A 1400 12.65 -29.10 -4.53
CA THR A 1400 12.61 -28.31 -5.74
C THR A 1400 13.22 -26.94 -5.50
N ASP A 1401 13.57 -26.26 -6.59
CA ASP A 1401 14.11 -24.90 -6.53
C ASP A 1401 12.94 -23.92 -6.55
N ASP A 1402 12.79 -23.16 -5.46
CA ASP A 1402 11.61 -22.33 -5.26
C ASP A 1402 11.59 -21.14 -6.20
N LEU A 1403 10.41 -20.81 -6.71
CA LEU A 1403 10.25 -19.64 -7.57
C LEU A 1403 10.20 -18.37 -6.74
N ILE A 1404 11.22 -17.52 -6.87
CA ILE A 1404 11.20 -16.23 -6.20
C ILE A 1404 10.20 -15.30 -6.88
N GLY A 1405 10.27 -15.18 -8.19
CA GLY A 1405 9.35 -14.33 -8.91
C GLY A 1405 9.55 -14.49 -10.41
N GLU A 1406 8.59 -13.94 -11.16
CA GLU A 1406 8.60 -14.07 -12.61
C GLU A 1406 7.75 -12.96 -13.22
N THR A 1407 7.86 -12.82 -14.53
CA THR A 1407 7.16 -11.78 -15.26
C THR A 1407 7.02 -12.20 -16.72
N LYS A 1408 6.01 -11.64 -17.40
CA LYS A 1408 5.69 -11.97 -18.79
C LYS A 1408 6.01 -10.78 -19.68
N ILE A 1409 6.51 -11.05 -20.89
CA ILE A 1409 6.95 -10.00 -21.78
C ILE A 1409 6.01 -9.86 -22.98
N ASP A 1410 5.48 -11.00 -23.47
CA ASP A 1410 4.54 -11.07 -24.60
C ASP A 1410 5.12 -10.46 -25.88
N LEU A 1411 6.07 -11.21 -26.45
CA LEU A 1411 7.00 -10.68 -27.44
C LEU A 1411 6.35 -10.34 -28.79
N GLU A 1412 5.16 -10.91 -29.11
CA GLU A 1412 4.51 -10.54 -30.37
C GLU A 1412 4.11 -9.08 -30.40
N ASN A 1413 3.74 -8.52 -29.26
CA ASN A 1413 3.45 -7.08 -29.21
C ASN A 1413 4.72 -6.27 -29.39
N ARG A 1414 5.86 -6.81 -28.96
CA ARG A 1414 7.12 -6.08 -29.11
C ARG A 1414 7.62 -6.12 -30.55
N PHE A 1415 7.44 -7.25 -31.23
CA PHE A 1415 7.98 -7.41 -32.57
C PHE A 1415 7.21 -6.58 -33.58
N TYR A 1416 5.89 -6.64 -33.53
CA TYR A 1416 5.06 -5.99 -34.54
C TYR A 1416 4.80 -4.52 -34.25
N SER A 1417 5.33 -4.00 -33.15
CA SER A 1417 5.09 -2.60 -32.79
C SER A 1417 5.86 -1.66 -33.71
N LYS A 1418 5.31 -0.46 -33.91
CA LYS A 1418 6.02 0.55 -34.68
C LYS A 1418 7.15 1.19 -33.89
N HIS A 1419 7.23 0.95 -32.59
CA HIS A 1419 8.33 1.42 -31.76
C HIS A 1419 9.65 0.69 -32.03
N ARG A 1420 9.59 -0.46 -32.72
CA ARG A 1420 10.73 -1.35 -32.94
C ARG A 1420 11.36 -1.77 -31.61
N ALA A 1421 10.59 -2.55 -30.85
CA ALA A 1421 11.06 -3.07 -29.57
C ALA A 1421 11.77 -4.41 -29.73
N THR A 1422 12.32 -4.67 -30.93
CA THR A 1422 13.02 -5.92 -31.15
C THR A 1422 14.38 -5.93 -30.46
N CYS A 1423 15.09 -4.81 -30.47
CA CYS A 1423 16.35 -4.67 -29.76
C CYS A 1423 16.59 -3.18 -29.56
N GLY A 1424 17.45 -2.87 -28.60
CA GLY A 1424 17.70 -1.48 -28.26
C GLY A 1424 18.47 -0.74 -29.35
N ILE A 1425 18.19 0.55 -29.46
CA ILE A 1425 18.86 1.41 -30.43
C ILE A 1425 19.81 2.32 -29.65
N ALA A 1426 21.11 2.16 -29.88
CA ALA A 1426 22.12 2.72 -29.01
C ALA A 1426 22.22 4.24 -29.14
N GLN A 1427 22.94 4.85 -28.21
CA GLN A 1427 23.13 6.29 -28.21
C GLN A 1427 24.32 6.69 -29.10
N THR A 1428 25.32 5.82 -29.21
CA THR A 1428 26.50 6.11 -30.02
C THR A 1428 27.00 4.81 -30.65
N TYR A 1429 27.35 4.90 -31.93
CA TYR A 1429 27.84 3.74 -32.67
C TYR A 1429 29.33 3.54 -32.42
N SER A 1430 29.74 2.27 -32.39
CA SER A 1430 31.14 1.90 -32.58
C SER A 1430 31.19 0.44 -33.00
N ILE A 1431 32.35 0.02 -33.48
CA ILE A 1431 32.60 -1.36 -33.84
C ILE A 1431 33.61 -2.01 -32.91
N HIS A 1432 33.96 -1.36 -31.81
CA HIS A 1432 35.07 -1.80 -30.98
C HIS A 1432 34.78 -1.51 -29.52
N GLY A 1433 35.39 -2.30 -28.65
CA GLY A 1433 35.37 -2.05 -27.23
C GLY A 1433 34.03 -2.36 -26.59
N TYR A 1434 33.77 -1.65 -25.50
CA TYR A 1434 32.58 -1.89 -24.68
C TYR A 1434 31.31 -1.32 -25.31
N ASN A 1435 31.42 -0.32 -26.17
CA ASN A 1435 30.28 0.36 -26.75
C ASN A 1435 29.91 -0.22 -28.11
N ILE A 1436 30.31 -1.48 -28.37
CA ILE A 1436 30.18 -2.08 -29.69
C ILE A 1436 28.71 -2.26 -30.04
N TRP A 1437 28.39 -2.03 -31.32
CA TRP A 1437 27.02 -2.01 -31.79
C TRP A 1437 26.37 -3.38 -31.74
N ARG A 1438 25.12 -3.41 -31.26
CA ARG A 1438 24.51 -4.69 -30.92
C ARG A 1438 23.88 -5.39 -32.12
N ASP A 1439 23.09 -4.68 -32.90
CA ASP A 1439 22.33 -5.35 -33.94
C ASP A 1439 23.26 -5.88 -35.04
N PRO A 1440 23.05 -7.12 -35.50
CA PRO A 1440 23.75 -7.57 -36.71
C PRO A 1440 23.40 -6.74 -37.91
N MET A 1441 22.23 -6.14 -37.93
CA MET A 1441 21.83 -5.30 -39.02
C MET A 1441 22.23 -3.87 -38.65
N LYS A 1442 23.14 -3.27 -39.43
CA LYS A 1442 23.76 -1.99 -39.10
C LYS A 1442 22.73 -0.86 -39.13
N PRO A 1443 22.97 0.24 -38.38
CA PRO A 1443 21.92 1.29 -38.23
C PRO A 1443 21.47 1.97 -39.51
N SER A 1444 22.33 2.10 -40.52
CA SER A 1444 21.90 2.63 -41.81
C SER A 1444 20.87 1.72 -42.46
N GLN A 1445 21.11 0.42 -42.39
CA GLN A 1445 20.20 -0.54 -42.98
C GLN A 1445 18.96 -0.75 -42.11
N ILE A 1446 19.07 -0.48 -40.80
CA ILE A 1446 17.89 -0.44 -39.93
C ILE A 1446 17.00 0.75 -40.30
N LEU A 1447 17.63 1.89 -40.59
CA LEU A 1447 16.90 3.05 -41.09
C LEU A 1447 16.25 2.74 -42.44
N THR A 1448 16.95 1.98 -43.29
CA THR A 1448 16.38 1.52 -44.56
C THR A 1448 15.17 0.61 -44.33
N ARG A 1449 15.29 -0.32 -43.37
CA ARG A 1449 14.20 -1.24 -43.04
C ARG A 1449 12.99 -0.51 -42.50
N LEU A 1450 13.20 0.51 -41.67
CA LEU A 1450 12.05 1.19 -41.08
C LEU A 1450 11.48 2.27 -41.99
N CYS A 1451 12.24 2.70 -43.01
CA CYS A 1451 11.62 3.48 -44.08
C CYS A 1451 10.85 2.58 -45.04
N LYS A 1452 11.28 1.33 -45.16
CA LYS A 1452 10.57 0.36 -46.00
C LYS A 1452 9.24 -0.06 -45.37
N GLU A 1453 9.30 -0.58 -44.14
CA GLU A 1453 8.11 -1.09 -43.48
C GLU A 1453 7.20 0.04 -43.01
N GLY A 1454 7.78 1.19 -42.67
CA GLY A 1454 7.01 2.32 -42.21
C GLY A 1454 6.38 3.17 -43.29
N LYS A 1455 6.73 2.90 -44.56
CA LYS A 1455 6.23 3.62 -45.75
C LYS A 1455 6.52 5.12 -45.65
N VAL A 1456 7.81 5.45 -45.52
CA VAL A 1456 8.27 6.82 -45.53
C VAL A 1456 9.52 6.88 -46.39
N ASP A 1457 9.72 8.01 -47.07
CA ASP A 1457 10.86 8.15 -47.97
C ASP A 1457 12.16 8.23 -47.18
N GLY A 1458 13.22 7.66 -47.76
CA GLY A 1458 14.51 7.64 -47.13
C GLY A 1458 15.09 6.24 -47.05
N PRO A 1459 16.31 6.11 -46.52
CA PRO A 1459 17.21 7.17 -46.05
C PRO A 1459 18.00 7.81 -47.19
N HIS A 1460 18.16 9.13 -47.17
CA HIS A 1460 18.88 9.85 -48.22
C HIS A 1460 20.26 10.24 -47.70
N PHE A 1461 21.18 9.28 -47.77
CA PHE A 1461 22.57 9.54 -47.41
C PHE A 1461 23.25 10.35 -48.51
N GLY A 1462 23.92 11.43 -48.11
CA GLY A 1462 24.79 12.16 -49.00
C GLY A 1462 26.22 11.74 -48.77
N PRO A 1463 27.00 12.58 -48.10
CA PRO A 1463 28.28 12.13 -47.54
C PRO A 1463 28.06 11.30 -46.29
N HIS A 1464 29.17 10.98 -45.63
CA HIS A 1464 29.15 10.14 -44.43
C HIS A 1464 28.66 10.90 -43.20
N GLY A 1465 28.48 12.21 -43.31
CA GLY A 1465 28.12 13.04 -42.18
C GLY A 1465 26.68 13.51 -42.09
N ARG A 1466 25.84 13.19 -43.07
CA ARG A 1466 24.47 13.68 -43.05
C ARG A 1466 23.52 12.65 -43.66
N VAL A 1467 22.25 12.76 -43.29
CA VAL A 1467 21.17 11.92 -43.82
C VAL A 1467 19.89 12.74 -43.79
N ARG A 1468 18.94 12.38 -44.65
CA ARG A 1468 17.61 12.96 -44.64
C ARG A 1468 16.56 11.87 -44.60
N VAL A 1469 15.68 11.93 -43.60
CA VAL A 1469 14.46 11.14 -43.56
C VAL A 1469 13.29 12.11 -43.57
N ALA A 1470 12.39 11.93 -44.53
CA ALA A 1470 11.34 12.87 -44.93
C ALA A 1470 12.02 14.20 -45.26
N ASN A 1471 11.47 15.32 -44.79
CA ASN A 1471 12.05 16.62 -45.06
C ASN A 1471 13.01 17.11 -43.98
N ARG A 1472 13.38 16.25 -43.03
CA ARG A 1472 14.29 16.65 -41.97
C ARG A 1472 15.73 16.33 -42.33
N VAL A 1473 16.66 16.96 -41.59
CA VAL A 1473 18.10 16.79 -41.79
C VAL A 1473 18.72 16.35 -40.47
N PHE A 1474 19.53 15.29 -40.53
CA PHE A 1474 20.22 14.76 -39.36
C PHE A 1474 21.72 14.68 -39.63
N THR A 1475 22.51 14.88 -38.57
CA THR A 1475 23.97 14.88 -38.69
C THR A 1475 24.56 13.93 -37.67
N GLY A 1476 25.87 13.70 -37.79
CA GLY A 1476 26.60 12.85 -36.88
C GLY A 1476 28.07 12.74 -37.22
N PRO A 1477 28.87 12.13 -36.32
CA PRO A 1477 30.31 11.99 -36.58
C PRO A 1477 30.63 10.94 -37.65
N SER A 1478 31.26 11.37 -38.75
CA SER A 1478 31.42 10.51 -39.91
C SER A 1478 32.50 9.44 -39.72
N GLU A 1479 33.42 9.62 -38.78
CA GLU A 1479 34.56 8.73 -38.63
C GLU A 1479 34.38 7.85 -37.41
N ILE A 1480 34.84 6.60 -37.51
CA ILE A 1480 34.76 5.63 -36.42
C ILE A 1480 36.08 4.89 -36.32
N GLU A 1481 36.51 4.61 -35.09
CA GLU A 1481 37.70 3.81 -34.86
C GLU A 1481 37.34 2.32 -34.81
N ASP A 1482 38.30 1.47 -35.12
CA ASP A 1482 38.21 0.05 -34.83
C ASP A 1482 39.05 -0.28 -33.60
N GLU A 1483 39.26 -1.59 -33.37
CA GLU A 1483 40.08 -2.04 -32.25
C GLU A 1483 41.54 -1.60 -32.37
N ASN A 1484 42.03 -1.36 -33.59
CA ASN A 1484 43.37 -0.84 -33.78
C ASN A 1484 43.44 0.68 -33.72
N GLY A 1485 42.30 1.36 -33.68
CA GLY A 1485 42.26 2.80 -33.52
C GLY A 1485 42.31 3.61 -34.80
N GLN A 1486 42.45 2.98 -35.96
CA GLN A 1486 42.50 3.72 -37.20
C GLN A 1486 41.10 4.16 -37.63
N ARG A 1487 41.03 5.24 -38.40
CA ARG A 1487 39.76 5.84 -38.77
C ARG A 1487 39.24 5.28 -40.09
N LYS A 1488 37.93 5.01 -40.12
CA LYS A 1488 37.22 4.65 -41.34
C LYS A 1488 35.92 5.44 -41.39
N PRO A 1489 35.50 5.91 -42.56
CA PRO A 1489 34.21 6.60 -42.67
C PRO A 1489 33.06 5.62 -42.78
N THR A 1490 31.94 5.98 -42.15
CA THR A 1490 30.76 5.11 -42.14
C THR A 1490 29.50 5.96 -41.99
N ASP A 1491 28.37 5.33 -42.27
CA ASP A 1491 27.09 6.03 -42.25
C ASP A 1491 26.36 5.88 -40.91
N GLU A 1492 26.92 5.12 -39.97
CA GLU A 1492 26.09 4.53 -38.92
C GLU A 1492 25.82 5.50 -37.78
N HIS A 1493 26.72 6.46 -37.54
CA HIS A 1493 26.49 7.44 -36.48
C HIS A 1493 25.33 8.36 -36.82
N VAL A 1494 25.28 8.83 -38.07
CA VAL A 1494 24.22 9.72 -38.51
C VAL A 1494 22.89 8.98 -38.56
N ALA A 1495 22.93 7.71 -38.97
CA ALA A 1495 21.73 6.88 -38.97
C ALA A 1495 21.24 6.61 -37.56
N LEU A 1496 22.16 6.45 -36.61
CA LEU A 1496 21.77 6.25 -35.22
C LEU A 1496 21.18 7.52 -34.62
N SER A 1497 21.74 8.69 -34.98
CA SER A 1497 21.16 9.96 -34.57
C SER A 1497 19.78 10.16 -35.17
N ALA A 1498 19.60 9.75 -36.43
CA ALA A 1498 18.29 9.79 -37.06
C ALA A 1498 17.33 8.80 -36.39
N LEU A 1499 17.86 7.67 -35.93
CA LEU A 1499 17.06 6.67 -35.23
C LEU A 1499 16.55 7.19 -33.90
N ARG A 1500 17.36 7.98 -33.20
CA ARG A 1500 16.88 8.62 -31.98
C ARG A 1500 16.13 9.92 -32.24
N HIS A 1501 16.05 10.37 -33.49
CA HIS A 1501 15.22 11.51 -33.86
C HIS A 1501 13.96 11.12 -34.63
N TRP A 1502 13.51 9.88 -34.52
CA TRP A 1502 12.41 9.39 -35.33
C TRP A 1502 11.04 9.88 -34.82
N GLU A 1503 10.98 10.43 -33.61
CA GLU A 1503 9.71 10.87 -33.05
C GLU A 1503 9.15 12.08 -33.79
N ASP A 1504 10.02 12.96 -34.27
CA ASP A 1504 9.58 14.20 -34.90
C ASP A 1504 9.38 14.07 -36.41
N ILE A 1505 9.31 12.86 -36.93
CA ILE A 1505 8.86 12.63 -38.30
C ILE A 1505 7.39 13.04 -38.41
N PRO A 1506 7.00 13.82 -39.43
CA PRO A 1506 5.66 14.45 -39.42
C PRO A 1506 4.47 13.50 -39.52
N ARG A 1507 4.62 12.29 -40.07
CA ARG A 1507 3.46 11.41 -40.27
C ARG A 1507 3.59 10.10 -39.50
N VAL A 1508 4.68 9.37 -39.67
CA VAL A 1508 4.80 8.00 -39.17
C VAL A 1508 5.48 8.10 -37.81
N GLY A 1509 5.87 9.34 -37.45
CA GLY A 1509 6.69 9.71 -36.31
C GLY A 1509 6.47 9.05 -34.98
N CYS A 1510 7.51 8.35 -34.52
CA CYS A 1510 7.42 7.46 -33.38
C CYS A 1510 8.77 7.45 -32.67
N ARG A 1511 8.74 7.69 -31.37
CA ARG A 1511 9.95 7.54 -30.57
C ARG A 1511 10.26 6.05 -30.50
N LEU A 1512 11.39 5.70 -31.11
CA LEU A 1512 11.78 4.30 -31.15
C LEU A 1512 12.55 3.94 -29.90
N VAL A 1513 12.64 2.65 -29.65
CA VAL A 1513 13.11 2.14 -28.37
C VAL A 1513 14.63 2.29 -28.27
N PRO A 1514 15.14 3.01 -27.27
CA PRO A 1514 16.58 3.14 -27.11
C PRO A 1514 17.18 1.87 -26.52
N GLU A 1515 18.51 1.86 -26.42
CA GLU A 1515 19.20 0.75 -25.75
C GLU A 1515 18.96 0.84 -24.25
N HIS A 1516 18.26 -0.15 -23.70
CA HIS A 1516 17.72 0.02 -22.37
C HIS A 1516 18.28 -1.08 -21.48
N VAL A 1517 18.15 -0.85 -20.17
CA VAL A 1517 18.03 -1.93 -19.19
C VAL A 1517 16.74 -1.66 -18.43
N GLU A 1518 15.69 -2.37 -18.79
CA GLU A 1518 14.35 -2.16 -18.26
C GLU A 1518 14.24 -2.94 -16.96
N THR A 1519 13.43 -2.45 -16.02
CA THR A 1519 13.36 -3.06 -14.70
C THR A 1519 11.95 -3.60 -14.44
N ARG A 1520 11.76 -4.86 -14.78
CA ARG A 1520 10.52 -5.58 -14.53
C ARG A 1520 10.45 -6.04 -13.07
N PRO A 1521 9.39 -5.69 -12.36
CA PRO A 1521 9.19 -6.27 -11.03
C PRO A 1521 8.84 -7.76 -11.12
N LEU A 1522 9.19 -8.48 -10.07
CA LEU A 1522 8.84 -9.90 -9.98
C LEU A 1522 7.47 -10.06 -9.34
N LEU A 1523 6.74 -11.08 -9.77
CA LEU A 1523 5.46 -11.43 -9.18
C LEU A 1523 5.43 -12.94 -8.92
N ASN A 1524 4.72 -13.33 -7.86
CA ASN A 1524 4.65 -14.73 -7.45
C ASN A 1524 3.19 -15.14 -7.40
N PRO A 1525 2.84 -16.29 -7.99
CA PRO A 1525 1.47 -16.82 -7.80
C PRO A 1525 1.13 -17.15 -6.36
N ASP A 1526 2.12 -17.49 -5.54
CA ASP A 1526 1.85 -17.75 -4.12
C ASP A 1526 1.48 -16.47 -3.37
N LYS A 1527 2.19 -15.38 -3.61
CA LYS A 1527 1.94 -14.10 -2.93
C LYS A 1527 1.85 -12.99 -3.95
N PRO A 1528 0.71 -12.85 -4.64
CA PRO A 1528 0.58 -11.79 -5.63
C PRO A 1528 0.26 -10.45 -4.98
N GLY A 1529 0.24 -9.41 -5.82
CA GLY A 1529 -0.09 -8.07 -5.39
C GLY A 1529 1.09 -7.22 -4.98
N ILE A 1530 2.11 -7.80 -4.36
CA ILE A 1530 3.31 -7.07 -3.95
C ILE A 1530 4.48 -7.60 -4.76
N GLU A 1531 5.53 -6.80 -4.88
CA GLU A 1531 6.70 -7.22 -5.65
C GLU A 1531 7.52 -8.24 -4.88
N GLN A 1532 8.05 -9.21 -5.60
CA GLN A 1532 9.05 -10.11 -5.07
C GLN A 1532 10.46 -9.74 -5.50
N GLY A 1533 10.61 -8.56 -6.09
CA GLY A 1533 11.91 -8.10 -6.56
C GLY A 1533 11.74 -7.10 -7.66
N ARG A 1534 12.90 -6.60 -8.13
CA ARG A 1534 12.98 -5.71 -9.27
C ARG A 1534 14.09 -6.26 -10.16
N LEU A 1535 13.74 -7.24 -11.00
CA LEU A 1535 14.66 -7.80 -11.97
C LEU A 1535 14.96 -6.77 -13.06
N GLU A 1536 16.18 -6.78 -13.58
CA GLU A 1536 16.52 -5.91 -14.69
C GLU A 1536 17.18 -6.71 -15.81
N LEU A 1537 16.85 -6.36 -17.05
CA LEU A 1537 17.02 -7.24 -18.19
C LEU A 1537 16.80 -6.42 -19.46
N TRP A 1538 17.30 -6.94 -20.59
CA TRP A 1538 16.83 -6.54 -21.91
C TRP A 1538 17.11 -7.65 -22.92
N VAL A 1539 16.33 -7.67 -24.00
CA VAL A 1539 16.14 -8.87 -24.82
C VAL A 1539 16.41 -8.58 -26.29
N ASP A 1540 16.77 -9.63 -27.03
CA ASP A 1540 17.09 -9.57 -28.45
C ASP A 1540 15.98 -10.17 -29.29
N MET A 1541 15.76 -9.63 -30.49
CA MET A 1541 14.80 -10.21 -31.43
C MET A 1541 15.33 -9.99 -32.84
N PHE A 1542 15.78 -11.05 -33.50
CA PHE A 1542 16.33 -10.88 -34.84
C PHE A 1542 15.84 -11.96 -35.79
N PRO A 1543 15.24 -11.60 -36.91
CA PRO A 1543 14.61 -12.60 -37.79
C PRO A 1543 15.61 -13.33 -38.67
N MET A 1544 15.24 -14.56 -39.05
CA MET A 1544 16.06 -15.43 -39.88
C MET A 1544 16.07 -15.03 -41.35
N ASP A 1545 15.12 -14.24 -41.82
CA ASP A 1545 15.08 -13.82 -43.22
C ASP A 1545 16.03 -12.66 -43.52
N MET A 1546 16.80 -12.24 -42.53
CA MET A 1546 17.60 -11.03 -42.56
C MET A 1546 18.96 -11.40 -41.98
N PRO A 1547 19.99 -10.47 -42.00
CA PRO A 1547 21.34 -10.84 -41.50
C PRO A 1547 21.44 -11.44 -40.10
N ALA A 1548 22.21 -12.55 -40.03
CA ALA A 1548 22.25 -13.40 -38.83
C ALA A 1548 23.00 -12.73 -37.69
N PRO A 1549 22.60 -12.97 -36.41
CA PRO A 1549 23.24 -12.31 -35.26
C PRO A 1549 24.69 -12.67 -35.03
N GLY A 1550 25.50 -11.68 -34.66
CA GLY A 1550 26.90 -11.91 -34.37
C GLY A 1550 27.13 -12.36 -32.95
N THR A 1551 28.39 -12.32 -32.53
CA THR A 1551 28.74 -12.72 -31.18
C THR A 1551 28.24 -11.68 -30.17
N PRO A 1552 27.68 -12.13 -29.03
CA PRO A 1552 27.09 -11.17 -28.08
C PRO A 1552 28.09 -10.31 -27.32
N LEU A 1553 27.60 -9.30 -26.59
CA LEU A 1553 28.44 -8.52 -25.69
C LEU A 1553 28.96 -9.41 -24.59
N ASP A 1554 30.22 -9.17 -24.21
CA ASP A 1554 30.82 -9.74 -23.01
C ASP A 1554 30.16 -9.19 -21.75
N ILE A 1555 29.01 -9.79 -21.44
CA ILE A 1555 28.14 -9.36 -20.35
C ILE A 1555 28.46 -10.10 -19.07
N SER A 1556 29.64 -10.73 -19.03
CA SER A 1556 30.19 -11.31 -17.82
C SER A 1556 30.40 -10.24 -16.76
N PRO A 1557 30.20 -10.54 -15.47
CA PRO A 1557 30.39 -9.53 -14.41
C PRO A 1557 31.84 -9.07 -14.30
N ARG A 1558 32.02 -7.88 -13.73
CA ARG A 1558 33.29 -7.16 -13.81
C ARG A 1558 34.39 -7.85 -13.02
N LYS A 1559 35.52 -8.06 -13.67
CA LYS A 1559 36.67 -8.65 -13.01
C LYS A 1559 37.33 -7.63 -12.10
N PRO A 1560 37.61 -7.98 -10.84
CA PRO A 1560 38.25 -7.02 -9.94
C PRO A 1560 39.73 -6.84 -10.22
N LYS A 1561 40.20 -5.61 -10.10
CA LYS A 1561 41.63 -5.32 -10.19
C LYS A 1561 42.35 -5.88 -8.97
N LYS A 1562 43.54 -6.42 -9.21
CA LYS A 1562 44.30 -7.10 -8.17
C LYS A 1562 45.37 -6.18 -7.60
N TYR A 1563 45.45 -6.11 -6.28
CA TYR A 1563 46.37 -5.24 -5.56
C TYR A 1563 47.04 -6.02 -4.43
N GLU A 1564 48.00 -5.35 -3.79
CA GLU A 1564 48.70 -5.88 -2.62
C GLU A 1564 49.21 -4.71 -1.79
N LEU A 1565 49.02 -4.79 -0.48
CA LEU A 1565 49.33 -3.70 0.43
C LEU A 1565 50.44 -4.14 1.39
N ARG A 1566 51.54 -3.39 1.42
CA ARG A 1566 52.65 -3.66 2.31
C ARG A 1566 52.79 -2.51 3.32
N VAL A 1567 52.57 -2.83 4.59
CA VAL A 1567 52.55 -1.83 5.65
C VAL A 1567 53.59 -2.18 6.71
N ILE A 1568 54.76 -1.56 6.61
CA ILE A 1568 55.79 -1.68 7.64
C ILE A 1568 55.47 -0.70 8.76
N VAL A 1569 55.36 -1.22 9.99
CA VAL A 1569 55.09 -0.40 11.16
C VAL A 1569 56.43 -0.08 11.81
N TRP A 1570 56.79 1.21 11.81
CA TRP A 1570 58.15 1.61 12.22
C TRP A 1570 58.32 1.60 13.74
N ASN A 1571 57.61 2.47 14.44
CA ASN A 1571 57.83 2.68 15.86
C ASN A 1571 56.50 2.99 16.53
N THR A 1572 56.54 3.28 17.83
CA THR A 1572 55.43 3.82 18.62
C THR A 1572 55.99 4.80 19.64
N ASP A 1573 55.12 5.70 20.09
CA ASP A 1573 55.46 6.65 21.14
C ASP A 1573 54.20 7.00 21.91
N GLU A 1574 54.41 7.43 23.16
CA GLU A 1574 53.38 7.97 24.06
C GLU A 1574 52.22 7.01 24.31
N VAL A 1575 52.51 5.71 24.35
CA VAL A 1575 51.50 4.71 24.65
C VAL A 1575 51.27 4.71 26.15
N VAL A 1576 49.99 4.76 26.56
CA VAL A 1576 49.68 4.71 27.99
C VAL A 1576 50.00 3.32 28.54
N LEU A 1577 50.53 3.31 29.75
CA LEU A 1577 51.15 2.11 30.32
C LEU A 1577 50.12 1.33 31.13
N GLU A 1578 49.43 0.42 30.43
CA GLU A 1578 48.30 -0.28 31.02
C GLU A 1578 48.71 -1.35 32.03
N ASP A 1579 49.71 -2.16 31.72
CA ASP A 1579 50.08 -3.31 32.54
C ASP A 1579 50.99 -2.89 33.69
N ASP A 1580 50.54 -3.09 34.92
CA ASP A 1580 51.39 -2.87 36.07
C ASP A 1580 52.41 -4.01 36.19
N ASP A 1581 53.53 -3.72 36.85
CA ASP A 1581 54.57 -4.72 37.02
C ASP A 1581 54.10 -5.68 38.11
N PHE A 1582 54.35 -6.98 37.89
CA PHE A 1582 53.87 -8.06 38.75
C PHE A 1582 54.37 -7.95 40.19
N PHE A 1583 55.48 -7.27 40.44
CA PHE A 1583 56.02 -7.18 41.79
C PHE A 1583 56.06 -5.77 42.37
N THR A 1584 56.60 -4.79 41.64
CA THR A 1584 56.70 -3.44 42.18
C THR A 1584 55.58 -2.52 41.72
N GLY A 1585 54.80 -2.93 40.71
CA GLY A 1585 53.69 -2.13 40.26
C GLY A 1585 54.03 -0.98 39.34
N GLU A 1586 55.25 -0.93 38.81
CA GLU A 1586 55.61 0.13 37.88
C GLU A 1586 54.90 -0.08 36.54
N LYS A 1587 54.29 0.99 36.04
CA LYS A 1587 53.45 0.89 34.86
C LYS A 1587 54.29 0.73 33.59
N SER A 1588 53.84 -0.15 32.70
CA SER A 1588 54.56 -0.48 31.47
C SER A 1588 53.54 -0.98 30.44
N SER A 1589 54.05 -1.39 29.28
CA SER A 1589 53.19 -1.84 28.19
C SER A 1589 53.97 -2.75 27.25
N ASP A 1590 53.42 -3.93 26.98
CA ASP A 1590 53.99 -4.86 26.00
C ASP A 1590 53.42 -4.57 24.61
N ILE A 1591 54.05 -3.60 23.94
CA ILE A 1591 53.46 -3.00 22.75
C ILE A 1591 53.68 -3.88 21.53
N PHE A 1592 52.60 -4.20 20.82
CA PHE A 1592 52.67 -4.70 19.45
C PHE A 1592 51.41 -4.28 18.72
N VAL A 1593 51.53 -4.16 17.39
CA VAL A 1593 50.50 -3.57 16.56
C VAL A 1593 49.84 -4.66 15.73
N ARG A 1594 48.52 -4.58 15.59
CA ARG A 1594 47.71 -5.53 14.84
C ARG A 1594 47.01 -4.80 13.69
N GLY A 1595 47.10 -5.38 12.50
CA GLY A 1595 46.48 -4.77 11.34
C GLY A 1595 45.90 -5.75 10.35
N TRP A 1596 44.79 -5.38 9.72
CA TRP A 1596 44.18 -6.21 8.69
C TRP A 1596 43.37 -5.31 7.77
N LEU A 1597 43.00 -5.85 6.62
CA LEU A 1597 42.18 -5.14 5.65
C LEU A 1597 40.74 -5.67 5.59
N LYS A 1598 40.56 -6.99 5.46
CA LYS A 1598 39.21 -7.56 5.43
C LYS A 1598 38.74 -8.07 6.80
N GLY A 1599 39.44 -9.06 7.35
CA GLY A 1599 38.92 -9.69 8.55
C GLY A 1599 39.98 -10.51 9.28
N GLN A 1600 39.53 -11.12 10.37
CA GLN A 1600 40.43 -11.93 11.20
C GLN A 1600 40.81 -13.25 10.52
N GLN A 1601 39.86 -13.88 9.84
CA GLN A 1601 40.07 -15.21 9.28
C GLN A 1601 40.87 -15.19 7.99
N GLU A 1602 41.19 -14.01 7.46
CA GLU A 1602 41.84 -13.94 6.16
C GLU A 1602 43.13 -13.12 6.17
N ASP A 1603 43.19 -12.08 7.00
CA ASP A 1603 44.18 -11.02 6.79
C ASP A 1603 45.09 -10.74 7.96
N LYS A 1604 44.71 -11.11 9.20
CA LYS A 1604 45.37 -10.55 10.37
C LYS A 1604 46.77 -11.15 10.57
N GLN A 1605 47.77 -10.27 10.58
CA GLN A 1605 49.15 -10.63 10.87
C GLN A 1605 49.61 -9.82 12.07
N ASP A 1606 50.36 -10.46 12.97
CA ASP A 1606 50.71 -9.84 14.25
C ASP A 1606 52.20 -9.49 14.28
N THR A 1607 52.48 -8.24 14.63
CA THR A 1607 53.84 -7.77 14.85
C THR A 1607 54.45 -8.44 16.10
N ASP A 1608 55.77 -8.63 16.06
CA ASP A 1608 56.51 -9.07 17.24
C ASP A 1608 56.43 -8.02 18.35
N VAL A 1609 56.72 -8.46 19.57
CA VAL A 1609 56.31 -7.75 20.79
C VAL A 1609 57.52 -7.02 21.35
N HIS A 1610 57.35 -5.71 21.62
CA HIS A 1610 58.32 -4.92 22.36
C HIS A 1610 57.96 -5.01 23.85
N TYR A 1611 58.76 -5.79 24.57
CA TYR A 1611 58.45 -6.10 25.97
C TYR A 1611 58.81 -4.94 26.88
N HIS A 1612 57.86 -4.58 27.75
CA HIS A 1612 58.06 -3.69 28.91
C HIS A 1612 58.57 -2.30 28.53
N SER A 1613 57.73 -1.56 27.81
CA SER A 1613 58.05 -0.18 27.46
C SER A 1613 58.00 0.71 28.69
N LEU A 1614 58.84 1.75 28.69
CA LEU A 1614 58.99 2.62 29.84
C LEU A 1614 58.16 3.89 29.76
N THR A 1615 58.02 4.48 28.56
CA THR A 1615 57.23 5.70 28.41
C THR A 1615 56.23 5.57 27.25
N GLY A 1616 56.22 4.45 26.54
CA GLY A 1616 55.41 4.29 25.36
C GLY A 1616 56.20 4.04 24.09
N GLU A 1617 57.52 3.95 24.17
CA GLU A 1617 58.35 3.76 23.00
C GLU A 1617 58.38 2.29 22.57
N GLY A 1618 58.90 2.06 21.36
CA GLY A 1618 59.03 0.72 20.82
C GLY A 1618 59.59 0.71 19.41
N ASN A 1619 60.26 -0.37 19.02
CA ASN A 1619 60.86 -0.49 17.70
C ASN A 1619 60.51 -1.84 17.08
N PHE A 1620 59.83 -1.82 15.94
CA PHE A 1620 59.50 -3.07 15.26
C PHE A 1620 60.13 -3.17 13.87
N ASN A 1621 59.77 -2.21 13.00
CA ASN A 1621 60.06 -2.25 11.55
C ASN A 1621 59.63 -3.58 10.93
N TRP A 1622 58.35 -3.91 11.09
CA TRP A 1622 57.78 -5.19 10.70
C TRP A 1622 56.77 -4.97 9.58
N ARG A 1623 56.94 -5.67 8.47
CA ARG A 1623 56.19 -5.42 7.24
C ARG A 1623 54.99 -6.33 7.14
N TYR A 1624 53.83 -5.75 6.82
CA TYR A 1624 52.62 -6.52 6.52
C TYR A 1624 52.57 -6.85 5.03
N LEU A 1625 51.71 -7.83 4.68
CA LEU A 1625 51.43 -8.19 3.30
C LEU A 1625 49.98 -8.64 3.19
N PHE A 1626 49.14 -7.81 2.56
CA PHE A 1626 47.73 -8.12 2.34
C PHE A 1626 47.40 -8.10 0.85
N PRO A 1627 47.38 -9.25 0.18
CA PRO A 1627 46.86 -9.28 -1.20
C PRO A 1627 45.34 -9.25 -1.21
N PHE A 1628 44.77 -8.38 -2.05
CA PHE A 1628 43.33 -8.18 -2.05
C PHE A 1628 42.88 -7.78 -3.45
N ASP A 1629 41.61 -8.07 -3.74
CA ASP A 1629 40.96 -7.59 -4.96
C ASP A 1629 40.18 -6.32 -4.63
N TYR A 1630 39.91 -5.52 -5.65
CA TYR A 1630 39.34 -4.19 -5.44
C TYR A 1630 38.71 -3.68 -6.73
N LEU A 1631 37.57 -3.02 -6.60
CA LEU A 1631 36.97 -2.24 -7.69
C LEU A 1631 36.82 -0.80 -7.18
N ALA A 1632 37.22 0.16 -8.01
CA ALA A 1632 37.15 1.56 -7.59
C ALA A 1632 35.80 2.19 -7.86
N ALA A 1633 34.88 1.45 -8.52
CA ALA A 1633 33.57 2.01 -8.83
C ALA A 1633 32.71 2.17 -7.58
N GLU A 1634 32.66 1.13 -6.74
CA GLU A 1634 31.89 1.17 -5.50
C GLU A 1634 32.76 1.15 -4.26
N GLU A 1635 34.08 1.41 -4.41
CA GLU A 1635 35.15 1.26 -3.39
C GLU A 1635 35.00 -0.04 -2.57
N LYS A 1636 34.71 -1.15 -3.25
CA LYS A 1636 34.45 -2.41 -2.59
C LYS A 1636 35.57 -3.41 -2.87
N ILE A 1637 36.15 -3.94 -1.80
CA ILE A 1637 37.05 -5.07 -1.89
C ILE A 1637 36.23 -6.32 -2.21
N VAL A 1638 36.69 -7.10 -3.18
CA VAL A 1638 36.00 -8.29 -3.64
C VAL A 1638 36.73 -9.52 -3.13
N MET A 1639 35.97 -10.46 -2.56
CA MET A 1639 36.56 -11.67 -2.01
C MET A 1639 35.50 -12.76 -1.95
N SER A 1640 35.88 -13.96 -2.41
CA SER A 1640 35.00 -15.11 -2.43
C SER A 1640 35.35 -16.05 -1.30
N LYS A 1641 34.38 -16.34 -0.43
CA LYS A 1641 34.56 -17.38 0.57
C LYS A 1641 33.21 -18.03 0.82
N LYS A 1642 33.21 -19.02 1.72
CA LYS A 1642 31.98 -19.64 2.17
C LYS A 1642 31.39 -18.84 3.32
N GLU A 1643 30.06 -18.82 3.40
CA GLU A 1643 29.38 -18.14 4.51
C GLU A 1643 29.62 -18.84 5.83
N SER A 1644 29.54 -20.18 5.85
CA SER A 1644 29.70 -20.93 7.08
C SER A 1644 30.66 -22.08 6.84
N MET A 1645 31.00 -22.78 7.92
CA MET A 1645 31.89 -23.93 7.83
C MET A 1645 31.20 -25.15 7.24
N PHE A 1646 29.86 -25.16 7.22
CA PHE A 1646 29.10 -26.23 6.60
C PHE A 1646 28.43 -25.79 5.31
N SER A 1647 28.88 -24.68 4.72
CA SER A 1647 28.27 -24.17 3.50
C SER A 1647 28.64 -25.03 2.29
N TRP A 1648 27.70 -25.18 1.36
CA TRP A 1648 27.93 -26.03 0.20
C TRP A 1648 28.83 -25.34 -0.82
N ASP A 1649 28.66 -24.03 -1.00
CA ASP A 1649 29.27 -23.33 -2.12
C ASP A 1649 29.83 -21.99 -1.67
N GLU A 1650 30.71 -21.43 -2.51
CA GLU A 1650 31.34 -20.14 -2.23
C GLU A 1650 30.51 -19.00 -2.83
N THR A 1651 30.82 -17.79 -2.40
CA THR A 1651 29.97 -16.63 -2.62
C THR A 1651 30.84 -15.37 -2.67
N GLU A 1652 30.56 -14.50 -3.64
CA GLU A 1652 31.24 -13.22 -3.74
C GLU A 1652 30.69 -12.26 -2.69
N TYR A 1653 31.59 -11.51 -2.03
CA TYR A 1653 31.21 -10.51 -1.04
C TYR A 1653 31.85 -9.17 -1.38
N LYS A 1654 31.32 -8.11 -0.79
CA LYS A 1654 31.86 -6.76 -0.93
C LYS A 1654 31.92 -6.07 0.42
N ILE A 1655 33.11 -5.58 0.77
CA ILE A 1655 33.34 -4.85 2.02
C ILE A 1655 34.25 -3.67 1.74
N PRO A 1656 34.07 -2.56 2.48
CA PRO A 1656 34.91 -1.38 2.23
C PRO A 1656 36.36 -1.62 2.64
N ALA A 1657 37.25 -0.89 1.98
CA ALA A 1657 38.69 -1.01 2.21
C ALA A 1657 39.07 -0.12 3.38
N ARG A 1658 39.67 -0.72 4.40
CA ARG A 1658 40.08 0.02 5.59
C ARG A 1658 41.24 -0.72 6.27
N LEU A 1659 42.23 0.03 6.72
CA LEU A 1659 43.33 -0.50 7.49
C LEU A 1659 43.08 -0.16 8.95
N THR A 1660 42.92 -1.19 9.77
CA THR A 1660 42.64 -0.99 11.19
C THR A 1660 43.91 -1.26 12.00
N LEU A 1661 44.73 -0.22 12.13
CA LEU A 1661 45.85 -0.27 13.05
C LEU A 1661 45.32 -0.24 14.49
N GLN A 1662 45.79 -1.16 15.32
CA GLN A 1662 45.35 -1.28 16.70
C GLN A 1662 46.53 -1.67 17.58
N ILE A 1663 46.87 -0.83 18.57
CA ILE A 1663 47.86 -1.25 19.55
C ILE A 1663 47.23 -2.29 20.47
N TRP A 1664 48.05 -3.22 20.94
CA TRP A 1664 47.61 -4.26 21.83
C TRP A 1664 48.72 -4.56 22.82
N ASP A 1665 48.34 -4.97 24.03
CA ASP A 1665 49.28 -5.41 25.05
C ASP A 1665 49.21 -6.92 25.16
N ALA A 1666 50.34 -7.58 24.97
CA ALA A 1666 50.36 -9.04 24.86
C ALA A 1666 50.64 -9.68 26.21
N ASP A 1667 49.86 -10.73 26.53
CA ASP A 1667 50.12 -11.60 27.66
C ASP A 1667 50.28 -13.02 27.15
N HIS A 1668 51.18 -13.77 27.77
CA HIS A 1668 51.47 -15.13 27.34
C HIS A 1668 50.52 -16.16 27.95
N PHE A 1669 49.57 -15.72 28.79
CA PHE A 1669 48.77 -16.66 29.59
C PHE A 1669 47.27 -16.42 29.48
N SER A 1670 46.83 -15.40 28.74
CA SER A 1670 45.41 -15.06 28.70
C SER A 1670 45.10 -14.41 27.36
N ALA A 1671 43.90 -13.82 27.27
CA ALA A 1671 43.49 -13.13 26.06
C ALA A 1671 44.21 -11.79 25.93
N ASP A 1672 44.22 -11.27 24.71
CA ASP A 1672 44.92 -10.03 24.41
C ASP A 1672 44.17 -8.84 24.99
N ASP A 1673 44.93 -7.85 25.46
CA ASP A 1673 44.38 -6.69 26.16
C ASP A 1673 44.45 -5.47 25.25
N PHE A 1674 43.31 -4.79 25.09
CA PHE A 1674 43.21 -3.70 24.14
C PHE A 1674 43.88 -2.44 24.71
N LEU A 1675 44.52 -1.68 23.82
CA LEU A 1675 45.09 -0.38 24.16
C LEU A 1675 44.47 0.77 23.40
N GLY A 1676 44.48 0.72 22.07
CA GLY A 1676 43.95 1.78 21.25
C GLY A 1676 43.73 1.33 19.82
N ALA A 1677 42.98 2.10 19.04
CA ALA A 1677 42.65 1.71 17.67
C ALA A 1677 42.31 2.93 16.83
N ILE A 1678 42.66 2.85 15.55
CA ILE A 1678 42.24 3.83 14.55
C ILE A 1678 41.74 3.08 13.32
N GLU A 1679 40.58 3.47 12.82
CA GLU A 1679 39.99 2.87 11.62
C GLU A 1679 40.32 3.79 10.45
N LEU A 1680 41.49 3.56 9.84
CA LEU A 1680 41.95 4.34 8.70
C LEU A 1680 41.20 3.86 7.47
N ASP A 1681 40.13 4.58 7.13
CA ASP A 1681 39.39 4.28 5.90
C ASP A 1681 40.26 4.62 4.70
N LEU A 1682 40.32 3.72 3.72
CA LEU A 1682 41.30 3.85 2.65
C LEU A 1682 40.91 4.85 1.57
N ASN A 1683 39.90 5.69 1.80
CA ASN A 1683 39.70 6.89 1.02
C ASN A 1683 39.43 8.11 1.89
N ARG A 1684 39.45 7.95 3.22
CA ARG A 1684 39.16 9.04 4.14
C ARG A 1684 40.07 9.02 5.37
N PHE A 1685 41.33 8.57 5.25
CA PHE A 1685 42.19 8.55 6.42
C PHE A 1685 42.99 9.85 6.46
N PRO A 1686 43.23 10.41 7.65
CA PRO A 1686 43.81 11.75 7.73
C PRO A 1686 45.30 11.80 7.36
N ARG A 1687 45.77 13.03 7.15
CA ARG A 1687 47.16 13.28 6.78
C ARG A 1687 48.08 12.95 7.95
N GLY A 1688 49.06 12.10 7.67
CA GLY A 1688 49.96 11.65 8.73
C GLY A 1688 50.89 12.76 9.19
N ALA A 1689 51.04 12.87 10.51
CA ALA A 1689 51.89 13.91 11.09
C ALA A 1689 53.36 13.57 10.91
N LYS A 1690 54.16 14.61 10.68
CA LYS A 1690 55.59 14.41 10.46
C LYS A 1690 56.32 13.96 11.73
N THR A 1691 55.94 14.47 12.89
CA THR A 1691 56.52 14.07 14.16
C THR A 1691 55.44 13.48 15.06
N ALA A 1692 55.88 12.82 16.13
CA ALA A 1692 54.94 12.34 17.14
C ALA A 1692 54.32 13.48 17.93
N LYS A 1693 55.02 14.61 18.05
CA LYS A 1693 54.46 15.81 18.67
C LYS A 1693 53.28 16.36 17.87
N GLN A 1694 53.39 16.38 16.54
CA GLN A 1694 52.34 16.92 15.69
C GLN A 1694 51.08 16.07 15.67
N CYS A 1695 51.16 14.82 16.12
CA CYS A 1695 49.98 13.96 16.13
C CYS A 1695 49.07 14.37 17.27
N THR A 1696 47.87 14.85 16.94
CA THR A 1696 46.93 15.39 17.92
C THR A 1696 45.59 14.71 17.78
N MET A 1697 44.59 15.27 18.47
CA MET A 1697 43.24 14.70 18.46
C MET A 1697 42.39 15.20 17.31
N GLU A 1698 42.92 16.11 16.48
CA GLU A 1698 42.15 16.61 15.35
C GLU A 1698 42.08 15.60 14.20
N MET A 1699 42.84 14.52 14.29
CA MET A 1699 42.85 13.50 13.24
C MET A 1699 41.66 12.56 13.34
N ALA A 1700 40.84 12.69 14.37
CA ALA A 1700 39.58 11.95 14.45
C ALA A 1700 38.37 12.79 14.82
N THR A 1701 38.54 13.98 15.39
CA THR A 1701 37.40 14.80 15.79
C THR A 1701 36.84 15.59 14.59
N GLY A 1702 35.88 16.46 14.89
CA GLY A 1702 35.08 17.10 13.86
C GLY A 1702 35.76 18.21 13.10
N GLU A 1703 36.87 18.76 13.62
CA GLU A 1703 37.53 19.87 12.94
C GLU A 1703 38.28 19.38 11.71
N VAL A 1704 38.41 20.28 10.72
CA VAL A 1704 38.99 19.94 9.42
C VAL A 1704 40.49 20.23 9.37
N ASP A 1705 41.12 20.46 10.53
CA ASP A 1705 42.52 20.89 10.57
C ASP A 1705 43.49 19.82 10.04
N VAL A 1706 43.09 18.56 10.05
CA VAL A 1706 43.82 17.54 9.31
C VAL A 1706 42.95 17.01 8.18
N PRO A 1707 43.21 17.37 6.93
CA PRO A 1707 42.41 16.87 5.82
C PRO A 1707 42.72 15.41 5.52
N LEU A 1708 41.95 14.86 4.58
CA LEU A 1708 41.96 13.43 4.30
C LEU A 1708 42.73 13.10 3.02
N VAL A 1709 43.12 11.83 2.92
CA VAL A 1709 43.93 11.29 1.85
C VAL A 1709 43.23 10.04 1.33
N SER A 1710 43.29 9.82 0.02
CA SER A 1710 43.00 8.52 -0.57
C SER A 1710 44.32 7.84 -0.92
N ILE A 1711 44.51 6.62 -0.43
CA ILE A 1711 45.73 5.87 -0.75
C ILE A 1711 45.71 5.43 -2.21
N PHE A 1712 44.52 5.29 -2.80
CA PHE A 1712 44.42 5.00 -4.22
C PHE A 1712 44.75 6.21 -5.10
N LYS A 1713 44.96 7.38 -4.51
CA LYS A 1713 45.44 8.56 -5.23
C LYS A 1713 46.89 8.89 -4.90
N GLN A 1714 47.31 8.68 -3.65
CA GLN A 1714 48.62 9.11 -3.17
C GLN A 1714 49.68 8.02 -3.24
N LYS A 1715 49.30 6.76 -2.92
CA LYS A 1715 50.03 5.51 -3.09
C LYS A 1715 51.17 5.32 -2.08
N ARG A 1716 51.49 6.36 -1.31
CA ARG A 1716 52.58 6.30 -0.34
C ARG A 1716 52.43 7.43 0.67
N VAL A 1717 52.20 7.07 1.93
CA VAL A 1717 52.02 8.04 3.01
C VAL A 1717 52.86 7.64 4.21
N LYS A 1718 53.69 8.56 4.71
CA LYS A 1718 54.34 8.40 6.00
C LYS A 1718 53.69 9.33 7.02
N GLY A 1719 53.53 8.83 8.25
CA GLY A 1719 53.01 9.70 9.29
C GLY A 1719 52.91 9.00 10.63
N TRP A 1720 52.58 9.80 11.63
CA TRP A 1720 52.21 9.31 12.95
C TRP A 1720 50.69 9.41 13.12
N TRP A 1721 50.10 8.42 13.75
CA TRP A 1721 48.66 8.35 13.86
C TRP A 1721 48.24 8.02 15.29
N PRO A 1722 47.15 8.61 15.77
CA PRO A 1722 46.70 8.32 17.13
C PRO A 1722 45.78 7.12 17.18
N LEU A 1723 45.82 6.42 18.30
CA LEU A 1723 44.99 5.24 18.53
C LEU A 1723 44.21 5.47 19.81
N LEU A 1724 42.90 5.29 19.73
CA LEU A 1724 41.98 5.89 20.67
C LEU A 1724 41.25 4.84 21.49
N ALA A 1725 40.70 5.30 22.61
CA ALA A 1725 39.78 4.52 23.42
C ALA A 1725 38.78 5.48 24.06
N ARG A 1726 37.62 4.96 24.42
CA ARG A 1726 36.57 5.76 25.04
C ARG A 1726 36.55 5.50 26.53
N ASN A 1727 36.49 6.57 27.31
CA ASN A 1727 36.50 6.46 28.76
C ASN A 1727 35.09 6.17 29.28
N GLU A 1728 34.94 6.25 30.61
CA GLU A 1728 33.63 6.05 31.23
C GLU A 1728 32.70 7.24 31.01
N ASN A 1729 33.23 8.38 30.61
CA ASN A 1729 32.46 9.57 30.28
C ASN A 1729 31.98 9.54 28.82
N ASP A 1730 32.38 8.49 28.08
CA ASP A 1730 32.07 8.22 26.67
C ASP A 1730 32.63 9.32 25.76
N GLU A 1731 33.85 9.76 26.04
CA GLU A 1731 34.57 10.67 25.16
C GLU A 1731 35.86 10.02 24.69
N PHE A 1732 36.24 10.30 23.44
CA PHE A 1732 37.51 9.83 22.90
C PHE A 1732 38.68 10.49 23.63
N GLU A 1733 39.77 9.75 23.76
CA GLU A 1733 41.00 10.28 24.34
C GLU A 1733 42.19 9.52 23.78
N LEU A 1734 43.37 10.09 23.97
CA LEU A 1734 44.60 9.47 23.52
C LEU A 1734 44.97 8.29 24.41
N THR A 1735 45.27 7.15 23.78
CA THR A 1735 45.83 6.00 24.48
C THR A 1735 47.07 5.45 23.79
N GLY A 1736 47.60 6.13 22.79
CA GLY A 1736 48.84 5.71 22.17
C GLY A 1736 49.00 6.34 20.80
N LYS A 1737 50.23 6.30 20.31
CA LYS A 1737 50.56 6.77 18.97
C LYS A 1737 51.46 5.75 18.29
N VAL A 1738 51.34 5.63 16.97
CA VAL A 1738 52.14 4.70 16.19
C VAL A 1738 52.74 5.43 15.01
N GLU A 1739 53.84 4.89 14.49
CA GLU A 1739 54.50 5.36 13.28
C GLU A 1739 54.40 4.26 12.24
N ALA A 1740 54.06 4.64 11.00
CA ALA A 1740 53.75 3.62 10.01
C ALA A 1740 54.10 4.10 8.61
N GLU A 1741 54.24 3.14 7.72
CA GLU A 1741 54.50 3.34 6.31
C GLU A 1741 53.54 2.48 5.50
N LEU A 1742 52.56 3.12 4.87
CA LEU A 1742 51.61 2.43 4.02
C LEU A 1742 52.02 2.59 2.56
N HIS A 1743 52.26 1.47 1.89
CA HIS A 1743 52.63 1.48 0.49
C HIS A 1743 51.73 0.49 -0.25
N LEU A 1744 51.06 0.97 -1.30
CA LEU A 1744 50.12 0.16 -2.06
C LEU A 1744 50.68 -0.07 -3.46
N LEU A 1745 50.61 -1.31 -3.93
CA LEU A 1745 51.11 -1.68 -5.24
C LEU A 1745 50.08 -2.56 -5.95
N THR A 1746 50.21 -2.62 -7.28
CA THR A 1746 49.41 -3.56 -8.04
C THR A 1746 50.00 -4.96 -7.94
N ALA A 1747 49.30 -5.93 -8.51
CA ALA A 1747 49.76 -7.32 -8.44
C ALA A 1747 51.00 -7.55 -9.29
N GLU A 1748 51.07 -6.91 -10.46
CA GLU A 1748 52.25 -7.07 -11.32
C GLU A 1748 53.46 -6.34 -10.74
N GLU A 1749 53.23 -5.21 -10.08
CA GLU A 1749 54.32 -4.49 -9.43
C GLU A 1749 54.85 -5.27 -8.22
N ALA A 1750 53.95 -5.96 -7.51
CA ALA A 1750 54.38 -6.80 -6.40
C ALA A 1750 55.07 -8.07 -6.88
N GLU A 1751 54.65 -8.60 -8.03
CA GLU A 1751 55.30 -9.78 -8.58
C GLU A 1751 56.67 -9.46 -9.15
N LYS A 1752 56.82 -8.30 -9.78
CA LYS A 1752 58.13 -7.90 -10.31
C LYS A 1752 59.06 -7.37 -9.22
N ASN A 1753 58.52 -6.99 -8.06
CA ASN A 1753 59.31 -6.55 -6.92
C ASN A 1753 58.90 -7.35 -5.68
N PRO A 1754 59.32 -8.60 -5.57
CA PRO A 1754 58.91 -9.40 -4.40
C PRO A 1754 59.70 -9.04 -3.16
N VAL A 1755 59.02 -9.08 -2.01
CA VAL A 1755 59.64 -8.84 -0.71
C VAL A 1755 59.28 -9.99 0.22
N GLY A 1756 60.06 -10.13 1.28
CA GLY A 1756 59.83 -11.18 2.24
C GLY A 1756 58.91 -10.76 3.38
N LEU A 1757 58.53 -11.74 4.18
CA LEU A 1757 57.70 -11.46 5.35
C LEU A 1757 58.52 -10.78 6.43
N ALA A 1758 57.88 -9.84 7.13
CA ALA A 1758 58.41 -9.11 8.29
C ALA A 1758 59.71 -8.38 8.00
N ARG A 1759 60.84 -8.97 8.41
CA ARG A 1759 62.14 -8.35 8.28
C ARG A 1759 63.10 -9.18 7.42
N ASN A 1760 62.59 -10.12 6.64
CA ASN A 1760 63.43 -11.07 5.92
C ASN A 1760 63.61 -10.66 4.46
N GLU A 1761 64.53 -11.35 3.79
CA GLU A 1761 64.80 -11.12 2.39
C GLU A 1761 63.66 -11.65 1.52
N PRO A 1762 63.40 -11.03 0.35
CA PRO A 1762 64.05 -9.85 -0.27
C PRO A 1762 63.63 -8.52 0.37
N ASP A 1763 64.46 -7.50 0.16
CA ASP A 1763 64.33 -6.20 0.81
C ASP A 1763 64.21 -6.31 2.34
N PRO A 1764 65.29 -6.65 3.03
CA PRO A 1764 65.20 -6.86 4.48
C PRO A 1764 65.11 -5.54 5.23
N LEU A 1765 64.73 -5.65 6.50
CA LEU A 1765 64.54 -4.50 7.36
C LEU A 1765 65.27 -4.71 8.68
N GLU A 1766 65.64 -3.61 9.32
CA GLU A 1766 66.38 -3.67 10.58
C GLU A 1766 65.48 -3.25 11.75
CA CA B . 18.15 -22.09 -1.40
CA CA C . -26.11 -19.98 -14.80
CA CA D . 14.62 -22.48 -0.97
CA CA E . -11.94 -13.35 37.11
CA CA F . 47.79 -6.60 30.28
CA CA G . -24.14 -20.65 -11.54
CA CA H . 12.21 -25.81 -2.32
CA CA I . 45.51 -10.08 29.69
CA CA J . 51.03 -7.56 28.61
#